data_4DA4
#
_entry.id   4DA4
#
_cell.length_a   89.680
_cell.length_b   152.042
_cell.length_c   96.053
_cell.angle_alpha   90.00
_cell.angle_beta   94.54
_cell.angle_gamma   90.00
#
_symmetry.space_group_name_H-M   'P 1 21 1'
#
loop_
_entity.id
_entity.type
_entity.pdbx_description
1 polymer 'DNA (cytosine-5)-methyltransferase 1'
2 polymer DNA_UPPER_STRAND
3 polymer DNA_LOWER_STRAND
4 non-polymer S-ADENOSYL-L-HOMOCYSTEINE
5 non-polymer 'ZINC ION'
6 non-polymer 'CITRIC ACID'
7 water water
#
loop_
_entity_poly.entity_id
_entity_poly.type
_entity_poly.pdbx_seq_one_letter_code
_entity_poly.pdbx_strand_id
1 'polypeptide(L)'
;SKDRISWLGQPMKIEENRTYYQKVSIDEEMLEVGDCVSVIPDDSSKPLYLARVTALWEDKNGQMMFHAHWFCAGTDTVLG
ATSDPLELFLVGECENMQLSYIHSKVKVIYKAPSENWAMEGGTDPETTLPGAEDGKTYFFQLWYNQEYARFESPPKTQPT
EDNKHKFCLSCIRLAELRQKEMPKVLEQIEEVDGRVYCSSITKNGVVYRLGDSVYLPPEAFTFNIKVASPVKRPKKDPVN
ETLYPEHYRKYSDYIKGSNLDAPEPYRIGRIKEIHCGKKKGKVNEADIKLRLYKFYRPENTHRSYNGSYHTDINMLYWSD
EEAVVNFSDVQGRCTVEYGEDLLESIQDYSQGGPDRFYFLEAYNSKTKNFEDPPNHARSPGNKGKGKGKGKGKGKHQVSE
PKEPEAAIKLPKLRTLDVFSGCGGLSEGFHQAGISETLWAIEMWDPAAQAFRLNNPGTTVFTEDCNVLLKLVMAGEVTNS
LGQRLPQKGDVEMLCGGPPCQGFSGMNRFNSRTYSKFKNSLVVSFLSYCDYYRPRFFLLENVRNFVSYRRSMVLKLTLRC
LVRMGYQCTFGVLQAGQYGVAQTRRRAIILAAAPGEKLPLFPEPLHVFAPRACQLSVVVDDKKFVSNITRLSSGPFRTIT
VRDTMSDLPEIQNGASNSEIPYNGEPLSWFQRQLRGSHYQPILRDHICKDMSPLVAARMRHIPLFPGSDWRDLPNIQVRL
GDGVIAHKLQYTFHDVKNGYSSTGALRGVCSCAEGKACDPESRQFSTLIPWCLPHTGNRHNHWAGLYGRLEWDGFFSTTV
TNPEPMGKQGRVLHPEQHRVVSVRECARSQGFPDSYRFFGNILDRHRQVGNAVPPPLAKAIGLEIKLCLLSSA
;
A,B
2 'polydeoxyribonucleotide' (DG)(DA)(DG)(DG)(DC)(5CM)(DG)(DC)(DC)(DT)(DG)(DC) C,E
3 'polydeoxyribonucleotide' (DG)(DC)(DA)(DG)(DG)(C49)(DG)(DG)(DC)(DC)(DT)(DC) D,F
#
# COMPACT_ATOMS: atom_id res chain seq x y z
N ASP A 3 -18.93 -39.57 2.28
CA ASP A 3 -18.34 -40.86 1.96
C ASP A 3 -19.10 -41.58 0.85
N ARG A 4 -20.29 -42.09 1.16
CA ARG A 4 -21.12 -42.76 0.17
C ARG A 4 -22.14 -41.81 -0.44
N ILE A 5 -22.25 -41.83 -1.76
CA ILE A 5 -23.21 -40.99 -2.48
C ILE A 5 -24.18 -41.86 -3.25
N SER A 6 -25.47 -41.61 -3.09
CA SER A 6 -26.47 -42.43 -3.80
C SER A 6 -27.68 -41.61 -4.25
N TRP A 7 -28.14 -41.85 -5.48
CA TRP A 7 -29.23 -41.07 -6.03
C TRP A 7 -30.56 -41.34 -5.32
N LEU A 8 -31.18 -40.28 -4.81
CA LEU A 8 -32.46 -40.39 -4.14
C LEU A 8 -33.60 -40.01 -5.08
N GLY A 9 -34.46 -40.97 -5.38
CA GLY A 9 -35.63 -40.71 -6.19
C GLY A 9 -35.47 -41.16 -7.64
N GLN A 10 -36.42 -40.79 -8.48
CA GLN A 10 -36.37 -41.10 -9.90
C GLN A 10 -35.69 -40.01 -10.69
N PRO A 11 -34.76 -40.39 -11.59
CA PRO A 11 -34.08 -39.44 -12.45
C PRO A 11 -35.06 -38.71 -13.38
N MET A 12 -34.88 -37.40 -13.50
CA MET A 12 -35.72 -36.57 -14.34
C MET A 12 -35.00 -36.23 -15.64
N LYS A 13 -35.75 -36.20 -16.74
CA LYS A 13 -35.19 -35.81 -18.02
C LYS A 13 -33.81 -36.43 -18.29
N ILE A 14 -33.77 -37.73 -18.54
CA ILE A 14 -32.50 -38.39 -18.87
C ILE A 14 -31.98 -37.98 -20.24
N GLU A 15 -30.77 -37.45 -20.27
CA GLU A 15 -30.14 -37.05 -21.52
C GLU A 15 -29.43 -38.25 -22.12
N GLU A 16 -28.65 -38.01 -23.17
CA GLU A 16 -27.90 -39.07 -23.81
C GLU A 16 -26.73 -39.53 -22.94
N ASN A 17 -25.88 -38.59 -22.54
CA ASN A 17 -24.74 -38.89 -21.68
C ASN A 17 -24.95 -38.60 -20.20
N ARG A 18 -26.16 -38.16 -19.85
CA ARG A 18 -26.46 -37.77 -18.48
C ARG A 18 -27.88 -38.14 -18.07
N THR A 19 -28.03 -38.61 -16.83
CA THR A 19 -29.34 -38.74 -16.22
C THR A 19 -29.42 -37.77 -15.06
N TYR A 20 -30.23 -36.72 -15.21
CA TYR A 20 -30.33 -35.69 -14.19
C TYR A 20 -31.22 -36.12 -13.02
N TYR A 21 -30.76 -35.87 -11.80
CA TYR A 21 -31.56 -36.12 -10.60
C TYR A 21 -31.83 -34.82 -9.86
N GLN A 22 -32.88 -34.81 -9.04
CA GLN A 22 -33.20 -33.68 -8.19
C GLN A 22 -32.74 -33.84 -6.74
N LYS A 23 -32.20 -35.01 -6.40
CA LYS A 23 -31.79 -35.31 -5.03
C LYS A 23 -30.70 -36.38 -4.95
N VAL A 24 -29.93 -36.35 -3.87
CA VAL A 24 -28.87 -37.34 -3.65
C VAL A 24 -28.57 -37.47 -2.16
N SER A 25 -27.93 -38.56 -1.76
CA SER A 25 -27.53 -38.73 -0.38
C SER A 25 -26.03 -38.80 -0.24
N ILE A 26 -25.50 -37.97 0.66
CA ILE A 26 -24.08 -37.97 0.99
C ILE A 26 -23.90 -38.05 2.51
N ASP A 27 -23.37 -39.16 2.99
CA ASP A 27 -23.14 -39.35 4.42
C ASP A 27 -24.41 -39.19 5.27
N GLU A 28 -25.49 -39.85 4.86
CA GLU A 28 -26.77 -39.79 5.57
C GLU A 28 -27.51 -38.48 5.35
N GLU A 29 -26.80 -37.46 4.88
CA GLU A 29 -27.37 -36.14 4.64
C GLU A 29 -28.05 -36.13 3.28
N MET A 30 -29.23 -35.51 3.23
CA MET A 30 -30.00 -35.43 1.99
C MET A 30 -29.76 -34.09 1.28
N LEU A 31 -29.58 -34.16 -0.04
CA LEU A 31 -29.23 -33.00 -0.86
C LEU A 31 -30.21 -32.86 -2.04
N GLU A 32 -30.44 -31.63 -2.47
CA GLU A 32 -31.49 -31.33 -3.44
C GLU A 32 -31.14 -30.08 -4.26
N VAL A 33 -31.66 -29.97 -5.48
CA VAL A 33 -31.39 -28.80 -6.31
C VAL A 33 -31.93 -27.52 -5.66
N GLY A 34 -31.08 -26.50 -5.57
CA GLY A 34 -31.47 -25.25 -4.93
C GLY A 34 -30.83 -25.15 -3.56
N ASP A 35 -30.41 -26.29 -3.02
CA ASP A 35 -29.69 -26.28 -1.76
C ASP A 35 -28.35 -25.64 -2.00
N CYS A 36 -27.75 -25.14 -0.92
CA CYS A 36 -26.46 -24.50 -1.03
C CYS A 36 -25.43 -25.30 -0.26
N VAL A 37 -24.17 -25.11 -0.64
CA VAL A 37 -23.13 -26.03 -0.26
C VAL A 37 -21.79 -25.31 -0.10
N SER A 38 -20.91 -25.91 0.70
CA SER A 38 -19.58 -25.40 0.95
C SER A 38 -18.58 -26.26 0.18
N VAL A 39 -17.48 -25.65 -0.24
CA VAL A 39 -16.39 -26.39 -0.89
C VAL A 39 -15.02 -25.85 -0.44
N ILE A 40 -14.01 -26.71 -0.44
CA ILE A 40 -12.65 -26.29 -0.10
C ILE A 40 -11.76 -26.16 -1.34
N PRO A 41 -11.23 -24.94 -1.58
CA PRO A 41 -10.44 -24.63 -2.78
C PRO A 41 -9.01 -25.14 -2.72
N ASP A 42 -8.50 -25.59 -3.87
CA ASP A 42 -7.11 -26.00 -3.97
C ASP A 42 -6.20 -24.79 -4.18
N ASP A 43 -6.65 -23.87 -5.01
CA ASP A 43 -5.89 -22.68 -5.40
C ASP A 43 -6.11 -21.50 -4.44
N SER A 44 -6.78 -21.78 -3.34
CA SER A 44 -7.24 -20.75 -2.41
C SER A 44 -6.16 -20.03 -1.61
N SER A 45 -6.17 -18.70 -1.68
CA SER A 45 -5.72 -17.90 -0.56
C SER A 45 -6.98 -17.64 0.26
N LYS A 46 -8.12 -17.94 -0.36
CA LYS A 46 -9.44 -17.77 0.26
C LYS A 46 -9.91 -19.08 0.88
N PRO A 47 -10.30 -19.04 2.16
CA PRO A 47 -10.56 -20.23 2.98
C PRO A 47 -11.70 -21.14 2.48
N LEU A 48 -12.77 -20.56 1.97
CA LEU A 48 -13.95 -21.35 1.65
C LEU A 48 -14.66 -20.90 0.38
N TYR A 49 -15.43 -21.82 -0.22
CA TYR A 49 -16.30 -21.51 -1.34
C TYR A 49 -17.73 -21.94 -1.03
N LEU A 50 -18.69 -21.13 -1.47
CA LEU A 50 -20.11 -21.43 -1.25
C LEU A 50 -20.85 -21.31 -2.58
N ALA A 51 -21.77 -22.23 -2.83
CA ALA A 51 -22.49 -22.22 -4.10
C ALA A 51 -23.86 -22.82 -3.97
N ARG A 52 -24.71 -22.55 -4.96
CA ARG A 52 -25.98 -23.23 -5.07
C ARG A 52 -25.81 -24.40 -6.00
N VAL A 53 -26.54 -25.48 -5.73
CA VAL A 53 -26.54 -26.64 -6.60
C VAL A 53 -27.65 -26.49 -7.62
N THR A 54 -27.25 -26.27 -8.87
CA THR A 54 -28.19 -26.15 -9.98
C THR A 54 -28.65 -27.46 -10.62
N ALA A 55 -27.72 -28.41 -10.76
CA ALA A 55 -28.01 -29.70 -11.42
C ALA A 55 -27.34 -30.89 -10.72
N LEU A 56 -28.08 -31.99 -10.61
CA LEU A 56 -27.59 -33.23 -9.99
C LEU A 56 -27.17 -34.47 -10.83
N TRP A 57 -27.10 -34.35 -12.14
CA TRP A 57 -26.96 -35.52 -13.05
C TRP A 57 -25.81 -36.50 -12.76
N GLU A 58 -26.03 -37.77 -13.14
CA GLU A 58 -24.95 -38.76 -13.18
C GLU A 58 -24.43 -39.00 -14.61
N ASP A 59 -23.11 -39.12 -14.72
CA ASP A 59 -22.41 -39.28 -15.99
C ASP A 59 -22.46 -40.71 -16.54
N LYS A 60 -22.32 -40.84 -17.85
CA LYS A 60 -22.14 -42.14 -18.47
C LYS A 60 -20.71 -42.63 -18.25
N ASN A 61 -19.88 -41.75 -17.70
CA ASN A 61 -18.54 -42.12 -17.29
C ASN A 61 -18.60 -42.71 -15.88
N GLY A 62 -19.82 -42.79 -15.34
CA GLY A 62 -20.06 -43.40 -14.05
C GLY A 62 -19.94 -42.43 -12.89
N GLN A 63 -19.30 -41.29 -13.14
CA GLN A 63 -19.06 -40.29 -12.11
C GLN A 63 -20.35 -39.58 -11.71
N MET A 64 -20.37 -39.00 -10.52
CA MET A 64 -21.56 -38.31 -10.04
C MET A 64 -21.33 -36.82 -9.80
N MET A 65 -22.11 -36.03 -10.53
CA MET A 65 -21.80 -34.63 -10.74
C MET A 65 -22.90 -33.68 -10.28
N PHE A 66 -22.51 -32.44 -10.04
CA PHE A 66 -23.48 -31.37 -9.81
C PHE A 66 -22.93 -30.09 -10.41
N HIS A 67 -23.83 -29.15 -10.72
CA HIS A 67 -23.40 -27.84 -11.20
C HIS A 67 -23.43 -26.84 -10.05
N ALA A 68 -22.33 -26.12 -9.87
CA ALA A 68 -22.21 -25.15 -8.79
C ALA A 68 -22.29 -23.72 -9.32
N HIS A 69 -23.25 -22.97 -8.79
CA HIS A 69 -23.31 -21.54 -9.08
C HIS A 69 -22.71 -20.82 -7.87
N TRP A 70 -21.51 -20.29 -8.05
CA TRP A 70 -20.75 -19.71 -6.96
C TRP A 70 -21.39 -18.44 -6.42
N PHE A 71 -21.33 -18.29 -5.10
CA PHE A 71 -21.63 -17.01 -4.49
C PHE A 71 -20.32 -16.24 -4.41
N CYS A 72 -20.39 -15.00 -3.94
CA CYS A 72 -19.20 -14.25 -3.64
C CYS A 72 -19.32 -13.74 -2.21
N ALA A 73 -18.25 -13.87 -1.44
CA ALA A 73 -18.25 -13.33 -0.10
C ALA A 73 -17.91 -11.83 -0.18
N GLY A 74 -18.59 -11.04 0.64
CA GLY A 74 -18.43 -9.60 0.58
C GLY A 74 -16.97 -9.20 0.71
N THR A 75 -16.15 -10.09 1.22
CA THR A 75 -14.73 -9.80 1.38
C THR A 75 -14.02 -9.86 0.05
N ASP A 76 -14.62 -10.59 -0.90
CA ASP A 76 -14.04 -10.74 -2.23
C ASP A 76 -14.53 -9.65 -3.18
N THR A 77 -15.42 -8.79 -2.70
CA THR A 77 -15.90 -7.68 -3.51
C THR A 77 -15.15 -6.41 -3.12
N VAL A 78 -15.42 -5.33 -3.83
CA VAL A 78 -14.77 -4.06 -3.54
C VAL A 78 -14.98 -3.72 -2.06
N LEU A 79 -16.12 -4.15 -1.51
CA LEU A 79 -16.44 -3.97 -0.10
C LEU A 79 -15.26 -4.34 0.82
N GLY A 80 -14.84 -5.59 0.82
CA GLY A 80 -13.70 -6.00 1.62
C GLY A 80 -14.06 -6.31 3.07
N ALA A 81 -13.16 -5.97 3.99
CA ALA A 81 -13.39 -6.26 5.40
C ALA A 81 -14.47 -5.39 6.02
N THR A 82 -14.90 -4.35 5.31
CA THR A 82 -15.99 -3.52 5.81
C THR A 82 -17.30 -4.28 5.68
N SER A 83 -17.27 -5.30 4.81
CA SER A 83 -18.46 -6.07 4.45
C SER A 83 -19.11 -6.78 5.63
N ASP A 84 -20.41 -7.00 5.53
CA ASP A 84 -21.14 -7.84 6.46
C ASP A 84 -20.72 -9.29 6.22
N PRO A 85 -20.18 -9.94 7.26
CA PRO A 85 -19.66 -11.31 7.17
C PRO A 85 -20.73 -12.36 6.83
N LEU A 86 -21.99 -12.09 7.13
CA LEU A 86 -23.05 -13.03 6.79
C LEU A 86 -23.56 -12.82 5.37
N GLU A 87 -23.09 -11.77 4.70
CA GLU A 87 -23.63 -11.41 3.40
C GLU A 87 -22.88 -11.97 2.20
N LEU A 88 -23.64 -12.53 1.26
CA LEU A 88 -23.09 -13.06 0.02
C LEU A 88 -23.75 -12.34 -1.15
N PHE A 89 -23.09 -12.36 -2.29
CA PHE A 89 -23.66 -11.79 -3.50
C PHE A 89 -23.69 -12.84 -4.61
N LEU A 90 -24.69 -12.77 -5.49
CA LEU A 90 -24.70 -13.61 -6.67
C LEU A 90 -23.62 -13.12 -7.65
N VAL A 91 -22.98 -14.06 -8.34
CA VAL A 91 -21.98 -13.72 -9.36
C VAL A 91 -22.13 -14.63 -10.58
N GLY A 92 -21.44 -14.28 -11.66
CA GLY A 92 -21.49 -15.03 -12.90
C GLY A 92 -20.45 -16.15 -13.00
N GLU A 93 -20.01 -16.64 -11.86
CA GLU A 93 -19.11 -17.79 -11.82
C GLU A 93 -19.93 -19.04 -11.57
N CYS A 94 -19.67 -20.08 -12.35
CA CYS A 94 -20.29 -21.39 -12.12
C CYS A 94 -19.45 -22.44 -12.79
N GLU A 95 -19.68 -23.70 -12.44
CA GLU A 95 -18.95 -24.80 -13.07
C GLU A 95 -19.41 -26.15 -12.58
N ASN A 96 -19.15 -27.18 -13.39
CA ASN A 96 -19.53 -28.54 -13.06
C ASN A 96 -18.50 -29.13 -12.10
N MET A 97 -18.94 -30.02 -11.23
CA MET A 97 -18.05 -30.53 -10.20
C MET A 97 -18.50 -31.87 -9.63
N GLN A 98 -17.56 -32.60 -9.04
CA GLN A 98 -17.84 -33.92 -8.45
C GLN A 98 -18.36 -33.80 -7.01
N LEU A 99 -19.48 -34.46 -6.73
CA LEU A 99 -20.12 -34.37 -5.42
C LEU A 99 -19.14 -34.61 -4.29
N SER A 100 -18.10 -35.39 -4.57
CA SER A 100 -17.15 -35.76 -3.55
C SER A 100 -16.54 -34.53 -2.88
N TYR A 101 -16.61 -33.39 -3.56
CA TYR A 101 -15.97 -32.15 -3.10
C TYR A 101 -16.79 -31.33 -2.10
N ILE A 102 -18.08 -31.62 -1.99
CA ILE A 102 -18.91 -30.89 -1.05
C ILE A 102 -18.45 -31.11 0.38
N HIS A 103 -18.10 -30.03 1.06
CA HIS A 103 -17.59 -30.07 2.43
C HIS A 103 -18.72 -30.13 3.45
N SER A 104 -19.86 -29.57 3.07
CA SER A 104 -20.98 -29.43 3.98
C SER A 104 -22.16 -28.76 3.27
N LYS A 105 -23.30 -28.74 3.95
CA LYS A 105 -24.48 -28.06 3.43
C LYS A 105 -24.72 -26.79 4.25
N VAL A 106 -24.83 -25.64 3.57
CA VAL A 106 -24.98 -24.37 4.28
C VAL A 106 -26.32 -23.69 4.03
N LYS A 107 -26.73 -22.87 5.00
CA LYS A 107 -27.99 -22.14 4.94
C LYS A 107 -27.78 -20.77 4.32
N VAL A 108 -28.43 -20.51 3.20
CA VAL A 108 -28.35 -19.21 2.54
C VAL A 108 -29.73 -18.68 2.18
N ILE A 109 -30.07 -17.54 2.77
CA ILE A 109 -31.39 -16.96 2.66
C ILE A 109 -31.37 -15.74 1.77
N TYR A 110 -32.39 -15.59 0.94
CA TYR A 110 -32.55 -14.40 0.11
C TYR A 110 -33.28 -13.27 0.85
N LYS A 111 -32.63 -12.12 0.97
CA LYS A 111 -33.24 -10.96 1.61
C LYS A 111 -33.74 -9.95 0.57
N ALA A 112 -35.06 -9.90 0.41
CA ALA A 112 -35.69 -9.02 -0.56
C ALA A 112 -35.92 -7.63 0.03
N PRO A 113 -35.92 -6.60 -0.83
CA PRO A 113 -36.33 -5.28 -0.35
C PRO A 113 -37.81 -5.35 0.04
N SER A 114 -38.14 -4.84 1.23
CA SER A 114 -39.50 -4.90 1.77
C SER A 114 -40.52 -4.20 0.87
N GLU A 115 -41.76 -4.68 0.87
CA GLU A 115 -42.83 -4.01 0.12
C GLU A 115 -43.03 -2.59 0.64
N ASN A 116 -42.63 -2.35 1.89
CA ASN A 116 -42.61 -1.02 2.49
C ASN A 116 -41.25 -0.31 2.41
N TRP A 117 -40.32 -0.87 1.65
CA TRP A 117 -38.94 -0.41 1.63
C TRP A 117 -38.81 1.11 1.59
N ALA A 118 -39.56 1.75 0.69
CA ALA A 118 -39.45 3.20 0.50
C ALA A 118 -39.65 4.01 1.80
N MET A 119 -40.44 3.48 2.71
CA MET A 119 -40.81 4.22 3.92
C MET A 119 -39.97 3.94 5.16
N GLU A 120 -38.93 3.12 5.02
CA GLU A 120 -38.08 2.74 6.14
C GLU A 120 -36.92 3.72 6.38
N GLY A 121 -35.92 3.28 7.14
CA GLY A 121 -34.72 4.07 7.35
C GLY A 121 -34.84 5.16 8.40
N GLY A 122 -35.41 4.81 9.55
CA GLY A 122 -35.49 5.71 10.68
C GLY A 122 -34.76 5.13 11.89
N GLU A 133 -29.02 -19.49 18.25
CA GLU A 133 -27.95 -20.39 17.87
C GLU A 133 -27.55 -20.18 16.41
N ASP A 134 -27.73 -21.21 15.58
CA ASP A 134 -27.44 -21.10 14.15
C ASP A 134 -25.98 -20.75 13.82
N GLY A 135 -25.10 -21.75 13.85
CA GLY A 135 -23.67 -21.54 13.72
C GLY A 135 -23.31 -20.47 12.71
N LYS A 136 -24.11 -20.37 11.65
CA LYS A 136 -24.33 -19.08 11.00
C LYS A 136 -25.30 -19.19 9.83
N THR A 137 -25.95 -18.06 9.54
CA THR A 137 -26.96 -18.01 8.50
C THR A 137 -26.58 -16.96 7.48
N TYR A 138 -26.24 -17.42 6.29
CA TYR A 138 -25.84 -16.54 5.21
C TYR A 138 -27.06 -15.91 4.55
N PHE A 139 -26.88 -14.73 3.97
CA PHE A 139 -27.93 -14.10 3.17
C PHE A 139 -27.38 -13.39 1.95
N PHE A 140 -28.22 -13.25 0.94
CA PHE A 140 -27.87 -12.47 -0.24
C PHE A 140 -29.03 -11.59 -0.67
N GLN A 141 -28.70 -10.39 -1.14
CA GLN A 141 -29.66 -9.43 -1.71
C GLN A 141 -29.37 -9.14 -3.18
N LEU A 142 -28.13 -8.75 -3.45
CA LEU A 142 -27.72 -8.29 -4.77
C LEU A 142 -26.75 -9.22 -5.52
N TRP A 143 -26.75 -9.09 -6.85
CA TRP A 143 -25.81 -9.75 -7.76
C TRP A 143 -24.61 -8.82 -8.03
N TYR A 144 -23.40 -9.36 -7.92
CA TYR A 144 -22.19 -8.55 -8.03
C TYR A 144 -21.42 -8.78 -9.33
N ASN A 145 -21.08 -7.69 -9.99
CA ASN A 145 -20.21 -7.78 -11.14
C ASN A 145 -18.79 -7.37 -10.76
N GLN A 146 -17.89 -8.34 -10.74
CA GLN A 146 -16.55 -8.13 -10.19
C GLN A 146 -15.73 -7.12 -10.98
N GLU A 147 -15.95 -7.08 -12.29
CA GLU A 147 -15.16 -6.25 -13.20
C GLU A 147 -15.48 -4.76 -13.06
N TYR A 148 -16.77 -4.41 -13.08
CA TYR A 148 -17.21 -3.02 -13.05
C TYR A 148 -17.57 -2.53 -11.66
N ALA A 149 -17.48 -3.40 -10.66
CA ALA A 149 -17.95 -3.11 -9.32
C ALA A 149 -19.39 -2.59 -9.32
N ARG A 150 -20.29 -3.35 -9.91
CA ARG A 150 -21.72 -3.02 -9.92
C ARG A 150 -22.54 -3.97 -9.05
N PHE A 151 -23.30 -3.41 -8.11
CA PHE A 151 -24.20 -4.19 -7.28
C PHE A 151 -25.61 -4.01 -7.79
N GLU A 152 -26.19 -5.06 -8.37
CA GLU A 152 -27.48 -4.91 -9.04
C GLU A 152 -28.51 -5.90 -8.54
N SER A 153 -29.78 -5.64 -8.82
CA SER A 153 -30.85 -6.54 -8.38
C SER A 153 -30.80 -7.87 -9.10
N PRO A 154 -31.09 -8.97 -8.38
CA PRO A 154 -31.10 -10.32 -8.96
C PRO A 154 -31.98 -10.40 -10.20
N PRO A 155 -31.57 -11.20 -11.19
CA PRO A 155 -32.38 -11.39 -12.39
C PRO A 155 -33.74 -11.95 -12.02
N LYS A 156 -34.77 -11.60 -12.78
CA LYS A 156 -36.12 -12.08 -12.49
C LYS A 156 -36.39 -13.40 -13.21
N THR A 157 -35.41 -13.85 -14.00
CA THR A 157 -35.58 -15.02 -14.85
C THR A 157 -36.10 -16.24 -14.09
N GLN A 158 -37.02 -16.95 -14.70
CA GLN A 158 -37.63 -18.12 -14.07
C GLN A 158 -37.44 -19.40 -14.88
N PRO A 159 -37.35 -20.54 -14.18
CA PRO A 159 -37.29 -21.86 -14.79
C PRO A 159 -38.66 -22.28 -15.31
N THR A 160 -38.68 -23.27 -16.20
CA THR A 160 -39.90 -23.76 -16.83
C THR A 160 -39.77 -25.25 -17.09
N GLU A 161 -40.65 -25.78 -17.93
CA GLU A 161 -40.66 -27.21 -18.22
C GLU A 161 -39.27 -27.78 -18.42
N ASP A 162 -38.59 -27.34 -19.48
CA ASP A 162 -37.30 -27.93 -19.85
C ASP A 162 -36.11 -27.44 -19.02
N ASN A 163 -36.26 -26.28 -18.39
CA ASN A 163 -35.17 -25.66 -17.65
C ASN A 163 -34.93 -26.24 -16.26
N LYS A 164 -36.01 -26.61 -15.58
CA LYS A 164 -35.97 -26.87 -14.14
C LYS A 164 -34.83 -27.79 -13.73
N HIS A 165 -34.39 -28.67 -14.63
CA HIS A 165 -33.33 -29.60 -14.28
C HIS A 165 -31.93 -28.97 -14.15
N LYS A 166 -31.48 -28.28 -15.19
CA LYS A 166 -30.15 -27.65 -15.21
C LYS A 166 -30.08 -26.13 -14.94
N PHE A 167 -31.21 -25.51 -14.61
CA PHE A 167 -31.33 -24.05 -14.63
C PHE A 167 -30.25 -23.34 -13.81
N CYS A 168 -29.47 -22.50 -14.49
CA CYS A 168 -28.37 -21.77 -13.87
C CYS A 168 -28.30 -20.35 -14.40
N LEU A 169 -28.49 -19.38 -13.52
CA LEU A 169 -28.47 -17.97 -13.90
C LEU A 169 -27.14 -17.55 -14.51
N SER A 170 -26.05 -18.06 -13.96
CA SER A 170 -24.72 -17.72 -14.44
C SER A 170 -24.58 -18.15 -15.90
N CYS A 171 -24.92 -19.41 -16.15
CA CYS A 171 -24.84 -20.00 -17.49
C CYS A 171 -25.66 -19.23 -18.51
N ILE A 172 -26.92 -18.98 -18.16
CA ILE A 172 -27.81 -18.21 -19.00
C ILE A 172 -27.24 -16.84 -19.34
N ARG A 173 -26.86 -16.08 -18.30
CA ARG A 173 -26.29 -14.75 -18.47
C ARG A 173 -25.09 -14.77 -19.43
N LEU A 174 -24.25 -15.79 -19.28
CA LEU A 174 -23.07 -15.94 -20.15
C LEU A 174 -23.47 -16.25 -21.60
N ALA A 175 -24.44 -17.14 -21.75
CA ALA A 175 -24.90 -17.54 -23.08
C ALA A 175 -25.50 -16.35 -23.82
N GLU A 176 -26.31 -15.57 -23.11
CA GLU A 176 -26.91 -14.37 -23.67
C GLU A 176 -25.87 -13.34 -24.04
N LEU A 177 -24.89 -13.16 -23.16
CA LEU A 177 -23.83 -12.17 -23.38
C LEU A 177 -22.97 -12.48 -24.61
N ARG A 178 -22.49 -13.70 -24.70
CA ARG A 178 -21.65 -14.06 -25.85
C ARG A 178 -22.48 -14.26 -27.11
N GLN A 179 -23.77 -14.52 -26.95
CA GLN A 179 -24.67 -14.60 -28.08
C GLN A 179 -24.85 -13.20 -28.67
N LYS A 180 -25.02 -12.23 -27.78
CA LYS A 180 -25.25 -10.84 -28.19
C LYS A 180 -24.00 -10.20 -28.77
N GLU A 181 -22.83 -10.58 -28.28
CA GLU A 181 -21.63 -9.92 -28.78
C GLU A 181 -21.02 -10.55 -30.05
N MET A 182 -21.40 -11.78 -30.35
CA MET A 182 -20.84 -12.44 -31.53
C MET A 182 -21.41 -11.88 -32.81
N PRO A 183 -20.56 -11.72 -33.83
CA PRO A 183 -20.98 -11.25 -35.14
C PRO A 183 -21.81 -12.30 -35.84
N LYS A 184 -22.91 -11.87 -36.44
CA LYS A 184 -23.79 -12.76 -37.18
C LYS A 184 -24.22 -12.08 -38.46
N VAL A 185 -24.28 -12.85 -39.55
CA VAL A 185 -24.89 -12.37 -40.77
C VAL A 185 -26.39 -12.54 -40.66
N LEU A 186 -27.14 -11.48 -40.90
CA LEU A 186 -28.60 -11.54 -40.90
C LEU A 186 -29.16 -11.90 -42.28
N GLU A 187 -28.90 -11.05 -43.27
CA GLU A 187 -29.46 -11.28 -44.61
C GLU A 187 -28.40 -11.52 -45.69
N GLN A 188 -28.60 -12.59 -46.46
CA GLN A 188 -27.70 -12.91 -47.58
C GLN A 188 -28.35 -12.54 -48.90
N ILE A 189 -27.52 -12.15 -49.87
CA ILE A 189 -27.98 -11.73 -51.18
C ILE A 189 -27.67 -12.80 -52.23
N GLU A 190 -26.39 -13.03 -52.46
CA GLU A 190 -25.96 -13.96 -53.49
C GLU A 190 -24.60 -14.57 -53.13
N GLU A 191 -24.35 -15.80 -53.58
CA GLU A 191 -23.04 -16.41 -53.43
C GLU A 191 -22.36 -16.40 -54.80
N VAL A 192 -21.10 -16.00 -54.84
CA VAL A 192 -20.35 -16.10 -56.08
C VAL A 192 -18.95 -16.64 -55.85
N ASP A 193 -18.69 -17.82 -56.39
CA ASP A 193 -17.37 -18.44 -56.29
C ASP A 193 -16.83 -18.43 -54.87
N GLY A 194 -17.70 -18.60 -53.88
CA GLY A 194 -17.28 -18.71 -52.51
C GLY A 194 -17.40 -17.45 -51.67
N ARG A 195 -17.62 -16.31 -52.31
CA ARG A 195 -17.81 -15.04 -51.61
C ARG A 195 -19.31 -14.79 -51.45
N VAL A 196 -19.75 -14.49 -50.23
CA VAL A 196 -21.16 -14.18 -50.02
C VAL A 196 -21.37 -12.69 -49.80
N TYR A 197 -22.26 -12.11 -50.58
CA TYR A 197 -22.65 -10.72 -50.38
C TYR A 197 -23.85 -10.65 -49.45
N CYS A 198 -23.81 -9.74 -48.48
CA CYS A 198 -24.85 -9.67 -47.45
C CYS A 198 -25.48 -8.30 -47.45
N SER A 199 -26.79 -8.23 -47.20
CA SER A 199 -27.44 -6.93 -47.02
C SER A 199 -27.53 -6.48 -45.57
N SER A 200 -27.39 -7.42 -44.64
CA SER A 200 -27.63 -7.12 -43.23
C SER A 200 -26.76 -7.97 -42.29
N ILE A 201 -26.12 -7.32 -41.31
CA ILE A 201 -25.37 -8.03 -40.27
C ILE A 201 -25.62 -7.44 -38.88
N THR A 202 -25.05 -8.06 -37.85
CA THR A 202 -25.23 -7.58 -36.49
C THR A 202 -24.10 -7.98 -35.57
N LYS A 203 -23.79 -7.09 -34.61
CA LYS A 203 -22.98 -7.51 -33.48
C LYS A 203 -23.25 -6.61 -32.29
N ASN A 204 -23.07 -7.17 -31.10
CA ASN A 204 -23.19 -6.40 -29.87
C ASN A 204 -24.52 -5.65 -29.76
N GLY A 205 -25.59 -6.28 -30.22
CA GLY A 205 -26.92 -5.69 -30.10
C GLY A 205 -27.26 -4.69 -31.20
N VAL A 206 -26.27 -4.31 -31.99
CA VAL A 206 -26.50 -3.37 -33.08
C VAL A 206 -26.66 -4.06 -34.44
N VAL A 207 -27.62 -3.56 -35.22
CA VAL A 207 -27.88 -4.04 -36.57
C VAL A 207 -27.35 -3.08 -37.64
N TYR A 208 -26.46 -3.58 -38.49
CA TYR A 208 -25.90 -2.82 -39.59
C TYR A 208 -26.48 -3.25 -40.94
N ARG A 209 -26.84 -2.28 -41.78
CA ARG A 209 -27.39 -2.58 -43.10
C ARG A 209 -26.67 -1.79 -44.18
N LEU A 210 -26.75 -2.27 -45.43
CA LEU A 210 -26.18 -1.52 -46.55
C LEU A 210 -26.74 -0.11 -46.52
N GLY A 211 -25.86 0.89 -46.59
CA GLY A 211 -26.30 2.28 -46.57
C GLY A 211 -26.22 2.92 -45.21
N ASP A 212 -26.03 2.10 -44.17
CA ASP A 212 -25.71 2.60 -42.83
C ASP A 212 -24.27 3.12 -42.77
N SER A 213 -23.98 3.89 -41.74
CA SER A 213 -22.62 4.37 -41.51
C SER A 213 -22.06 3.79 -40.23
N VAL A 214 -20.75 3.86 -40.11
CA VAL A 214 -20.04 3.03 -39.18
C VAL A 214 -18.81 3.76 -38.63
N TYR A 215 -18.54 3.54 -37.34
CA TYR A 215 -17.35 4.08 -36.68
C TYR A 215 -16.21 3.08 -36.79
N LEU A 216 -15.06 3.55 -37.29
CA LEU A 216 -13.84 2.76 -37.30
C LEU A 216 -12.77 3.49 -36.52
N PRO A 217 -11.79 2.73 -35.99
CA PRO A 217 -10.61 3.35 -35.37
C PRO A 217 -9.85 4.18 -36.39
N PRO A 218 -9.14 5.22 -35.94
CA PRO A 218 -8.40 6.07 -36.88
C PRO A 218 -7.47 5.28 -37.80
N GLU A 219 -6.97 4.14 -37.33
CA GLU A 219 -5.98 3.38 -38.09
C GLU A 219 -6.60 2.49 -39.16
N ALA A 220 -7.93 2.39 -39.19
CA ALA A 220 -8.61 1.49 -40.12
C ALA A 220 -8.28 1.78 -41.58
N PHE A 221 -8.21 3.07 -41.93
CA PHE A 221 -7.85 3.47 -43.29
C PHE A 221 -7.28 4.88 -43.38
N THR A 222 -6.68 5.19 -44.52
CA THR A 222 -6.06 6.49 -44.74
C THR A 222 -6.85 7.27 -45.78
N PHE A 223 -6.42 8.49 -46.08
CA PHE A 223 -7.08 9.32 -47.08
C PHE A 223 -6.14 9.58 -48.26
N ASN A 224 -6.71 9.82 -49.44
CA ASN A 224 -5.89 10.23 -50.57
C ASN A 224 -5.03 11.43 -50.23
N ILE A 225 -5.62 12.41 -49.55
CA ILE A 225 -4.85 13.50 -48.99
C ILE A 225 -3.87 12.93 -47.99
N LYS A 226 -2.58 13.22 -48.17
CA LYS A 226 -1.56 12.72 -47.25
C LYS A 226 -1.05 13.83 -46.33
N VAL A 227 -0.78 13.48 -45.08
CA VAL A 227 -0.23 14.42 -44.10
C VAL A 227 1.29 14.55 -44.23
N ALA A 228 1.81 15.74 -43.95
CA ALA A 228 3.23 16.01 -44.13
C ALA A 228 4.05 15.78 -42.84
N SER A 229 5.07 14.94 -42.99
CA SER A 229 6.06 14.61 -41.95
C SER A 229 7.02 15.70 -41.41
N PRO A 230 7.33 16.74 -42.21
CA PRO A 230 8.64 17.40 -42.29
C PRO A 230 9.29 17.90 -40.99
N VAL A 231 10.40 18.62 -41.16
CA VAL A 231 11.45 18.75 -40.15
C VAL A 231 10.98 19.06 -38.73
N LYS A 232 11.52 18.30 -37.78
CA LYS A 232 11.29 18.53 -36.37
C LYS A 232 12.05 19.77 -35.92
N ARG A 233 11.62 20.38 -34.82
CA ARG A 233 12.27 21.58 -34.33
C ARG A 233 13.67 21.29 -33.79
N PRO A 234 14.70 21.84 -34.45
CA PRO A 234 16.08 21.75 -33.96
C PRO A 234 16.28 22.76 -32.83
N LYS A 235 17.23 22.52 -31.93
CA LYS A 235 17.45 23.46 -30.84
C LYS A 235 17.71 24.85 -31.38
N LYS A 236 16.90 25.82 -30.94
CA LYS A 236 16.96 27.18 -31.46
C LYS A 236 18.27 27.85 -31.07
N ASP A 237 18.79 27.45 -29.92
CA ASP A 237 20.05 27.98 -29.40
C ASP A 237 20.25 27.44 -28.00
N PRO A 238 21.47 27.61 -27.47
CA PRO A 238 21.69 27.37 -26.04
C PRO A 238 21.14 28.53 -25.23
N VAL A 239 20.53 28.25 -24.08
CA VAL A 239 19.96 29.30 -23.25
C VAL A 239 21.05 30.05 -22.48
N ASN A 240 20.77 31.29 -22.11
CA ASN A 240 21.68 32.08 -21.29
C ASN A 240 21.30 31.95 -19.81
N GLU A 241 22.14 31.26 -19.06
CA GLU A 241 21.80 30.88 -17.70
C GLU A 241 21.91 32.03 -16.74
N THR A 242 22.67 33.06 -17.10
CA THR A 242 22.72 34.25 -16.26
C THR A 242 21.39 34.97 -16.31
N LEU A 243 20.87 35.12 -17.53
CA LEU A 243 19.61 35.83 -17.75
C LEU A 243 18.45 34.94 -17.32
N TYR A 244 18.52 33.68 -17.70
CA TYR A 244 17.48 32.72 -17.40
C TYR A 244 18.03 31.59 -16.53
N PRO A 245 18.28 31.89 -15.25
CA PRO A 245 18.91 30.98 -14.28
C PRO A 245 18.09 29.74 -13.91
N GLU A 246 16.77 29.80 -14.04
CA GLU A 246 15.94 28.66 -13.67
C GLU A 246 15.50 27.79 -14.84
N HIS A 247 15.89 28.17 -16.04
CA HIS A 247 15.46 27.43 -17.23
C HIS A 247 15.90 25.96 -17.21
N TYR A 248 17.02 25.68 -16.54
CA TYR A 248 17.56 24.32 -16.51
C TYR A 248 16.59 23.34 -15.87
N ARG A 249 15.58 23.85 -15.18
CA ARG A 249 14.62 22.99 -14.48
C ARG A 249 13.58 22.45 -15.44
N LYS A 250 13.70 22.83 -16.73
CA LYS A 250 12.73 22.41 -17.73
C LYS A 250 13.09 21.12 -18.49
N TYR A 251 14.15 20.43 -18.08
CA TYR A 251 14.64 19.25 -18.81
C TYR A 251 13.56 18.19 -19.14
N SER A 252 12.51 18.12 -18.33
CA SER A 252 11.47 17.11 -18.50
C SER A 252 10.86 16.99 -19.89
N ASP A 253 10.66 18.12 -20.58
CA ASP A 253 10.02 18.09 -21.90
C ASP A 253 8.49 17.85 -21.88
N TYR A 254 7.93 17.67 -20.68
CA TYR A 254 6.48 17.50 -20.58
C TYR A 254 5.80 18.86 -20.56
N ILE A 255 4.82 19.04 -21.44
CA ILE A 255 4.01 20.24 -21.47
C ILE A 255 2.61 19.95 -20.94
N LYS A 256 2.30 20.49 -19.77
CA LYS A 256 0.97 20.35 -19.19
C LYS A 256 -0.07 20.90 -20.15
N GLY A 257 -1.14 20.14 -20.33
CA GLY A 257 -2.23 20.49 -21.23
C GLY A 257 -1.86 20.52 -22.71
N SER A 258 -0.82 19.79 -23.09
CA SER A 258 -0.51 19.62 -24.52
C SER A 258 -1.51 18.66 -25.15
N ASN A 259 -1.91 18.96 -26.38
CA ASN A 259 -2.75 18.04 -27.16
C ASN A 259 -2.00 17.20 -28.19
N LEU A 260 -0.68 17.37 -28.22
CA LEU A 260 0.16 16.65 -29.18
C LEU A 260 -0.09 15.13 -29.22
N ASP A 261 -0.27 14.50 -28.06
CA ASP A 261 -0.46 13.05 -28.00
C ASP A 261 -1.91 12.58 -28.08
N ALA A 262 -2.82 13.52 -28.27
CA ALA A 262 -4.23 13.18 -28.40
C ALA A 262 -4.50 12.36 -29.65
N PRO A 263 -5.28 11.29 -29.50
CA PRO A 263 -5.66 10.40 -30.61
C PRO A 263 -6.61 11.12 -31.55
N GLU A 264 -6.80 10.57 -32.74
CA GLU A 264 -7.80 11.10 -33.65
C GLU A 264 -9.14 10.49 -33.26
N PRO A 265 -10.23 11.21 -33.56
CA PRO A 265 -11.59 10.68 -33.46
C PRO A 265 -11.79 9.56 -34.48
N TYR A 266 -12.88 8.81 -34.34
CA TYR A 266 -13.20 7.70 -35.24
C TYR A 266 -13.17 8.07 -36.73
N ARG A 267 -12.70 7.13 -37.55
CA ARG A 267 -12.97 7.21 -38.99
C ARG A 267 -14.44 6.87 -39.16
N ILE A 268 -15.08 7.44 -40.16
CA ILE A 268 -16.49 7.17 -40.40
C ILE A 268 -16.69 6.73 -41.84
N GLY A 269 -17.07 5.46 -42.02
CA GLY A 269 -17.42 4.99 -43.35
C GLY A 269 -18.90 4.83 -43.61
N ARG A 270 -19.30 4.90 -44.89
CA ARG A 270 -20.66 4.57 -45.32
C ARG A 270 -20.60 3.19 -45.97
N ILE A 271 -21.52 2.32 -45.60
CA ILE A 271 -21.45 0.94 -46.08
C ILE A 271 -22.06 0.78 -47.47
N LYS A 272 -21.23 0.35 -48.42
CA LYS A 272 -21.70 0.03 -49.76
C LYS A 272 -21.81 -1.49 -49.94
N GLU A 273 -20.70 -2.19 -49.73
CA GLU A 273 -20.72 -3.64 -49.84
C GLU A 273 -20.51 -4.31 -48.50
N ILE A 274 -21.09 -5.50 -48.37
CA ILE A 274 -20.74 -6.41 -47.27
C ILE A 274 -20.53 -7.83 -47.78
N HIS A 275 -19.36 -8.39 -47.51
CA HIS A 275 -19.10 -9.77 -47.90
C HIS A 275 -18.29 -10.56 -46.86
N CYS A 276 -18.37 -11.89 -46.98
CA CYS A 276 -17.51 -12.80 -46.22
C CYS A 276 -17.34 -14.07 -47.02
N GLY A 277 -16.53 -14.98 -46.50
CA GLY A 277 -16.31 -16.26 -47.16
C GLY A 277 -17.11 -17.36 -46.49
N LYS A 278 -16.76 -18.60 -46.83
CA LYS A 278 -17.41 -19.75 -46.22
C LYS A 278 -16.41 -20.58 -45.44
N LYS A 279 -16.89 -21.27 -44.40
CA LYS A 279 -16.11 -22.29 -43.72
C LYS A 279 -17.03 -23.47 -43.44
N LYS A 280 -16.65 -24.65 -43.95
CA LYS A 280 -17.45 -25.86 -43.76
C LYS A 280 -18.90 -25.69 -44.23
N GLY A 281 -19.07 -25.20 -45.45
CA GLY A 281 -20.37 -25.12 -46.09
C GLY A 281 -21.26 -23.99 -45.58
N LYS A 282 -20.83 -23.38 -44.48
CA LYS A 282 -21.59 -22.31 -43.87
C LYS A 282 -20.82 -21.00 -43.96
N VAL A 283 -21.54 -19.89 -43.97
CA VAL A 283 -20.91 -18.58 -44.06
C VAL A 283 -20.03 -18.34 -42.85
N ASN A 284 -18.84 -17.79 -43.07
CA ASN A 284 -17.92 -17.60 -41.97
C ASN A 284 -18.22 -16.23 -41.39
N GLU A 285 -18.88 -16.23 -40.24
CA GLU A 285 -19.34 -14.99 -39.63
C GLU A 285 -18.21 -14.36 -38.84
N ALA A 286 -17.33 -15.21 -38.33
CA ALA A 286 -16.18 -14.76 -37.55
C ALA A 286 -15.32 -13.81 -38.35
N ASP A 287 -15.43 -13.90 -39.67
CA ASP A 287 -14.72 -12.97 -40.54
C ASP A 287 -15.71 -12.36 -41.53
N ILE A 288 -15.98 -11.07 -41.37
CA ILE A 288 -16.91 -10.38 -42.24
C ILE A 288 -16.27 -9.09 -42.72
N LYS A 289 -16.38 -8.81 -44.01
CA LYS A 289 -15.76 -7.64 -44.58
C LYS A 289 -16.81 -6.58 -44.91
N LEU A 290 -16.43 -5.33 -44.77
CA LEU A 290 -17.27 -4.21 -45.16
C LEU A 290 -16.49 -3.34 -46.13
N ARG A 291 -17.15 -2.95 -47.22
CA ARG A 291 -16.58 -2.01 -48.17
C ARG A 291 -17.28 -0.67 -47.97
N LEU A 292 -16.49 0.36 -47.72
CA LEU A 292 -17.03 1.66 -47.33
C LEU A 292 -16.61 2.78 -48.25
N TYR A 293 -17.51 3.75 -48.39
CA TYR A 293 -17.14 5.08 -48.86
C TYR A 293 -16.56 5.80 -47.64
N LYS A 294 -15.41 6.44 -47.79
CA LYS A 294 -14.80 7.15 -46.67
C LYS A 294 -15.40 8.54 -46.53
N PHE A 295 -15.68 8.96 -45.30
CA PHE A 295 -16.02 10.36 -45.09
C PHE A 295 -14.76 11.10 -44.66
N TYR A 296 -14.65 12.34 -45.09
CA TYR A 296 -13.59 13.22 -44.62
C TYR A 296 -14.12 14.05 -43.45
N ARG A 297 -13.37 14.14 -42.36
CA ARG A 297 -13.62 15.22 -41.41
C ARG A 297 -12.92 16.44 -41.99
N PRO A 298 -13.40 17.65 -41.67
CA PRO A 298 -12.79 18.86 -42.23
C PRO A 298 -11.27 18.88 -42.08
N GLU A 299 -10.75 18.44 -40.93
CA GLU A 299 -9.31 18.49 -40.71
C GLU A 299 -8.54 17.43 -41.53
N ASN A 300 -9.27 16.50 -42.13
CA ASN A 300 -8.65 15.48 -42.98
C ASN A 300 -8.41 15.97 -44.40
N THR A 301 -9.13 17.01 -44.80
CA THR A 301 -8.92 17.64 -46.10
C THR A 301 -7.61 18.40 -46.07
N HIS A 302 -7.33 19.12 -47.17
CA HIS A 302 -6.13 19.93 -47.26
C HIS A 302 -6.19 21.09 -46.28
N ARG A 303 -7.41 21.48 -45.90
CA ARG A 303 -7.59 22.55 -44.92
C ARG A 303 -6.93 22.22 -43.58
N SER A 304 -6.78 20.92 -43.32
CA SER A 304 -6.20 20.42 -42.07
C SER A 304 -6.94 20.95 -40.85
N TYR A 305 -6.21 21.22 -39.78
CA TYR A 305 -6.86 21.73 -38.57
C TYR A 305 -7.15 23.23 -38.66
N ASN A 306 -6.13 23.99 -39.07
CA ASN A 306 -6.26 25.44 -39.08
C ASN A 306 -7.28 25.97 -40.08
N GLY A 307 -7.86 25.07 -40.88
CA GLY A 307 -8.93 25.46 -41.79
C GLY A 307 -10.31 25.06 -41.29
N SER A 308 -10.33 24.20 -40.26
CA SER A 308 -11.58 23.67 -39.71
C SER A 308 -12.09 24.30 -38.40
N TYR A 309 -11.36 25.30 -37.89
CA TYR A 309 -11.63 25.85 -36.56
C TYR A 309 -13.08 26.24 -36.34
N HIS A 310 -13.78 26.62 -37.41
CA HIS A 310 -15.14 27.16 -37.27
C HIS A 310 -16.27 26.18 -37.56
N THR A 311 -15.94 24.95 -37.94
CA THR A 311 -16.98 24.02 -38.38
C THR A 311 -17.70 23.29 -37.25
N ASP A 312 -18.91 22.83 -37.54
CA ASP A 312 -19.65 21.98 -36.61
C ASP A 312 -18.85 20.71 -36.37
N ILE A 313 -18.78 20.27 -35.12
CA ILE A 313 -18.01 19.08 -34.80
C ILE A 313 -18.60 17.84 -35.46
N ASN A 314 -19.87 17.91 -35.83
CA ASN A 314 -20.55 16.80 -36.51
C ASN A 314 -20.68 16.90 -38.04
N MET A 315 -20.01 17.87 -38.65
CA MET A 315 -20.04 18.01 -40.10
C MET A 315 -18.98 17.18 -40.83
N LEU A 316 -19.40 16.49 -41.88
CA LEU A 316 -18.50 15.66 -42.67
C LEU A 316 -18.52 16.08 -44.14
N TYR A 317 -17.53 15.60 -44.88
CA TYR A 317 -17.54 15.73 -46.33
C TYR A 317 -17.65 14.35 -46.95
N TRP A 318 -18.55 14.21 -47.93
CA TRP A 318 -18.66 12.98 -48.68
C TRP A 318 -17.47 12.79 -49.60
N SER A 319 -17.04 11.54 -49.77
CA SER A 319 -16.05 11.22 -50.79
C SER A 319 -16.37 9.88 -51.43
N ASP A 320 -15.81 9.65 -52.61
CA ASP A 320 -16.02 8.40 -53.30
C ASP A 320 -14.88 7.44 -53.03
N GLU A 321 -13.90 7.90 -52.27
CA GLU A 321 -12.80 7.04 -51.88
C GLU A 321 -13.32 5.85 -51.09
N GLU A 322 -12.82 4.67 -51.40
CA GLU A 322 -13.35 3.46 -50.79
C GLU A 322 -12.28 2.75 -49.99
N ALA A 323 -12.70 1.93 -49.03
CA ALA A 323 -11.78 1.09 -48.29
C ALA A 323 -12.49 -0.16 -47.83
N VAL A 324 -11.72 -1.24 -47.71
CA VAL A 324 -12.26 -2.48 -47.18
C VAL A 324 -11.74 -2.66 -45.77
N VAL A 325 -12.60 -3.18 -44.92
CA VAL A 325 -12.38 -3.12 -43.50
C VAL A 325 -13.01 -4.32 -42.83
N ASN A 326 -12.45 -4.74 -41.70
CA ASN A 326 -13.03 -5.87 -40.97
C ASN A 326 -14.20 -5.45 -40.09
N PHE A 327 -15.24 -6.27 -40.08
CA PHE A 327 -16.41 -6.02 -39.22
C PHE A 327 -15.97 -5.88 -37.78
N SER A 328 -15.08 -6.77 -37.35
CA SER A 328 -14.61 -6.79 -35.98
C SER A 328 -14.03 -5.43 -35.58
N ASP A 329 -13.70 -4.61 -36.57
CA ASP A 329 -13.14 -3.30 -36.27
C ASP A 329 -14.20 -2.24 -36.06
N VAL A 330 -15.46 -2.60 -36.28
CA VAL A 330 -16.53 -1.63 -36.12
C VAL A 330 -16.74 -1.27 -34.64
N GLN A 331 -16.64 0.02 -34.33
CA GLN A 331 -16.83 0.50 -32.97
C GLN A 331 -18.28 0.86 -32.67
N GLY A 332 -19.10 0.91 -33.72
CA GLY A 332 -20.52 1.14 -33.55
C GLY A 332 -21.14 1.76 -34.77
N ARG A 333 -22.46 1.93 -34.74
CA ARG A 333 -23.17 2.56 -35.84
C ARG A 333 -23.34 4.05 -35.59
N CYS A 334 -23.26 4.84 -36.65
CA CYS A 334 -23.59 6.25 -36.53
C CYS A 334 -24.47 6.73 -37.69
N THR A 335 -25.18 7.83 -37.46
CA THR A 335 -26.03 8.39 -38.48
C THR A 335 -25.33 9.52 -39.22
N VAL A 336 -25.26 9.40 -40.53
CA VAL A 336 -24.76 10.46 -41.40
C VAL A 336 -25.83 10.81 -42.43
N GLU A 337 -26.16 12.08 -42.52
CA GLU A 337 -27.21 12.53 -43.41
C GLU A 337 -26.73 13.59 -44.38
N TYR A 338 -27.34 13.64 -45.56
CA TYR A 338 -27.13 14.74 -46.48
C TYR A 338 -28.02 15.88 -46.01
N GLY A 339 -27.42 17.04 -45.75
CA GLY A 339 -28.16 18.15 -45.19
C GLY A 339 -29.48 18.44 -45.88
N GLU A 340 -29.44 18.52 -47.21
CA GLU A 340 -30.64 18.86 -47.98
C GLU A 340 -31.71 17.79 -47.92
N ASP A 341 -31.34 16.58 -47.50
CA ASP A 341 -32.31 15.49 -47.40
C ASP A 341 -33.15 15.66 -46.16
N LEU A 342 -32.77 16.60 -45.30
CA LEU A 342 -33.35 16.72 -43.97
C LEU A 342 -34.72 17.39 -43.98
N LEU A 343 -35.69 16.70 -43.38
CA LEU A 343 -37.00 17.29 -43.18
C LEU A 343 -36.92 18.44 -42.16
N GLU A 344 -36.05 18.30 -41.15
CA GLU A 344 -35.86 19.36 -40.16
C GLU A 344 -34.59 20.16 -40.40
N SER A 345 -34.36 21.18 -39.58
CA SER A 345 -33.16 22.02 -39.72
C SER A 345 -31.92 21.26 -39.24
N ILE A 346 -30.75 21.71 -39.66
CA ILE A 346 -29.50 21.04 -39.30
C ILE A 346 -29.27 21.05 -37.79
N GLN A 347 -29.54 22.18 -37.15
CA GLN A 347 -29.37 22.27 -35.71
C GLN A 347 -30.28 21.27 -35.02
N ASP A 348 -31.58 21.36 -35.33
CA ASP A 348 -32.58 20.45 -34.77
C ASP A 348 -32.20 18.98 -34.93
N TYR A 349 -31.66 18.64 -36.10
CA TYR A 349 -31.23 17.28 -36.36
C TYR A 349 -30.01 16.91 -35.48
N SER A 350 -28.98 17.76 -35.50
CA SER A 350 -27.79 17.59 -34.69
C SER A 350 -28.09 17.46 -33.20
N GLN A 351 -29.13 18.14 -32.75
CA GLN A 351 -29.50 18.17 -31.34
C GLN A 351 -30.50 17.09 -30.96
N GLY A 352 -30.93 16.30 -31.94
CA GLY A 352 -32.01 15.35 -31.70
C GLY A 352 -31.64 13.96 -31.26
N GLY A 353 -30.36 13.61 -31.33
CA GLY A 353 -29.92 12.29 -30.97
C GLY A 353 -28.41 12.16 -31.07
N PRO A 354 -27.84 11.14 -30.40
CA PRO A 354 -26.40 10.90 -30.39
C PRO A 354 -25.91 10.31 -31.71
N ASP A 355 -24.61 10.42 -31.95
CA ASP A 355 -23.98 9.83 -33.12
C ASP A 355 -24.58 10.35 -34.43
N ARG A 356 -24.82 11.66 -34.48
CA ARG A 356 -25.43 12.27 -35.66
C ARG A 356 -24.54 13.27 -36.40
N PHE A 357 -24.22 12.93 -37.64
CA PHE A 357 -23.40 13.79 -38.48
C PHE A 357 -24.15 14.13 -39.76
N TYR A 358 -23.68 15.14 -40.46
CA TYR A 358 -24.27 15.52 -41.72
C TYR A 358 -23.17 15.96 -42.68
N PHE A 359 -23.53 16.02 -43.96
CA PHE A 359 -22.64 16.59 -44.97
C PHE A 359 -23.41 17.47 -45.95
N LEU A 360 -22.73 18.45 -46.51
CA LEU A 360 -23.31 19.33 -47.52
C LEU A 360 -22.61 19.06 -48.85
N GLU A 361 -21.29 19.20 -48.83
CA GLU A 361 -20.48 18.97 -50.01
C GLU A 361 -19.72 17.64 -49.99
N ALA A 362 -18.97 17.43 -51.06
CA ALA A 362 -18.13 16.26 -51.24
C ALA A 362 -16.72 16.76 -51.50
N TYR A 363 -15.73 15.93 -51.20
CA TYR A 363 -14.35 16.33 -51.34
C TYR A 363 -13.64 15.51 -52.40
N ASN A 364 -13.16 16.20 -53.42
CA ASN A 364 -12.29 15.61 -54.42
C ASN A 364 -10.86 15.81 -53.95
N SER A 365 -10.16 14.71 -53.67
CA SER A 365 -8.81 14.79 -53.13
C SER A 365 -7.81 15.12 -54.23
N LYS A 366 -8.19 14.85 -55.48
CA LYS A 366 -7.33 15.14 -56.61
C LYS A 366 -7.29 16.64 -56.85
N THR A 367 -8.45 17.19 -57.23
CA THR A 367 -8.57 18.63 -57.50
C THR A 367 -8.57 19.48 -56.24
N LYS A 368 -8.84 18.84 -55.09
CA LYS A 368 -8.91 19.53 -53.79
C LYS A 368 -10.05 20.54 -53.73
N ASN A 369 -11.18 20.21 -54.34
CA ASN A 369 -12.34 21.09 -54.38
C ASN A 369 -13.58 20.44 -53.82
N PHE A 370 -14.60 21.24 -53.51
CA PHE A 370 -15.83 20.72 -52.93
C PHE A 370 -16.99 20.76 -53.92
N GLU A 371 -17.60 19.60 -54.12
CA GLU A 371 -18.64 19.46 -55.14
C GLU A 371 -19.97 19.08 -54.51
N ASP A 372 -21.07 19.32 -55.22
CA ASP A 372 -22.33 18.73 -54.80
C ASP A 372 -22.12 17.22 -54.75
N PRO A 373 -22.67 16.56 -53.73
CA PRO A 373 -22.52 15.11 -53.65
C PRO A 373 -23.25 14.39 -54.77
N PRO A 374 -22.67 13.28 -55.25
CA PRO A 374 -23.29 12.39 -56.24
C PRO A 374 -24.63 11.87 -55.74
N ASN A 375 -25.49 11.48 -56.68
CA ASN A 375 -26.83 11.03 -56.34
C ASN A 375 -26.83 9.84 -55.39
N HIS A 376 -25.77 9.04 -55.41
CA HIS A 376 -25.73 7.85 -54.58
C HIS A 376 -25.34 8.15 -53.13
N ALA A 377 -25.06 9.41 -52.82
CA ALA A 377 -24.75 9.82 -51.46
C ALA A 377 -26.02 10.26 -50.75
N ARG A 378 -27.10 10.38 -51.51
CA ARG A 378 -28.40 10.70 -50.95
C ARG A 378 -29.07 9.45 -50.38
N SER A 379 -29.97 9.65 -49.43
CA SER A 379 -30.72 8.54 -48.84
C SER A 379 -31.75 8.08 -49.86
N PRO A 380 -32.40 6.92 -49.60
CA PRO A 380 -33.55 6.57 -50.43
C PRO A 380 -34.46 7.79 -50.51
N GLY A 381 -34.99 8.06 -51.71
CA GLY A 381 -35.40 9.42 -52.04
C GLY A 381 -34.23 10.06 -52.76
N ASN A 382 -33.42 9.21 -53.38
CA ASN A 382 -32.29 9.63 -54.18
C ASN A 382 -32.73 10.22 -55.52
N ILE A 408 -43.87 10.37 -26.52
CA ILE A 408 -43.81 9.99 -25.11
C ILE A 408 -43.21 11.10 -24.25
N LYS A 409 -44.07 11.85 -23.56
CA LYS A 409 -43.61 12.94 -22.70
C LYS A 409 -43.06 12.40 -21.38
N LEU A 410 -41.78 12.64 -21.14
CA LEU A 410 -41.07 12.06 -20.01
C LEU A 410 -41.19 12.92 -18.77
N PRO A 411 -41.79 12.38 -17.71
CA PRO A 411 -41.93 13.12 -16.45
C PRO A 411 -40.57 13.35 -15.82
N LYS A 412 -40.33 14.55 -15.28
CA LYS A 412 -39.08 14.85 -14.64
C LYS A 412 -39.08 14.36 -13.20
N LEU A 413 -37.96 13.81 -12.75
CA LEU A 413 -37.84 13.40 -11.35
C LEU A 413 -37.79 14.64 -10.48
N ARG A 414 -38.48 14.59 -9.34
CA ARG A 414 -38.44 15.70 -8.41
C ARG A 414 -37.14 15.54 -7.66
N THR A 415 -36.25 16.51 -7.81
CA THR A 415 -34.86 16.33 -7.37
C THR A 415 -34.48 17.24 -6.21
N LEU A 416 -33.71 16.69 -5.27
CA LEU A 416 -33.15 17.47 -4.17
C LEU A 416 -31.63 17.51 -4.33
N ASP A 417 -31.09 18.72 -4.45
CA ASP A 417 -29.67 18.91 -4.69
C ASP A 417 -28.98 19.46 -3.46
N VAL A 418 -28.18 18.61 -2.82
CA VAL A 418 -27.48 18.95 -1.59
C VAL A 418 -26.07 19.43 -1.92
N PHE A 419 -25.55 20.38 -1.15
CA PHE A 419 -24.30 21.03 -1.50
C PHE A 419 -24.39 21.48 -2.95
N SER A 420 -25.51 22.12 -3.30
CA SER A 420 -25.85 22.45 -4.68
C SER A 420 -24.84 23.34 -5.38
N GLY A 421 -24.13 24.16 -4.63
CA GLY A 421 -23.27 25.18 -5.21
C GLY A 421 -24.14 26.09 -6.06
N CYS A 422 -23.52 26.79 -7.01
CA CYS A 422 -24.23 27.64 -7.94
C CYS A 422 -25.16 26.86 -8.90
N GLY A 423 -25.09 25.52 -8.87
CA GLY A 423 -25.97 24.70 -9.69
C GLY A 423 -25.49 24.00 -10.96
N GLY A 424 -24.18 23.86 -11.13
CA GLY A 424 -23.65 23.14 -12.29
C GLY A 424 -24.27 21.77 -12.53
N LEU A 425 -24.29 20.95 -11.49
CA LEU A 425 -24.80 19.59 -11.58
C LEU A 425 -26.26 19.55 -11.96
N SER A 426 -27.10 20.28 -11.24
CA SER A 426 -28.52 20.23 -11.58
C SER A 426 -28.78 20.92 -12.92
N GLU A 427 -27.88 21.82 -13.34
CA GLU A 427 -27.99 22.42 -14.67
C GLU A 427 -27.78 21.40 -15.77
N GLY A 428 -26.79 20.53 -15.56
CA GLY A 428 -26.55 19.44 -16.48
C GLY A 428 -27.73 18.47 -16.49
N PHE A 429 -28.24 18.13 -15.32
CA PHE A 429 -29.39 17.24 -15.26
C PHE A 429 -30.57 17.87 -15.97
N HIS A 430 -30.67 19.20 -15.86
CA HIS A 430 -31.79 19.90 -16.45
C HIS A 430 -31.68 19.84 -17.97
N GLN A 431 -30.48 20.08 -18.47
CA GLN A 431 -30.25 19.97 -19.90
C GLN A 431 -30.62 18.57 -20.39
N ALA A 432 -30.48 17.58 -19.51
CA ALA A 432 -30.78 16.20 -19.90
C ALA A 432 -32.25 15.88 -19.71
N GLY A 433 -32.99 16.86 -19.21
CA GLY A 433 -34.43 16.72 -19.06
C GLY A 433 -34.91 15.60 -18.16
N ILE A 434 -34.07 15.13 -17.26
CA ILE A 434 -34.50 14.12 -16.29
C ILE A 434 -34.94 14.65 -14.95
N SER A 435 -34.67 15.92 -14.68
CA SER A 435 -34.91 16.41 -13.33
C SER A 435 -35.52 17.80 -13.28
N GLU A 436 -36.41 18.01 -12.33
CA GLU A 436 -36.78 19.35 -11.97
C GLU A 436 -36.40 19.51 -10.51
N THR A 437 -35.51 20.46 -10.26
CA THR A 437 -34.94 20.56 -8.95
C THR A 437 -35.77 21.52 -8.13
N LEU A 438 -36.51 20.93 -7.18
CA LEU A 438 -37.12 21.66 -6.10
C LEU A 438 -36.15 21.37 -4.96
N TRP A 439 -35.98 22.26 -4.00
CA TRP A 439 -35.04 21.92 -2.94
C TRP A 439 -33.57 21.80 -3.33
N ALA A 440 -32.86 22.91 -3.33
CA ALA A 440 -31.41 22.85 -3.16
C ALA A 440 -31.00 23.26 -1.75
N ILE A 441 -29.99 22.61 -1.18
CA ILE A 441 -29.39 23.02 0.08
C ILE A 441 -27.96 23.48 -0.18
N GLU A 442 -27.65 24.72 0.17
CA GLU A 442 -26.29 25.24 0.06
C GLU A 442 -25.99 26.19 1.23
N MET A 443 -24.90 25.95 1.94
CA MET A 443 -24.60 26.75 3.14
C MET A 443 -23.94 28.10 2.86
N TRP A 444 -23.20 28.18 1.76
CA TRP A 444 -22.49 29.40 1.42
C TRP A 444 -23.43 30.33 0.65
N ASP A 445 -23.69 31.51 1.20
CA ASP A 445 -24.75 32.38 0.71
C ASP A 445 -24.64 32.82 -0.77
N PRO A 446 -23.45 33.29 -1.21
CA PRO A 446 -23.31 33.72 -2.61
C PRO A 446 -23.67 32.60 -3.60
N ALA A 447 -23.31 31.37 -3.27
CA ALA A 447 -23.63 30.22 -4.12
C ALA A 447 -25.13 29.95 -4.13
N ALA A 448 -25.78 30.05 -2.98
CA ALA A 448 -27.21 29.83 -2.90
C ALA A 448 -27.96 30.90 -3.72
N GLN A 449 -27.43 32.12 -3.69
CA GLN A 449 -28.01 33.23 -4.42
C GLN A 449 -27.94 32.92 -5.90
N ALA A 450 -26.74 32.55 -6.34
CA ALA A 450 -26.55 32.18 -7.74
C ALA A 450 -27.50 31.05 -8.16
N PHE A 451 -27.62 30.03 -7.30
CA PHE A 451 -28.49 28.91 -7.62
C PHE A 451 -29.88 29.47 -7.88
N ARG A 452 -30.36 30.26 -6.92
CA ARG A 452 -31.67 30.91 -7.05
C ARG A 452 -31.81 31.66 -8.38
N LEU A 453 -30.80 32.43 -8.75
CA LEU A 453 -30.85 33.22 -9.97
C LEU A 453 -30.97 32.34 -11.22
N ASN A 454 -30.49 31.10 -11.14
CA ASN A 454 -30.67 30.22 -12.29
C ASN A 454 -31.83 29.24 -12.16
N ASN A 455 -32.52 29.28 -11.02
CA ASN A 455 -33.53 28.28 -10.71
C ASN A 455 -34.78 28.84 -10.02
N PRO A 456 -35.62 29.56 -10.76
CA PRO A 456 -36.74 30.30 -10.17
C PRO A 456 -37.74 29.40 -9.45
N GLY A 457 -37.70 28.11 -9.73
CA GLY A 457 -38.72 27.22 -9.21
C GLY A 457 -38.29 26.37 -8.03
N THR A 458 -37.09 26.57 -7.52
CA THR A 458 -36.62 25.77 -6.40
C THR A 458 -36.51 26.55 -5.09
N THR A 459 -36.86 25.87 -4.00
CA THR A 459 -36.70 26.40 -2.67
C THR A 459 -35.28 26.12 -2.26
N VAL A 460 -34.51 27.17 -2.03
CA VAL A 460 -33.10 27.02 -1.70
C VAL A 460 -32.85 27.29 -0.21
N PHE A 461 -32.49 26.23 0.53
CA PHE A 461 -32.19 26.37 1.96
C PHE A 461 -30.70 26.65 2.15
N THR A 462 -30.36 27.69 2.90
CA THR A 462 -28.96 27.94 3.23
C THR A 462 -28.54 27.35 4.56
N GLU A 463 -29.44 26.60 5.20
CA GLU A 463 -29.09 26.00 6.48
C GLU A 463 -27.99 24.96 6.32
N ASP A 464 -27.37 24.61 7.44
CA ASP A 464 -26.55 23.42 7.55
C ASP A 464 -27.47 22.23 7.29
N CYS A 465 -27.05 21.28 6.47
CA CYS A 465 -27.92 20.15 6.11
C CYS A 465 -28.25 19.21 7.26
N ASN A 466 -27.34 19.15 8.24
CA ASN A 466 -27.60 18.35 9.43
C ASN A 466 -28.84 18.91 10.13
N VAL A 467 -28.84 20.22 10.31
CA VAL A 467 -29.95 20.90 10.96
C VAL A 467 -31.27 20.65 10.22
N LEU A 468 -31.27 20.79 8.91
CA LEU A 468 -32.48 20.61 8.12
C LEU A 468 -33.00 19.17 8.26
N LEU A 469 -32.09 18.21 8.14
CA LEU A 469 -32.50 16.83 8.26
C LEU A 469 -33.17 16.62 9.60
N LYS A 470 -32.52 17.12 10.66
CA LYS A 470 -33.13 17.04 12.00
C LYS A 470 -34.53 17.67 12.04
N LEU A 471 -34.68 18.86 11.47
CA LEU A 471 -35.99 19.50 11.40
C LEU A 471 -37.05 18.62 10.78
N VAL A 472 -36.75 17.98 9.66
CA VAL A 472 -37.80 17.19 9.03
C VAL A 472 -38.02 15.90 9.82
N MET A 473 -36.96 15.43 10.48
CA MET A 473 -37.06 14.22 11.28
C MET A 473 -37.93 14.48 12.49
N ALA A 474 -37.97 15.73 12.94
CA ALA A 474 -38.70 16.10 14.15
C ALA A 474 -40.16 16.45 13.86
N GLY A 475 -40.56 16.28 12.61
CA GLY A 475 -41.95 16.50 12.21
C GLY A 475 -42.26 17.88 11.67
N GLU A 476 -41.25 18.74 11.55
CA GLU A 476 -41.44 20.11 11.06
C GLU A 476 -41.87 20.19 9.60
N VAL A 477 -42.92 20.96 9.33
CA VAL A 477 -43.40 21.18 7.97
C VAL A 477 -42.60 22.26 7.22
N THR A 478 -42.12 23.25 7.94
CA THR A 478 -41.35 24.33 7.33
C THR A 478 -40.19 24.75 8.20
N ASN A 479 -39.41 25.71 7.72
CA ASN A 479 -38.36 26.31 8.52
C ASN A 479 -38.80 27.70 8.98
N SER A 480 -37.93 28.39 9.72
CA SER A 480 -38.28 29.70 10.26
C SER A 480 -38.69 30.70 9.18
N LEU A 481 -38.21 30.49 7.95
CA LEU A 481 -38.53 31.39 6.84
C LEU A 481 -39.82 30.99 6.12
N GLY A 482 -40.44 29.89 6.54
CA GLY A 482 -41.67 29.45 5.93
C GLY A 482 -41.46 28.64 4.67
N GLN A 483 -40.22 28.20 4.45
CA GLN A 483 -39.89 27.34 3.32
C GLN A 483 -40.34 25.91 3.60
N ARG A 484 -41.08 25.32 2.67
CA ARG A 484 -41.60 23.98 2.87
C ARG A 484 -40.50 22.92 2.75
N LEU A 485 -40.33 22.13 3.80
CA LEU A 485 -39.36 21.05 3.82
C LEU A 485 -39.84 19.91 2.91
N PRO A 486 -38.91 19.25 2.22
CA PRO A 486 -39.32 18.07 1.43
C PRO A 486 -39.58 16.90 2.37
N GLN A 487 -40.55 16.04 2.04
CA GLN A 487 -40.95 14.91 2.88
C GLN A 487 -40.82 13.58 2.14
N LYS A 488 -40.83 12.47 2.87
CA LYS A 488 -40.69 11.17 2.23
C LYS A 488 -41.70 11.02 1.11
N GLY A 489 -41.22 10.74 -0.09
CA GLY A 489 -42.08 10.64 -1.26
C GLY A 489 -41.99 11.84 -2.18
N ASP A 490 -41.54 12.96 -1.65
CA ASP A 490 -41.35 14.14 -2.48
C ASP A 490 -40.07 14.00 -3.27
N VAL A 491 -39.04 13.42 -2.65
CA VAL A 491 -37.75 13.36 -3.29
C VAL A 491 -37.62 12.09 -4.10
N GLU A 492 -37.63 12.23 -5.42
CA GLU A 492 -37.35 11.11 -6.32
C GLU A 492 -35.86 10.92 -6.64
N MET A 493 -35.14 12.02 -6.80
CA MET A 493 -33.72 11.92 -7.05
C MET A 493 -32.94 12.78 -6.08
N LEU A 494 -31.83 12.24 -5.61
CA LEU A 494 -31.02 12.97 -4.67
C LEU A 494 -29.65 13.12 -5.28
N CYS A 495 -29.09 14.33 -5.28
CA CYS A 495 -27.74 14.47 -5.83
C CYS A 495 -26.91 15.53 -5.12
N GLY A 496 -25.59 15.40 -5.19
CA GLY A 496 -24.70 16.48 -4.78
C GLY A 496 -23.22 16.16 -4.81
N GLY A 497 -22.39 17.19 -4.97
CA GLY A 497 -21.00 17.14 -4.51
C GLY A 497 -20.81 17.56 -3.07
N PRO A 498 -20.39 16.64 -2.20
CA PRO A 498 -19.96 17.07 -0.86
C PRO A 498 -18.61 17.75 -0.94
N PRO A 499 -18.22 18.47 0.12
CA PRO A 499 -16.95 19.19 0.09
C PRO A 499 -15.79 18.28 -0.29
N CYS A 500 -14.99 18.74 -1.24
CA CYS A 500 -13.85 17.99 -1.75
C CYS A 500 -12.52 18.45 -1.15
N GLN A 501 -12.57 19.49 -0.32
CA GLN A 501 -11.36 20.13 0.19
C GLN A 501 -10.43 19.19 0.97
N GLY A 502 -11.01 18.34 1.82
CA GLY A 502 -10.21 17.40 2.58
C GLY A 502 -9.74 16.23 1.72
N PHE A 503 -10.56 15.84 0.75
CA PHE A 503 -10.23 14.69 -0.11
C PHE A 503 -9.21 15.04 -1.19
N SER A 504 -8.97 16.32 -1.38
CA SER A 504 -8.10 16.75 -2.49
C SER A 504 -6.65 16.39 -2.21
N GLY A 505 -5.95 15.94 -3.24
CA GLY A 505 -4.54 15.62 -3.15
C GLY A 505 -3.66 16.85 -3.04
N MET A 506 -4.26 18.04 -3.15
CA MET A 506 -3.53 19.30 -3.00
C MET A 506 -3.46 19.72 -1.55
N ASN A 507 -4.27 19.08 -0.72
CA ASN A 507 -4.46 19.53 0.64
C ASN A 507 -3.43 18.90 1.56
N ARG A 508 -2.50 19.72 2.02
CA ARG A 508 -1.43 19.28 2.91
C ARG A 508 -1.99 18.96 4.28
N PHE A 509 -2.97 19.77 4.67
CA PHE A 509 -3.49 19.83 6.03
C PHE A 509 -4.73 18.95 6.28
N ASN A 510 -5.05 18.09 5.32
CA ASN A 510 -6.25 17.26 5.37
C ASN A 510 -6.41 16.47 6.67
N SER A 511 -5.29 16.25 7.36
CA SER A 511 -5.30 15.48 8.61
C SER A 511 -5.75 16.30 9.83
N ARG A 512 -6.00 17.59 9.64
CA ARG A 512 -6.45 18.44 10.74
C ARG A 512 -7.97 18.47 10.88
N THR A 513 -8.46 19.31 11.80
CA THR A 513 -9.87 19.32 12.19
C THR A 513 -10.82 19.84 11.11
N TYR A 514 -10.39 20.86 10.39
CA TYR A 514 -11.20 21.48 9.34
C TYR A 514 -11.58 20.48 8.25
N SER A 515 -10.57 19.88 7.64
CA SER A 515 -10.77 18.95 6.53
C SER A 515 -11.63 17.75 6.95
N LYS A 516 -11.40 17.26 8.17
CA LYS A 516 -12.18 16.16 8.71
C LYS A 516 -13.65 16.55 8.86
N PHE A 517 -13.88 17.73 9.43
CA PHE A 517 -15.23 18.28 9.55
C PHE A 517 -15.90 18.20 8.18
N LYS A 518 -15.22 18.73 7.17
CA LYS A 518 -15.78 18.66 5.82
C LYS A 518 -15.92 17.23 5.30
N ASN A 519 -15.23 16.29 5.94
CA ASN A 519 -15.32 14.87 5.57
C ASN A 519 -16.58 14.14 6.07
N SER A 520 -17.04 14.46 7.28
CA SER A 520 -18.25 13.79 7.82
C SER A 520 -19.53 14.08 7.00
N LEU A 521 -19.44 15.12 6.19
CA LEU A 521 -20.58 15.56 5.40
C LEU A 521 -21.07 14.51 4.40
N VAL A 522 -20.17 13.65 3.91
CA VAL A 522 -20.65 12.59 3.03
C VAL A 522 -21.56 11.61 3.80
N VAL A 523 -21.26 11.39 5.07
CA VAL A 523 -22.13 10.59 5.92
C VAL A 523 -23.48 11.30 6.08
N SER A 524 -23.44 12.61 6.30
CA SER A 524 -24.71 13.37 6.32
C SER A 524 -25.55 13.12 5.05
N PHE A 525 -24.89 13.24 3.90
CA PHE A 525 -25.52 13.04 2.60
C PHE A 525 -26.13 11.64 2.53
N LEU A 526 -25.39 10.65 3.02
CA LEU A 526 -25.90 9.29 3.08
C LEU A 526 -27.13 9.21 3.97
N SER A 527 -27.14 9.96 5.06
CA SER A 527 -28.33 10.06 5.91
C SER A 527 -29.53 10.55 5.11
N TYR A 528 -29.34 11.58 4.27
CA TYR A 528 -30.45 11.99 3.41
C TYR A 528 -30.93 10.84 2.55
N CYS A 529 -29.98 10.10 1.99
CA CYS A 529 -30.36 8.98 1.12
C CYS A 529 -31.20 7.95 1.87
N ASP A 530 -30.74 7.58 3.07
CA ASP A 530 -31.46 6.64 3.92
C ASP A 530 -32.87 7.11 4.22
N TYR A 531 -32.99 8.34 4.73
CA TYR A 531 -34.30 8.88 5.09
C TYR A 531 -35.28 8.95 3.92
N TYR A 532 -34.89 9.64 2.84
CA TYR A 532 -35.79 9.85 1.71
C TYR A 532 -35.89 8.66 0.78
N ARG A 533 -34.85 7.83 0.76
CA ARG A 533 -34.83 6.66 -0.10
C ARG A 533 -35.32 6.97 -1.52
N PRO A 534 -34.58 7.84 -2.22
CA PRO A 534 -34.94 8.25 -3.59
C PRO A 534 -34.81 7.12 -4.60
N ARG A 535 -35.43 7.29 -5.76
CA ARG A 535 -35.30 6.34 -6.87
C ARG A 535 -33.88 6.33 -7.43
N PHE A 536 -33.21 7.48 -7.41
CA PHE A 536 -31.85 7.59 -7.94
C PHE A 536 -30.98 8.46 -7.05
N PHE A 537 -29.71 8.07 -6.94
CA PHE A 537 -28.77 8.72 -6.04
C PHE A 537 -27.46 9.03 -6.74
N LEU A 538 -27.04 10.29 -6.71
CA LEU A 538 -25.74 10.65 -7.25
C LEU A 538 -24.87 11.42 -6.29
N LEU A 539 -23.66 10.89 -6.09
CA LEU A 539 -22.65 11.54 -5.26
C LEU A 539 -21.42 11.81 -6.09
N GLU A 540 -20.98 13.07 -6.11
CA GLU A 540 -19.84 13.43 -6.92
C GLU A 540 -18.72 13.98 -6.05
N ASN A 541 -17.49 13.68 -6.43
CA ASN A 541 -16.34 14.26 -5.73
C ASN A 541 -15.09 14.18 -6.59
N VAL A 542 -13.97 14.61 -6.01
CA VAL A 542 -12.69 14.54 -6.71
C VAL A 542 -12.20 13.08 -6.79
N ARG A 543 -11.35 12.79 -7.77
CA ARG A 543 -10.90 11.42 -8.02
C ARG A 543 -10.28 10.75 -6.78
N ASN A 544 -9.47 11.52 -6.07
CA ASN A 544 -8.78 11.05 -4.89
C ASN A 544 -9.73 10.45 -3.85
N PHE A 545 -11.00 10.76 -3.99
CA PHE A 545 -12.02 10.23 -3.09
C PHE A 545 -12.02 8.71 -3.09
N VAL A 546 -11.57 8.12 -4.18
CA VAL A 546 -11.54 6.65 -4.27
C VAL A 546 -10.33 6.04 -3.56
N SER A 547 -9.23 6.79 -3.50
CA SER A 547 -8.00 6.35 -2.84
C SER A 547 -7.82 6.78 -1.38
N TYR A 548 -8.68 7.69 -0.93
CA TYR A 548 -8.54 8.30 0.39
C TYR A 548 -8.63 7.30 1.55
N ARG A 549 -7.69 7.43 2.48
CA ARG A 549 -7.63 6.53 3.64
C ARG A 549 -7.66 5.08 3.18
N ARG A 550 -6.76 4.74 2.28
CA ARG A 550 -6.70 3.40 1.68
C ARG A 550 -8.08 2.96 1.16
N SER A 551 -8.77 3.88 0.50
CA SER A 551 -10.10 3.65 -0.05
C SER A 551 -11.18 3.36 1.00
N MET A 552 -10.93 3.81 2.23
CA MET A 552 -11.89 3.46 3.27
C MET A 552 -13.19 4.20 3.10
N VAL A 553 -13.11 5.47 2.69
CA VAL A 553 -14.30 6.28 2.51
C VAL A 553 -15.18 5.64 1.46
N LEU A 554 -14.59 5.35 0.31
CA LEU A 554 -15.29 4.67 -0.76
C LEU A 554 -15.96 3.41 -0.24
N LYS A 555 -15.16 2.55 0.39
CA LYS A 555 -15.68 1.26 0.83
C LYS A 555 -16.85 1.42 1.80
N LEU A 556 -16.71 2.32 2.76
CA LEU A 556 -17.77 2.57 3.72
C LEU A 556 -19.04 3.15 3.08
N THR A 557 -18.92 4.05 2.11
CA THR A 557 -20.16 4.56 1.52
C THR A 557 -20.86 3.52 0.64
N LEU A 558 -20.09 2.75 -0.13
CA LEU A 558 -20.69 1.63 -0.86
C LEU A 558 -21.35 0.65 0.10
N ARG A 559 -20.67 0.33 1.21
CA ARG A 559 -21.25 -0.57 2.18
C ARG A 559 -22.58 -0.01 2.68
N CYS A 560 -22.59 1.28 2.98
CA CYS A 560 -23.78 1.96 3.47
C CYS A 560 -24.96 1.76 2.50
N LEU A 561 -24.71 2.09 1.23
CA LEU A 561 -25.74 1.91 0.21
C LEU A 561 -26.20 0.45 0.10
N VAL A 562 -25.26 -0.49 0.23
CA VAL A 562 -25.64 -1.90 0.19
C VAL A 562 -26.56 -2.26 1.35
N ARG A 563 -26.19 -1.83 2.57
CA ARG A 563 -27.02 -2.11 3.73
C ARG A 563 -28.44 -1.59 3.51
N MET A 564 -28.56 -0.41 2.93
CA MET A 564 -29.90 0.15 2.68
C MET A 564 -30.71 -0.64 1.66
N GLY A 565 -30.05 -1.52 0.91
CA GLY A 565 -30.71 -2.27 -0.15
C GLY A 565 -30.63 -1.63 -1.53
N TYR A 566 -29.73 -0.66 -1.70
CA TYR A 566 -29.61 0.04 -2.97
C TYR A 566 -28.73 -0.71 -3.97
N GLN A 567 -29.14 -0.73 -5.23
CA GLN A 567 -28.21 -1.10 -6.29
C GLN A 567 -27.22 0.04 -6.35
N CYS A 568 -25.94 -0.27 -6.60
CA CYS A 568 -24.98 0.81 -6.67
C CYS A 568 -23.69 0.45 -7.40
N THR A 569 -22.84 1.44 -7.57
CA THR A 569 -21.57 1.31 -8.26
C THR A 569 -20.82 2.65 -8.22
N PHE A 570 -19.54 2.61 -8.57
CA PHE A 570 -18.75 3.83 -8.63
C PHE A 570 -17.91 3.82 -9.89
N GLY A 571 -17.32 4.96 -10.21
CA GLY A 571 -16.43 5.03 -11.35
C GLY A 571 -15.81 6.41 -11.48
N VAL A 572 -14.81 6.52 -12.32
CA VAL A 572 -14.16 7.81 -12.50
C VAL A 572 -14.33 8.29 -13.93
N LEU A 573 -14.90 9.49 -14.08
CA LEU A 573 -15.12 10.05 -15.40
C LEU A 573 -14.17 11.22 -15.66
N GLN A 574 -13.79 11.43 -16.91
CA GLN A 574 -12.98 12.56 -17.31
C GLN A 574 -13.82 13.60 -18.09
N ALA A 575 -14.07 14.73 -17.45
CA ALA A 575 -14.92 15.78 -18.01
C ALA A 575 -14.57 16.10 -19.46
N GLY A 576 -13.28 16.14 -19.77
CA GLY A 576 -12.84 16.46 -21.11
C GLY A 576 -13.47 15.57 -22.16
N GLN A 577 -13.75 14.32 -21.80
CA GLN A 577 -14.29 13.39 -22.78
C GLN A 577 -15.73 13.71 -23.12
N TYR A 578 -16.33 14.57 -22.30
CA TYR A 578 -17.68 15.05 -22.52
C TYR A 578 -17.83 16.46 -23.12
N GLY A 579 -16.73 17.06 -23.61
CA GLY A 579 -16.86 18.28 -24.38
C GLY A 579 -16.47 19.63 -23.79
N VAL A 580 -15.64 19.64 -22.75
CA VAL A 580 -15.05 20.89 -22.31
C VAL A 580 -13.55 20.77 -22.54
N ALA A 581 -12.83 21.89 -22.63
CA ALA A 581 -11.39 21.73 -22.78
C ALA A 581 -10.76 21.95 -21.41
N GLN A 582 -10.72 20.86 -20.65
CA GLN A 582 -10.19 20.90 -19.30
C GLN A 582 -9.94 19.46 -18.84
N THR A 583 -8.97 19.27 -17.96
CA THR A 583 -8.81 17.96 -17.33
C THR A 583 -9.52 18.05 -16.02
N ARG A 584 -10.62 17.33 -15.91
CA ARG A 584 -11.28 17.22 -14.63
C ARG A 584 -11.68 15.78 -14.47
N ARG A 585 -11.02 15.09 -13.54
CA ARG A 585 -11.28 13.68 -13.28
C ARG A 585 -12.13 13.64 -12.03
N ARG A 586 -13.30 13.03 -12.12
CA ARG A 586 -14.21 13.07 -11.00
C ARG A 586 -14.76 11.69 -10.64
N ALA A 587 -14.75 11.41 -9.34
CA ALA A 587 -15.39 10.23 -8.80
C ALA A 587 -16.91 10.41 -8.81
N ILE A 588 -17.60 9.43 -9.36
CA ILE A 588 -19.04 9.43 -9.37
C ILE A 588 -19.52 8.14 -8.74
N ILE A 589 -20.39 8.29 -7.75
CA ILE A 589 -21.04 7.14 -7.13
C ILE A 589 -22.51 7.19 -7.49
N LEU A 590 -22.99 6.11 -8.10
CA LEU A 590 -24.38 6.00 -8.53
C LEU A 590 -25.11 4.92 -7.77
N ALA A 591 -26.30 5.23 -7.30
CA ALA A 591 -27.15 4.20 -6.71
C ALA A 591 -28.56 4.25 -7.30
N ALA A 592 -29.23 3.10 -7.34
CA ALA A 592 -30.59 3.01 -7.80
C ALA A 592 -31.45 2.16 -6.83
N ALA A 593 -32.67 2.62 -6.58
CA ALA A 593 -33.56 1.93 -5.67
C ALA A 593 -33.88 0.54 -6.23
N PRO A 594 -34.34 -0.37 -5.36
CA PRO A 594 -34.56 -1.78 -5.73
C PRO A 594 -35.36 -1.96 -7.01
N GLY A 595 -36.46 -1.24 -7.17
CA GLY A 595 -37.32 -1.45 -8.33
C GLY A 595 -36.73 -0.95 -9.64
N GLU A 596 -35.69 -0.14 -9.56
CA GLU A 596 -35.18 0.58 -10.72
C GLU A 596 -34.15 -0.21 -11.51
N LYS A 597 -33.67 0.38 -12.60
CA LYS A 597 -32.50 -0.14 -13.30
C LYS A 597 -31.29 0.73 -12.98
N LEU A 598 -30.17 0.09 -12.62
CA LEU A 598 -28.96 0.82 -12.29
C LEU A 598 -28.30 1.36 -13.55
N PRO A 599 -28.22 2.68 -13.68
CA PRO A 599 -27.62 3.30 -14.86
C PRO A 599 -26.16 2.93 -15.08
N LEU A 600 -25.69 3.18 -16.30
CA LEU A 600 -24.32 2.91 -16.70
C LEU A 600 -23.63 4.25 -16.84
N PHE A 601 -22.31 4.28 -16.69
CA PHE A 601 -21.59 5.51 -16.94
C PHE A 601 -21.58 5.81 -18.44
N PRO A 602 -21.62 7.09 -18.80
CA PRO A 602 -21.76 7.50 -20.19
C PRO A 602 -20.49 7.24 -20.98
N GLU A 603 -20.66 6.83 -22.23
CA GLU A 603 -19.53 6.56 -23.11
C GLU A 603 -18.95 7.90 -23.57
N PRO A 604 -17.61 8.02 -23.57
CA PRO A 604 -16.95 9.26 -24.01
C PRO A 604 -17.39 9.73 -25.39
N LEU A 605 -17.74 11.00 -25.51
CA LEU A 605 -18.07 11.64 -26.79
C LEU A 605 -16.88 12.21 -27.56
N HIS A 606 -15.93 12.78 -26.83
CA HIS A 606 -14.78 13.46 -27.42
C HIS A 606 -13.47 12.75 -27.10
N VAL A 607 -12.52 12.81 -28.03
CA VAL A 607 -11.21 12.29 -27.74
C VAL A 607 -10.52 13.25 -26.80
N PHE A 608 -9.57 12.74 -26.02
CA PHE A 608 -8.86 13.56 -25.06
C PHE A 608 -7.50 12.94 -24.77
N ALA A 609 -6.55 13.75 -24.35
CA ALA A 609 -5.19 13.29 -24.10
C ALA A 609 -5.15 12.08 -23.15
N PRO A 610 -4.45 11.01 -23.55
CA PRO A 610 -4.47 9.73 -22.87
C PRO A 610 -3.91 9.77 -21.44
N ARG A 611 -2.86 10.55 -21.20
CA ARG A 611 -2.30 10.62 -19.85
C ARG A 611 -3.32 11.17 -18.87
N ALA A 612 -4.19 12.04 -19.38
CA ALA A 612 -5.21 12.70 -18.58
C ALA A 612 -6.45 11.81 -18.45
N CYS A 613 -6.38 10.66 -19.09
CA CYS A 613 -7.43 9.65 -19.07
C CYS A 613 -7.32 8.46 -18.13
N GLN A 614 -6.40 8.47 -17.16
CA GLN A 614 -6.26 7.28 -16.34
C GLN A 614 -7.45 7.22 -15.40
N LEU A 615 -8.36 6.32 -15.72
CA LEU A 615 -9.66 6.22 -15.08
C LEU A 615 -9.86 5.02 -14.14
N SER A 616 -8.84 4.18 -14.03
CA SER A 616 -8.97 2.97 -13.22
C SER A 616 -8.76 3.29 -11.75
N VAL A 617 -9.33 2.47 -10.88
CA VAL A 617 -9.01 2.61 -9.46
C VAL A 617 -8.71 1.26 -8.82
N VAL A 618 -7.68 1.23 -8.00
CA VAL A 618 -7.31 0.02 -7.31
C VAL A 618 -7.71 0.10 -5.85
N VAL A 619 -8.56 -0.81 -5.40
CA VAL A 619 -8.84 -0.87 -3.98
C VAL A 619 -8.57 -2.26 -3.41
N ASP A 620 -7.63 -2.31 -2.46
CA ASP A 620 -7.22 -3.58 -1.85
C ASP A 620 -6.64 -4.56 -2.90
N ASP A 621 -5.75 -4.04 -3.73
CA ASP A 621 -5.01 -4.81 -4.72
C ASP A 621 -5.80 -5.25 -5.97
N LYS A 622 -7.12 -5.01 -5.99
CA LYS A 622 -7.93 -5.31 -7.18
C LYS A 622 -8.11 -4.06 -8.02
N LYS A 623 -8.09 -4.24 -9.35
CA LYS A 623 -8.32 -3.13 -10.28
C LYS A 623 -9.78 -3.07 -10.72
N PHE A 624 -10.32 -1.86 -10.75
CA PHE A 624 -11.70 -1.64 -11.14
C PHE A 624 -11.79 -0.56 -12.21
N VAL A 625 -12.68 -0.81 -13.16
CA VAL A 625 -12.96 0.12 -14.24
C VAL A 625 -14.47 0.25 -14.38
N SER A 626 -14.93 1.31 -15.02
CA SER A 626 -16.35 1.47 -15.30
C SER A 626 -16.75 0.63 -16.50
N ASN A 627 -18.03 0.67 -16.83
CA ASN A 627 -18.56 -0.05 -18.00
C ASN A 627 -18.06 0.50 -19.34
N ILE A 628 -17.37 1.63 -19.28
CA ILE A 628 -16.93 2.36 -20.47
C ILE A 628 -16.09 1.50 -21.42
N THR A 629 -16.51 1.45 -22.69
CA THR A 629 -15.76 0.74 -23.74
C THR A 629 -14.93 1.55 -24.72
N ARG A 630 -15.00 2.88 -24.71
CA ARG A 630 -14.21 3.61 -25.70
C ARG A 630 -12.95 4.10 -25.01
N LEU A 631 -11.87 3.37 -25.25
CA LEU A 631 -10.63 3.58 -24.53
C LEU A 631 -9.60 4.42 -25.27
N SER A 632 -9.84 4.65 -26.56
CA SER A 632 -8.81 5.24 -27.39
C SER A 632 -9.34 6.41 -28.22
N SER A 633 -10.32 6.13 -29.06
CA SER A 633 -10.89 7.14 -29.93
C SER A 633 -12.26 7.58 -29.41
N GLY A 634 -12.94 8.40 -30.20
CA GLY A 634 -14.30 8.81 -29.91
C GLY A 634 -14.88 9.50 -31.13
N PRO A 635 -16.18 9.74 -31.12
CA PRO A 635 -16.87 10.33 -32.28
C PRO A 635 -16.47 11.77 -32.61
N PHE A 636 -16.11 12.56 -31.61
CA PHE A 636 -15.83 13.98 -31.86
C PHE A 636 -14.41 14.40 -31.51
N ARG A 637 -13.91 15.42 -32.20
CA ARG A 637 -12.58 15.93 -31.93
C ARG A 637 -12.51 16.61 -30.56
N THR A 638 -11.32 16.69 -30.00
CA THR A 638 -11.17 17.24 -28.67
C THR A 638 -11.44 18.74 -28.68
N ILE A 639 -12.24 19.21 -27.71
CA ILE A 639 -12.51 20.64 -27.57
C ILE A 639 -11.28 21.35 -27.01
N THR A 640 -10.95 22.48 -27.61
CA THR A 640 -9.64 23.08 -27.42
C THR A 640 -9.76 24.42 -26.68
N VAL A 641 -8.63 25.04 -26.33
CA VAL A 641 -8.69 26.32 -25.61
C VAL A 641 -9.20 27.40 -26.56
N ARG A 642 -8.69 27.36 -27.80
CA ARG A 642 -9.20 28.19 -28.88
C ARG A 642 -10.71 28.06 -28.99
N ASP A 643 -11.22 26.83 -29.02
CA ASP A 643 -12.66 26.61 -29.18
C ASP A 643 -13.41 27.25 -28.03
N THR A 644 -12.72 27.38 -26.91
CA THR A 644 -13.31 27.86 -25.66
C THR A 644 -13.40 29.38 -25.54
N MET A 645 -12.26 30.04 -25.60
CA MET A 645 -12.20 31.50 -25.45
C MET A 645 -11.88 32.39 -26.65
N SER A 646 -11.73 31.82 -27.84
CA SER A 646 -11.22 32.63 -28.96
C SER A 646 -12.06 33.87 -29.32
N ASP A 647 -13.31 33.93 -28.90
CA ASP A 647 -14.22 35.02 -29.26
C ASP A 647 -14.29 36.14 -28.23
N LEU A 648 -13.61 35.96 -27.10
CA LEU A 648 -13.72 36.92 -26.02
C LEU A 648 -12.86 38.15 -26.28
N PRO A 649 -13.44 39.35 -26.11
CA PRO A 649 -12.68 40.57 -26.33
C PRO A 649 -11.47 40.66 -25.43
N GLU A 650 -10.41 41.29 -25.92
CA GLU A 650 -9.19 41.48 -25.17
C GLU A 650 -9.43 42.32 -23.92
N ILE A 651 -8.78 41.95 -22.81
CA ILE A 651 -8.88 42.72 -21.57
C ILE A 651 -7.54 42.76 -20.83
N GLN A 652 -7.40 43.68 -19.87
CA GLN A 652 -6.15 43.81 -19.15
C GLN A 652 -6.23 43.20 -17.76
N ASN A 653 -5.10 43.15 -17.07
CA ASN A 653 -5.08 42.71 -15.69
C ASN A 653 -6.00 43.64 -14.89
N GLY A 654 -6.87 43.05 -14.10
CA GLY A 654 -7.76 43.84 -13.26
C GLY A 654 -9.06 44.32 -13.88
N ALA A 655 -9.38 43.86 -15.09
CA ALA A 655 -10.60 44.32 -15.75
C ALA A 655 -11.83 44.09 -14.87
N SER A 656 -12.53 45.17 -14.57
CA SER A 656 -13.71 45.16 -13.69
C SER A 656 -15.09 45.26 -14.38
N ASN A 657 -15.14 45.21 -15.71
CA ASN A 657 -16.38 45.56 -16.40
C ASN A 657 -17.30 44.35 -16.53
N SER A 658 -18.34 44.33 -15.70
CA SER A 658 -19.15 43.13 -15.58
C SER A 658 -20.06 42.93 -16.79
N GLU A 659 -20.24 43.99 -17.56
CA GLU A 659 -21.03 43.93 -18.78
C GLU A 659 -20.28 44.65 -19.89
N ILE A 660 -19.87 43.91 -20.91
CA ILE A 660 -19.23 44.52 -22.06
C ILE A 660 -19.72 43.82 -23.30
N PRO A 661 -19.82 44.53 -24.43
CA PRO A 661 -20.29 43.81 -25.61
C PRO A 661 -19.28 42.79 -26.13
N TYR A 662 -19.72 41.58 -26.49
CA TYR A 662 -18.95 40.78 -27.42
C TYR A 662 -18.77 41.71 -28.61
N ASN A 663 -17.55 41.92 -29.09
CA ASN A 663 -17.48 42.53 -30.40
C ASN A 663 -17.15 41.42 -31.36
N GLY A 664 -18.17 40.78 -31.88
CA GLY A 664 -17.97 39.70 -32.82
C GLY A 664 -19.03 38.62 -32.69
N GLU A 665 -18.99 37.69 -33.64
CA GLU A 665 -19.81 36.50 -33.64
C GLU A 665 -19.07 35.33 -33.00
N PRO A 666 -19.82 34.29 -32.60
CA PRO A 666 -19.16 33.06 -32.18
C PRO A 666 -18.21 32.56 -33.27
N LEU A 667 -16.97 32.26 -32.90
CA LEU A 667 -15.99 31.72 -33.84
C LEU A 667 -15.95 30.18 -33.89
N SER A 668 -16.59 29.51 -32.94
CA SER A 668 -16.53 28.05 -32.91
C SER A 668 -17.89 27.37 -32.71
N TRP A 669 -17.91 26.07 -32.95
CA TRP A 669 -19.06 25.25 -32.62
C TRP A 669 -19.36 25.40 -31.14
N PHE A 670 -18.34 25.19 -30.31
CA PHE A 670 -18.45 25.30 -28.87
C PHE A 670 -19.04 26.64 -28.46
N GLN A 671 -18.44 27.73 -28.95
CA GLN A 671 -18.95 29.04 -28.64
C GLN A 671 -20.41 29.24 -29.08
N ARG A 672 -20.77 28.63 -30.21
CA ARG A 672 -22.15 28.72 -30.70
C ARG A 672 -23.10 28.01 -29.75
N GLN A 673 -22.66 26.89 -29.21
CA GLN A 673 -23.49 26.12 -28.29
C GLN A 673 -23.69 26.88 -26.99
N LEU A 674 -22.64 27.55 -26.53
CA LEU A 674 -22.76 28.27 -25.26
C LEU A 674 -23.36 29.67 -25.37
N ARG A 675 -23.33 30.27 -26.55
CA ARG A 675 -23.87 31.61 -26.70
C ARG A 675 -25.32 31.63 -27.15
N GLY A 676 -25.82 30.48 -27.59
CA GLY A 676 -27.18 30.42 -28.12
C GLY A 676 -27.28 31.08 -29.49
N SER A 677 -28.43 30.90 -30.14
CA SER A 677 -28.65 31.50 -31.46
C SER A 677 -29.40 32.83 -31.43
N HIS A 678 -29.98 33.17 -30.29
CA HIS A 678 -30.78 34.40 -30.14
C HIS A 678 -29.88 35.61 -29.96
N TYR A 679 -30.36 36.78 -30.37
CA TYR A 679 -29.51 37.97 -30.28
C TYR A 679 -29.10 38.22 -28.83
N GLN A 680 -27.79 38.23 -28.59
CA GLN A 680 -27.26 38.45 -27.24
C GLN A 680 -25.94 39.22 -27.29
N PRO A 681 -26.00 40.54 -27.43
CA PRO A 681 -24.85 41.43 -27.64
C PRO A 681 -23.98 41.59 -26.39
N ILE A 682 -24.50 41.25 -25.23
CA ILE A 682 -23.80 41.58 -24.00
C ILE A 682 -23.10 40.39 -23.33
N LEU A 683 -21.79 40.53 -23.16
CA LEU A 683 -20.93 39.57 -22.48
C LEU A 683 -20.76 39.90 -21.00
N ARG A 684 -21.11 38.95 -20.15
CA ARG A 684 -21.02 39.14 -18.71
C ARG A 684 -19.84 38.40 -18.10
N ASP A 685 -19.28 38.99 -17.04
CA ASP A 685 -18.29 38.33 -16.20
C ASP A 685 -16.94 38.06 -16.84
N HIS A 686 -16.62 38.83 -17.86
CA HIS A 686 -15.34 38.70 -18.58
C HIS A 686 -14.28 39.49 -17.84
N ILE A 687 -14.55 39.74 -16.56
CA ILE A 687 -13.60 40.38 -15.64
C ILE A 687 -12.51 39.42 -15.12
N CYS A 688 -11.35 39.98 -14.76
CA CYS A 688 -10.26 39.21 -14.17
C CYS A 688 -9.62 39.90 -12.96
N LYS A 689 -9.06 39.10 -12.05
CA LYS A 689 -8.48 39.62 -10.81
C LYS A 689 -7.39 40.65 -11.07
N ASP A 690 -7.29 41.62 -10.16
CA ASP A 690 -6.31 42.68 -10.28
C ASP A 690 -5.05 42.26 -9.54
N MET A 691 -3.99 42.01 -10.28
CA MET A 691 -2.78 41.44 -9.70
C MET A 691 -1.77 42.52 -9.38
N SER A 692 -1.06 42.33 -8.28
CA SER A 692 -0.10 43.33 -7.81
C SER A 692 0.87 43.67 -8.92
N PRO A 693 1.46 44.87 -8.85
CA PRO A 693 2.43 45.31 -9.87
C PRO A 693 3.51 44.25 -10.12
N LEU A 694 4.00 43.63 -9.06
CA LEU A 694 5.06 42.63 -9.16
C LEU A 694 4.59 41.40 -9.94
N VAL A 695 3.45 40.84 -9.51
CA VAL A 695 2.85 39.71 -10.19
C VAL A 695 2.57 40.01 -11.66
N ALA A 696 2.12 41.24 -11.94
CA ALA A 696 1.82 41.67 -13.31
C ALA A 696 3.09 41.75 -14.17
N ALA A 697 4.18 42.27 -13.59
CA ALA A 697 5.45 42.27 -14.30
C ALA A 697 5.88 40.82 -14.63
N ARG A 698 5.76 39.94 -13.63
CA ARG A 698 6.05 38.54 -13.86
C ARG A 698 5.26 38.03 -15.07
N MET A 699 3.93 38.19 -15.01
CA MET A 699 3.10 37.71 -16.11
C MET A 699 3.56 38.27 -17.45
N ARG A 700 3.88 39.56 -17.48
CA ARG A 700 4.41 40.18 -18.70
C ARG A 700 5.67 39.47 -19.21
N HIS A 701 6.49 38.94 -18.31
CA HIS A 701 7.72 38.29 -18.77
C HIS A 701 7.62 36.77 -19.03
N ILE A 702 6.42 36.21 -18.92
CA ILE A 702 6.22 34.81 -19.31
C ILE A 702 5.98 34.72 -20.82
N PRO A 703 6.88 34.02 -21.54
CA PRO A 703 6.74 33.91 -23.00
C PRO A 703 5.40 33.31 -23.40
N LEU A 704 5.03 33.48 -24.66
CA LEU A 704 3.73 33.03 -25.15
C LEU A 704 3.67 31.53 -25.46
N PHE A 705 4.83 30.94 -25.71
CA PHE A 705 4.88 29.58 -26.25
C PHE A 705 4.34 28.53 -25.29
N PRO A 706 3.75 27.46 -25.85
CA PRO A 706 3.21 26.37 -25.02
C PRO A 706 4.26 25.93 -24.02
N GLY A 707 3.82 25.55 -22.82
CA GLY A 707 4.74 25.06 -21.81
C GLY A 707 5.54 26.13 -21.09
N SER A 708 5.28 27.39 -21.42
CA SER A 708 5.93 28.51 -20.74
C SER A 708 5.44 28.66 -19.31
N ASP A 709 6.36 28.89 -18.39
CA ASP A 709 6.02 29.14 -17.00
C ASP A 709 7.18 29.79 -16.27
N TRP A 710 7.06 29.89 -14.96
CA TRP A 710 7.97 30.66 -14.13
C TRP A 710 9.44 30.35 -14.42
N ARG A 711 9.71 29.14 -14.86
CA ARG A 711 11.09 28.75 -15.13
C ARG A 711 11.70 29.50 -16.32
N ASP A 712 10.87 30.22 -17.07
CA ASP A 712 11.35 31.00 -18.20
C ASP A 712 11.57 32.47 -17.85
N LEU A 713 11.23 32.86 -16.62
CA LEU A 713 11.45 34.22 -16.12
C LEU A 713 12.91 34.62 -16.27
N PRO A 714 13.17 35.87 -16.72
CA PRO A 714 14.54 36.36 -16.71
C PRO A 714 14.91 36.85 -15.32
N ASN A 715 16.18 36.74 -14.91
CA ASN A 715 16.57 37.32 -13.63
C ASN A 715 17.09 38.72 -13.88
N ILE A 716 16.26 39.71 -13.60
CA ILE A 716 16.53 41.08 -13.98
C ILE A 716 15.80 42.00 -13.04
N GLN A 717 16.23 43.25 -13.03
CA GLN A 717 15.62 44.27 -12.18
C GLN A 717 14.46 44.88 -12.93
N VAL A 718 13.39 45.19 -12.20
CA VAL A 718 12.20 45.74 -12.84
C VAL A 718 11.66 46.91 -12.04
N ARG A 719 11.33 47.99 -12.74
CA ARG A 719 10.72 49.15 -12.09
C ARG A 719 9.23 48.87 -11.88
N LEU A 720 8.81 48.85 -10.62
CA LEU A 720 7.43 48.57 -10.26
C LEU A 720 6.62 49.87 -10.08
N GLY A 721 5.43 49.75 -9.51
CA GLY A 721 4.63 50.92 -9.18
C GLY A 721 5.43 51.90 -8.34
N ASP A 722 5.17 53.19 -8.53
CA ASP A 722 5.91 54.26 -7.82
C ASP A 722 7.43 54.05 -7.88
N GLY A 723 8.07 54.14 -6.73
CA GLY A 723 9.52 53.95 -6.65
C GLY A 723 9.92 52.56 -6.20
N VAL A 724 9.01 51.61 -6.33
CA VAL A 724 9.29 50.22 -5.96
C VAL A 724 10.08 49.52 -7.06
N ILE A 725 11.14 48.83 -6.67
CA ILE A 725 12.02 48.18 -7.63
C ILE A 725 12.18 46.70 -7.31
N ALA A 726 11.96 45.85 -8.31
CA ALA A 726 12.14 44.41 -8.15
C ALA A 726 13.56 43.99 -8.53
N HIS A 727 14.32 43.60 -7.51
CA HIS A 727 15.73 43.29 -7.64
C HIS A 727 15.97 41.88 -8.13
N LYS A 728 17.14 41.66 -8.72
CA LYS A 728 17.52 40.33 -9.17
C LYS A 728 17.49 39.35 -8.02
N LEU A 729 17.23 38.10 -8.35
CA LEU A 729 17.33 37.01 -7.39
C LEU A 729 18.81 36.69 -7.22
N GLN A 730 19.21 36.36 -6.00
CA GLN A 730 20.61 36.11 -5.69
C GLN A 730 20.85 34.66 -5.32
N TYR A 731 21.81 34.03 -5.97
CA TYR A 731 22.14 32.64 -5.64
C TYR A 731 23.44 32.59 -4.88
N THR A 732 23.35 32.47 -3.57
CA THR A 732 24.49 32.43 -2.68
C THR A 732 24.79 31.07 -2.06
N PHE A 733 23.98 30.07 -2.38
CA PHE A 733 24.18 28.75 -1.80
C PHE A 733 24.41 27.68 -2.86
N HIS A 734 25.19 26.67 -2.51
CA HIS A 734 25.39 25.52 -3.37
C HIS A 734 24.16 24.64 -3.32
N ASP A 735 23.72 24.19 -4.49
CA ASP A 735 22.69 23.16 -4.48
C ASP A 735 23.40 21.84 -4.73
N VAL A 736 23.47 21.02 -3.69
CA VAL A 736 24.22 19.78 -3.77
C VAL A 736 23.56 18.81 -4.74
N LYS A 737 22.26 18.98 -4.96
CA LYS A 737 21.55 18.18 -5.93
C LYS A 737 21.74 18.65 -7.37
N ASN A 738 21.55 19.94 -7.61
CA ASN A 738 21.49 20.44 -8.99
C ASN A 738 22.81 20.93 -9.58
N GLY A 739 23.84 21.01 -8.75
CA GLY A 739 25.17 21.38 -9.22
C GLY A 739 25.33 22.83 -9.66
N TYR A 740 26.32 23.05 -10.51
CA TYR A 740 26.67 24.39 -10.97
C TYR A 740 26.08 24.63 -12.35
N SER A 741 25.72 25.88 -12.63
CA SER A 741 25.28 26.28 -13.98
C SER A 741 26.41 26.24 -15.00
N SER A 742 26.04 26.23 -16.28
CA SER A 742 27.02 26.32 -17.36
C SER A 742 27.99 27.46 -17.14
N THR A 743 27.48 28.60 -16.67
CA THR A 743 28.31 29.76 -16.39
C THR A 743 29.23 29.54 -15.20
N GLY A 744 28.85 28.64 -14.30
CA GLY A 744 29.61 28.39 -13.09
C GLY A 744 28.96 28.94 -11.82
N ALA A 745 27.78 29.53 -11.97
CA ALA A 745 27.06 30.08 -10.82
C ALA A 745 26.48 29.01 -9.92
N LEU A 746 26.17 29.39 -8.70
CA LEU A 746 25.46 28.53 -7.78
C LEU A 746 23.98 28.51 -8.16
N ARG A 747 23.31 27.40 -7.86
CA ARG A 747 21.88 27.32 -8.05
C ARG A 747 20.98 27.42 -6.79
N GLY A 748 21.57 27.53 -5.60
CA GLY A 748 20.79 27.62 -4.37
C GLY A 748 20.36 29.01 -3.91
N VAL A 749 19.13 29.10 -3.40
CA VAL A 749 18.65 30.32 -2.72
C VAL A 749 18.53 30.24 -1.18
N CYS A 750 18.80 29.08 -0.61
CA CYS A 750 18.71 28.89 0.83
C CYS A 750 19.72 27.85 1.30
N SER A 751 20.05 27.88 2.57
CA SER A 751 21.02 26.92 3.12
C SER A 751 20.51 25.48 3.06
N CYS A 752 19.20 25.31 2.93
CA CYS A 752 18.67 23.95 2.87
C CYS A 752 19.10 23.30 1.56
N ALA A 753 19.43 24.12 0.58
CA ALA A 753 19.95 23.62 -0.68
C ALA A 753 21.21 22.79 -0.44
N GLU A 754 21.92 23.12 0.64
CA GLU A 754 23.17 22.44 0.97
C GLU A 754 22.99 21.29 1.95
N GLY A 755 21.75 21.00 2.31
CA GLY A 755 21.46 19.92 3.24
C GLY A 755 21.51 20.42 4.67
N LYS A 756 21.69 21.73 4.83
CA LYS A 756 21.67 22.35 6.14
C LYS A 756 20.26 22.81 6.46
N ALA A 757 20.04 23.32 7.67
CA ALA A 757 18.72 23.75 8.05
C ALA A 757 18.43 25.11 7.44
N CYS A 758 17.16 25.36 7.11
CA CYS A 758 16.74 26.64 6.59
C CYS A 758 17.16 27.79 7.50
N ASP A 759 17.76 28.81 6.89
CA ASP A 759 18.06 30.05 7.59
C ASP A 759 17.07 31.12 7.18
N PRO A 760 16.24 31.57 8.12
CA PRO A 760 15.40 32.74 7.80
C PRO A 760 16.36 33.91 7.60
N GLU A 761 16.00 34.89 6.77
CA GLU A 761 16.91 35.94 6.36
C GLU A 761 17.71 35.52 5.13
N SER A 762 17.61 34.25 4.78
CA SER A 762 18.05 33.82 3.45
C SER A 762 16.92 34.13 2.51
N ARG A 763 15.75 34.41 3.09
CA ARG A 763 14.55 34.70 2.32
C ARG A 763 14.66 36.05 1.61
N GLN A 764 14.50 36.04 0.29
CA GLN A 764 14.57 37.27 -0.50
C GLN A 764 13.17 37.76 -0.89
N PHE A 765 12.98 39.08 -0.89
CA PHE A 765 11.66 39.65 -1.15
C PHE A 765 11.58 40.41 -2.47
N SER A 766 10.39 40.43 -3.05
CA SER A 766 10.11 41.19 -4.26
C SER A 766 11.11 40.93 -5.38
N THR A 767 11.31 39.65 -5.71
CA THR A 767 12.13 39.30 -6.86
C THR A 767 11.27 38.77 -8.01
N LEU A 768 11.64 39.13 -9.22
CA LEU A 768 10.85 38.70 -10.37
C LEU A 768 10.66 37.19 -10.35
N ILE A 769 11.77 36.46 -10.30
CA ILE A 769 11.74 35.02 -10.10
C ILE A 769 11.42 34.75 -8.63
N PRO A 770 10.23 34.21 -8.35
CA PRO A 770 9.77 34.05 -6.96
C PRO A 770 10.71 33.17 -6.16
N TRP A 771 11.09 33.64 -4.98
CA TRP A 771 12.09 32.97 -4.16
C TRP A 771 11.72 31.53 -3.77
N CYS A 772 10.47 31.33 -3.36
CA CYS A 772 9.98 30.04 -2.87
C CYS A 772 10.01 28.90 -3.89
N LEU A 773 9.94 29.24 -5.17
CA LEU A 773 9.97 28.19 -6.21
C LEU A 773 11.32 27.48 -6.37
N PRO A 774 12.41 28.24 -6.57
CA PRO A 774 13.70 27.55 -6.51
C PRO A 774 13.91 26.99 -5.12
N HIS A 775 13.38 27.69 -4.12
CA HIS A 775 13.46 27.21 -2.76
C HIS A 775 13.12 25.72 -2.61
N THR A 776 11.86 25.36 -2.84
CA THR A 776 11.40 23.96 -2.70
C THR A 776 11.29 23.13 -3.98
N GLY A 777 11.74 23.69 -5.10
CA GLY A 777 11.51 23.08 -6.39
C GLY A 777 11.87 21.61 -6.50
N ASN A 778 12.95 21.21 -5.86
CA ASN A 778 13.46 19.87 -6.11
C ASN A 778 12.52 18.77 -5.64
N ARG A 779 11.72 19.04 -4.62
CA ARG A 779 10.71 18.05 -4.19
C ARG A 779 9.30 18.32 -4.70
N HIS A 780 9.12 19.40 -5.45
CA HIS A 780 7.85 19.72 -6.11
C HIS A 780 7.69 19.51 -7.62
N ASN A 781 8.66 18.82 -8.22
CA ASN A 781 8.74 18.66 -9.68
C ASN A 781 8.96 20.02 -10.31
N HIS A 782 9.79 20.81 -9.64
CA HIS A 782 10.19 22.13 -10.12
C HIS A 782 8.99 23.08 -10.30
N TRP A 783 7.92 22.85 -9.55
CA TRP A 783 6.75 23.72 -9.60
C TRP A 783 6.33 24.00 -11.04
N ALA A 784 6.24 22.93 -11.83
CA ALA A 784 5.84 23.07 -13.23
C ALA A 784 4.46 23.70 -13.33
N GLY A 785 4.30 24.61 -14.28
CA GLY A 785 3.00 25.19 -14.56
C GLY A 785 2.68 26.46 -13.80
N LEU A 786 3.40 26.72 -12.71
CA LEU A 786 3.19 27.95 -11.94
C LEU A 786 3.60 29.17 -12.77
N TYR A 787 2.74 30.19 -12.77
CA TYR A 787 2.83 31.28 -13.76
C TYR A 787 2.89 30.69 -15.16
N GLY A 788 2.12 29.64 -15.39
CA GLY A 788 2.10 28.97 -16.68
C GLY A 788 1.00 29.47 -17.59
N ARG A 789 1.24 29.36 -18.88
CA ARG A 789 0.26 29.78 -19.87
C ARG A 789 -0.51 28.60 -20.44
N LEU A 790 -1.77 28.85 -20.76
CA LEU A 790 -2.52 27.97 -21.62
C LEU A 790 -1.95 28.09 -23.04
N GLU A 791 -2.16 27.06 -23.85
CA GLU A 791 -1.88 27.17 -25.28
C GLU A 791 -3.18 27.03 -26.06
N TRP A 792 -3.29 27.72 -27.20
CA TRP A 792 -4.50 27.68 -28.02
C TRP A 792 -4.96 26.27 -28.40
N ASP A 793 -4.01 25.43 -28.77
CA ASP A 793 -4.35 24.09 -29.25
C ASP A 793 -4.59 23.14 -28.09
N GLY A 794 -4.37 23.62 -26.87
CA GLY A 794 -4.40 22.76 -25.71
C GLY A 794 -5.69 22.73 -24.92
N PHE A 795 -5.56 22.42 -23.63
CA PHE A 795 -6.69 22.39 -22.73
C PHE A 795 -6.33 22.98 -21.36
N PHE A 796 -7.34 23.34 -20.57
CA PHE A 796 -7.13 23.89 -19.23
C PHE A 796 -6.71 22.79 -18.26
N SER A 797 -5.86 23.12 -17.30
CA SER A 797 -5.67 22.27 -16.13
C SER A 797 -6.90 22.39 -15.24
N THR A 798 -7.08 21.47 -14.30
CA THR A 798 -8.32 21.45 -13.54
C THR A 798 -8.64 22.81 -12.97
N THR A 799 -9.84 23.30 -13.28
CA THR A 799 -10.22 24.66 -12.93
C THR A 799 -10.62 24.71 -11.48
N VAL A 800 -9.90 25.50 -10.69
CA VAL A 800 -10.13 25.51 -9.25
C VAL A 800 -10.88 26.75 -8.80
N THR A 801 -11.06 26.89 -7.49
CA THR A 801 -11.90 27.94 -6.94
C THR A 801 -11.27 29.34 -6.97
N ASN A 802 -9.95 29.40 -7.03
CA ASN A 802 -9.23 30.67 -7.09
C ASN A 802 -8.00 30.67 -8.02
N PRO A 803 -8.13 31.08 -9.29
CA PRO A 803 -6.89 30.94 -10.09
C PRO A 803 -5.75 31.81 -9.55
N GLU A 804 -4.67 31.15 -9.14
CA GLU A 804 -3.49 31.79 -8.58
C GLU A 804 -2.21 31.33 -9.27
N PRO A 805 -1.48 32.26 -9.91
CA PRO A 805 -0.30 31.77 -10.63
C PRO A 805 0.76 31.11 -9.73
N MET A 806 0.75 31.41 -8.44
CA MET A 806 1.62 30.73 -7.47
C MET A 806 0.97 29.56 -6.71
N GLY A 807 -0.23 29.17 -7.14
CA GLY A 807 -0.90 28.01 -6.58
C GLY A 807 -0.43 26.68 -7.16
N LYS A 808 -0.67 25.59 -6.43
CA LYS A 808 -0.24 24.26 -6.86
C LYS A 808 -0.72 23.94 -8.26
N GLN A 809 -1.94 24.33 -8.60
CA GLN A 809 -2.34 24.27 -9.99
C GLN A 809 -2.28 25.68 -10.54
N GLY A 810 -1.15 25.98 -11.16
CA GLY A 810 -0.81 27.34 -11.48
C GLY A 810 -0.75 27.79 -12.92
N ARG A 811 -1.18 26.99 -13.90
CA ARG A 811 -1.07 27.58 -15.22
C ARG A 811 -2.44 28.14 -15.52
N VAL A 812 -2.61 29.35 -15.02
CA VAL A 812 -3.81 30.16 -15.15
C VAL A 812 -3.66 31.39 -16.04
N LEU A 813 -2.51 31.55 -16.70
CA LEU A 813 -2.28 32.68 -17.59
C LEU A 813 -2.98 32.51 -18.95
N HIS A 814 -3.40 33.64 -19.52
CA HIS A 814 -3.98 33.66 -20.86
C HIS A 814 -2.91 33.28 -21.88
N PRO A 815 -3.30 32.58 -22.95
CA PRO A 815 -2.34 32.17 -23.97
C PRO A 815 -1.57 33.34 -24.57
N GLU A 816 -2.16 34.53 -24.48
CA GLU A 816 -1.61 35.71 -25.14
C GLU A 816 -1.47 36.93 -24.24
N GLN A 817 -2.59 37.35 -23.67
CA GLN A 817 -2.61 38.54 -22.84
C GLN A 817 -1.89 38.30 -21.51
N HIS A 818 -1.38 39.36 -20.89
CA HIS A 818 -0.61 39.14 -19.68
C HIS A 818 -1.55 39.40 -18.50
N ARG A 819 -2.11 38.32 -17.99
CA ARG A 819 -3.18 38.39 -17.00
C ARG A 819 -3.67 36.97 -16.73
N VAL A 820 -4.35 36.77 -15.61
CA VAL A 820 -4.96 35.49 -15.33
C VAL A 820 -6.30 35.37 -16.06
N VAL A 821 -6.76 34.14 -16.27
CA VAL A 821 -8.03 33.92 -16.94
C VAL A 821 -9.18 34.63 -16.24
N SER A 822 -10.18 35.05 -17.01
CA SER A 822 -11.31 35.79 -16.47
C SER A 822 -12.35 34.83 -15.92
N VAL A 823 -13.38 35.37 -15.28
CA VAL A 823 -14.40 34.50 -14.71
C VAL A 823 -15.15 33.84 -15.86
N ARG A 824 -15.41 34.59 -16.91
CA ARG A 824 -16.05 34.06 -18.09
C ARG A 824 -15.25 32.89 -18.66
N GLU A 825 -13.94 33.06 -18.76
CA GLU A 825 -13.08 32.04 -19.34
C GLU A 825 -13.15 30.75 -18.53
N CYS A 826 -13.03 30.88 -17.21
CA CYS A 826 -13.19 29.74 -16.32
C CYS A 826 -14.57 29.06 -16.49
N ALA A 827 -15.62 29.88 -16.58
CA ALA A 827 -16.97 29.37 -16.78
C ALA A 827 -17.05 28.56 -18.08
N ARG A 828 -16.35 29.03 -19.10
CA ARG A 828 -16.32 28.35 -20.38
C ARG A 828 -15.59 27.01 -20.23
N SER A 829 -14.45 27.03 -19.55
CA SER A 829 -13.70 25.80 -19.31
C SER A 829 -14.56 24.73 -18.65
N GLN A 830 -15.61 25.16 -17.96
CA GLN A 830 -16.51 24.27 -17.24
C GLN A 830 -17.77 23.94 -18.04
N GLY A 831 -17.89 24.53 -19.22
CA GLY A 831 -19.02 24.27 -20.11
C GLY A 831 -20.34 24.92 -19.70
N PHE A 832 -20.26 25.93 -18.85
CA PHE A 832 -21.45 26.72 -18.50
C PHE A 832 -21.94 27.50 -19.73
N PRO A 833 -23.26 27.53 -19.96
CA PRO A 833 -23.82 28.45 -20.96
C PRO A 833 -23.50 29.90 -20.58
N ASP A 834 -23.26 30.78 -21.54
CA ASP A 834 -22.94 32.17 -21.21
C ASP A 834 -24.05 32.88 -20.44
N SER A 835 -25.25 32.32 -20.53
CA SER A 835 -26.39 32.91 -19.85
C SER A 835 -26.47 32.56 -18.38
N TYR A 836 -25.72 31.55 -17.94
CA TYR A 836 -25.75 31.16 -16.52
C TYR A 836 -25.25 32.30 -15.63
N ARG A 837 -26.02 32.62 -14.60
CA ARG A 837 -25.70 33.76 -13.74
C ARG A 837 -24.88 33.34 -12.51
N PHE A 838 -23.88 34.15 -12.17
CA PHE A 838 -23.12 33.96 -10.94
C PHE A 838 -23.35 35.17 -10.05
N PHE A 839 -23.07 35.00 -8.75
CA PHE A 839 -23.38 36.05 -7.77
C PHE A 839 -22.18 36.47 -6.95
N GLY A 840 -22.10 37.75 -6.61
CA GLY A 840 -21.10 38.24 -5.68
C GLY A 840 -19.89 38.87 -6.32
N ASN A 841 -18.80 38.98 -5.54
CA ASN A 841 -17.56 39.58 -6.04
C ASN A 841 -16.77 38.61 -6.90
N ILE A 842 -15.67 39.08 -7.47
CA ILE A 842 -14.94 38.30 -8.46
C ILE A 842 -14.43 36.97 -7.88
N LEU A 843 -13.89 37.01 -6.67
CA LEU A 843 -13.46 35.81 -5.96
C LEU A 843 -14.64 34.86 -5.73
N ASP A 844 -15.79 35.42 -5.41
CA ASP A 844 -16.98 34.62 -5.22
C ASP A 844 -17.34 33.89 -6.50
N ARG A 845 -17.37 34.59 -7.63
CA ARG A 845 -17.83 33.96 -8.85
C ARG A 845 -16.82 32.91 -9.31
N HIS A 846 -15.54 33.26 -9.24
CA HIS A 846 -14.48 32.29 -9.49
C HIS A 846 -14.72 31.03 -8.66
N ARG A 847 -15.04 31.19 -7.38
CA ARG A 847 -15.22 30.02 -6.51
C ARG A 847 -16.46 29.21 -6.87
N GLN A 848 -17.55 29.89 -7.25
CA GLN A 848 -18.75 29.19 -7.70
C GLN A 848 -18.48 28.37 -8.95
N VAL A 849 -17.67 28.93 -9.83
CA VAL A 849 -17.33 28.27 -11.09
C VAL A 849 -16.43 27.06 -10.81
N GLY A 850 -15.37 27.30 -10.05
CA GLY A 850 -14.41 26.27 -9.69
C GLY A 850 -15.03 25.09 -8.98
N ASN A 851 -16.01 25.35 -8.12
CA ASN A 851 -16.65 24.26 -7.37
C ASN A 851 -17.53 23.34 -8.21
N ALA A 852 -18.00 23.83 -9.36
CA ALA A 852 -19.10 23.16 -10.06
C ALA A 852 -18.76 21.87 -10.80
N VAL A 853 -19.73 20.96 -10.87
CA VAL A 853 -19.69 19.89 -11.86
C VAL A 853 -19.94 20.48 -13.26
N PRO A 854 -19.03 20.25 -14.21
CA PRO A 854 -19.30 20.81 -15.53
C PRO A 854 -20.67 20.34 -16.05
N PRO A 855 -21.49 21.28 -16.52
CA PRO A 855 -22.79 20.83 -17.04
C PRO A 855 -22.69 19.73 -18.13
N PRO A 856 -21.70 19.79 -19.01
CA PRO A 856 -21.70 18.70 -20.00
C PRO A 856 -21.55 17.29 -19.39
N LEU A 857 -20.75 17.18 -18.33
CA LEU A 857 -20.58 15.91 -17.63
C LEU A 857 -21.89 15.47 -17.02
N ALA A 858 -22.47 16.38 -16.25
CA ALA A 858 -23.76 16.15 -15.63
C ALA A 858 -24.80 15.74 -16.66
N LYS A 859 -24.81 16.42 -17.80
CA LYS A 859 -25.72 16.06 -18.88
C LYS A 859 -25.52 14.62 -19.34
N ALA A 860 -24.27 14.23 -19.58
CA ALA A 860 -24.01 12.84 -19.98
C ALA A 860 -24.54 11.81 -18.97
N ILE A 861 -24.23 12.05 -17.70
CA ILE A 861 -24.67 11.14 -16.64
C ILE A 861 -26.20 11.09 -16.64
N GLY A 862 -26.80 12.28 -16.75
CA GLY A 862 -28.24 12.43 -16.71
C GLY A 862 -28.91 11.65 -17.82
N LEU A 863 -28.32 11.68 -19.01
CA LEU A 863 -28.85 10.91 -20.14
C LEU A 863 -28.79 9.41 -19.86
N GLU A 864 -27.74 8.96 -19.18
CA GLU A 864 -27.77 7.55 -18.76
C GLU A 864 -28.96 7.26 -17.83
N ILE A 865 -29.17 8.16 -16.86
CA ILE A 865 -30.33 8.00 -15.98
C ILE A 865 -31.66 7.97 -16.77
N LYS A 866 -31.77 8.86 -17.75
CA LYS A 866 -32.95 8.88 -18.60
C LYS A 866 -33.13 7.53 -19.27
N LEU A 867 -32.04 6.98 -19.77
CA LEU A 867 -32.07 5.62 -20.32
C LEU A 867 -32.74 4.66 -19.34
N CYS A 868 -32.40 4.77 -18.06
CA CYS A 868 -33.09 3.90 -17.10
C CYS A 868 -34.57 4.22 -16.89
N LEU A 869 -34.95 5.50 -16.96
CA LEU A 869 -36.36 5.85 -16.80
C LEU A 869 -37.27 5.15 -17.81
N LEU A 870 -36.78 4.99 -19.04
CA LEU A 870 -37.47 4.21 -20.04
C LEU A 870 -37.24 2.73 -19.72
N SER A 871 -38.24 1.89 -20.03
CA SER A 871 -38.16 0.46 -19.72
C SER A 871 -37.69 0.22 -18.28
N ASP B 3 -36.70 -6.55 23.24
CA ASP B 3 -37.96 -6.13 23.82
C ASP B 3 -37.89 -6.15 25.34
N ARG B 4 -38.74 -6.96 25.97
CA ARG B 4 -38.72 -7.09 27.42
C ARG B 4 -37.97 -8.35 27.86
N ILE B 5 -37.19 -8.19 28.92
CA ILE B 5 -36.38 -9.27 29.46
C ILE B 5 -36.80 -9.52 30.91
N SER B 6 -36.77 -10.78 31.34
CA SER B 6 -37.16 -11.10 32.71
C SER B 6 -36.28 -12.19 33.30
N TRP B 7 -35.87 -12.00 34.55
CA TRP B 7 -34.97 -12.94 35.21
C TRP B 7 -35.57 -14.34 35.32
N LEU B 8 -34.71 -15.35 35.31
CA LEU B 8 -35.12 -16.74 35.37
C LEU B 8 -34.41 -17.47 36.51
N GLY B 9 -35.18 -18.03 37.43
CA GLY B 9 -34.61 -18.70 38.59
C GLY B 9 -34.24 -17.70 39.67
N GLN B 10 -33.67 -18.21 40.76
CA GLN B 10 -33.24 -17.35 41.86
C GLN B 10 -31.98 -16.59 41.49
N PRO B 11 -31.88 -15.32 41.93
CA PRO B 11 -30.59 -14.62 41.82
C PRO B 11 -29.51 -15.37 42.59
N MET B 12 -28.25 -15.25 42.17
CA MET B 12 -27.15 -15.99 42.77
C MET B 12 -26.07 -15.06 43.32
N LYS B 13 -25.45 -15.47 44.43
CA LYS B 13 -24.31 -14.74 44.99
C LYS B 13 -24.53 -13.22 44.94
N ILE B 14 -25.43 -12.73 45.79
CA ILE B 14 -25.78 -11.31 45.80
C ILE B 14 -24.72 -10.43 46.45
N GLU B 15 -24.28 -9.42 45.70
CA GLU B 15 -23.30 -8.45 46.18
C GLU B 15 -23.99 -7.31 46.93
N GLU B 16 -23.24 -6.24 47.14
CA GLU B 16 -23.76 -5.04 47.78
C GLU B 16 -24.75 -4.35 46.84
N ASN B 17 -24.25 -3.83 45.73
CA ASN B 17 -25.09 -3.15 44.73
C ASN B 17 -25.49 -4.07 43.57
N ARG B 18 -25.10 -5.33 43.66
CA ARG B 18 -25.31 -6.27 42.55
C ARG B 18 -26.02 -7.56 42.95
N THR B 19 -27.04 -7.90 42.16
CA THR B 19 -27.69 -9.21 42.27
C THR B 19 -27.42 -9.99 40.98
N TYR B 20 -26.58 -11.02 41.09
CA TYR B 20 -26.16 -11.81 39.92
C TYR B 20 -27.11 -12.96 39.63
N TYR B 21 -27.49 -13.10 38.35
CA TYR B 21 -28.35 -14.19 37.92
C TYR B 21 -27.58 -15.11 36.98
N GLN B 22 -27.90 -16.40 36.98
CA GLN B 22 -27.26 -17.35 36.08
C GLN B 22 -28.09 -17.60 34.83
N LYS B 23 -29.26 -16.98 34.75
CA LYS B 23 -30.16 -17.14 33.61
C LYS B 23 -31.08 -15.93 33.40
N VAL B 24 -31.49 -15.71 32.15
CA VAL B 24 -32.37 -14.60 31.83
C VAL B 24 -33.17 -14.88 30.56
N SER B 25 -34.39 -14.35 30.48
CA SER B 25 -35.23 -14.58 29.30
C SER B 25 -35.43 -13.31 28.48
N ILE B 26 -34.96 -13.35 27.24
CA ILE B 26 -35.09 -12.22 26.32
C ILE B 26 -35.90 -12.61 25.09
N ASP B 27 -37.04 -11.94 24.91
CA ASP B 27 -37.87 -12.18 23.74
C ASP B 27 -38.21 -13.67 23.59
N GLU B 28 -38.72 -14.25 24.66
CA GLU B 28 -39.14 -15.65 24.67
C GLU B 28 -37.99 -16.57 24.28
N GLU B 29 -36.81 -16.24 24.81
CA GLU B 29 -35.60 -17.00 24.58
C GLU B 29 -34.85 -17.14 25.89
N MET B 30 -34.28 -18.31 26.14
CA MET B 30 -33.58 -18.59 27.39
C MET B 30 -32.07 -18.39 27.25
N LEU B 31 -31.48 -17.76 28.26
CA LEU B 31 -30.05 -17.44 28.26
C LEU B 31 -29.42 -17.90 29.57
N GLU B 32 -28.26 -18.52 29.48
CA GLU B 32 -27.55 -18.99 30.67
C GLU B 32 -26.14 -18.41 30.69
N VAL B 33 -25.49 -18.45 31.84
CA VAL B 33 -24.10 -18.04 31.91
C VAL B 33 -23.23 -19.08 31.20
N GLY B 34 -22.43 -18.61 30.25
CA GLY B 34 -21.61 -19.51 29.44
C GLY B 34 -22.08 -19.62 28.00
N ASP B 35 -23.28 -19.13 27.71
CA ASP B 35 -23.78 -19.13 26.34
C ASP B 35 -23.15 -17.96 25.59
N CYS B 36 -23.44 -17.83 24.30
CA CYS B 36 -22.81 -16.78 23.51
C CYS B 36 -23.79 -15.89 22.76
N VAL B 37 -23.32 -14.72 22.33
CA VAL B 37 -24.19 -13.64 21.90
C VAL B 37 -23.54 -12.76 20.83
N SER B 38 -24.35 -12.11 20.01
CA SER B 38 -23.85 -11.09 19.09
C SER B 38 -24.35 -9.70 19.50
N VAL B 39 -23.58 -8.67 19.16
CA VAL B 39 -23.94 -7.28 19.45
C VAL B 39 -23.44 -6.36 18.33
N ILE B 40 -24.21 -5.32 18.02
CA ILE B 40 -23.90 -4.42 16.93
C ILE B 40 -23.05 -3.21 17.34
N PRO B 41 -21.96 -2.96 16.57
CA PRO B 41 -21.03 -1.84 16.76
C PRO B 41 -21.61 -0.51 16.28
N ASP B 42 -21.26 0.58 16.95
CA ASP B 42 -21.69 1.90 16.54
C ASP B 42 -20.55 2.60 15.80
N ASP B 43 -19.48 2.83 16.55
CA ASP B 43 -18.29 3.51 16.06
C ASP B 43 -17.50 2.69 15.05
N SER B 44 -17.35 1.40 15.34
CA SER B 44 -16.44 0.52 14.60
C SER B 44 -16.70 0.47 13.10
N SER B 45 -15.61 0.28 12.35
CA SER B 45 -15.68 -0.03 10.93
C SER B 45 -16.03 -1.52 10.77
N LYS B 46 -15.79 -2.29 11.83
CA LYS B 46 -16.14 -3.71 11.85
C LYS B 46 -17.65 -3.92 11.90
N PRO B 47 -18.16 -4.87 11.09
CA PRO B 47 -19.59 -5.12 10.86
C PRO B 47 -20.36 -5.63 12.08
N LEU B 48 -19.73 -6.45 12.92
CA LEU B 48 -20.45 -7.10 14.01
C LEU B 48 -19.53 -7.52 15.14
N TYR B 49 -20.10 -7.81 16.31
CA TYR B 49 -19.34 -8.36 17.44
C TYR B 49 -19.98 -9.64 17.99
N LEU B 50 -19.14 -10.55 18.48
CA LEU B 50 -19.61 -11.76 19.13
C LEU B 50 -18.93 -11.84 20.50
N ALA B 51 -19.46 -12.65 21.41
CA ALA B 51 -18.96 -12.64 22.78
C ALA B 51 -19.62 -13.68 23.67
N ARG B 52 -19.04 -13.88 24.85
CA ARG B 52 -19.58 -14.84 25.79
C ARG B 52 -20.10 -14.16 27.05
N VAL B 53 -21.06 -14.82 27.69
CA VAL B 53 -21.73 -14.30 28.89
C VAL B 53 -21.20 -14.93 30.16
N THR B 54 -20.76 -14.07 31.08
CA THR B 54 -20.17 -14.48 32.34
C THR B 54 -20.98 -14.00 33.54
N ALA B 55 -21.15 -12.68 33.64
CA ALA B 55 -22.01 -12.10 34.67
C ALA B 55 -23.37 -11.66 34.11
N LEU B 56 -24.46 -12.05 34.80
CA LEU B 56 -25.82 -11.59 34.48
C LEU B 56 -26.49 -10.52 35.35
N TRP B 57 -25.78 -9.94 36.33
CA TRP B 57 -26.40 -9.17 37.41
C TRP B 57 -27.37 -8.04 37.03
N GLU B 58 -28.35 -7.81 37.90
CA GLU B 58 -29.20 -6.62 37.82
C GLU B 58 -28.71 -5.54 38.79
N ASP B 59 -28.71 -4.30 38.33
CA ASP B 59 -28.21 -3.18 39.11
C ASP B 59 -29.23 -2.62 40.09
N LYS B 60 -28.77 -2.17 41.25
CA LYS B 60 -29.63 -1.48 42.20
C LYS B 60 -30.23 -0.25 41.51
N ASN B 61 -29.51 0.28 40.53
CA ASN B 61 -30.01 1.36 39.70
C ASN B 61 -31.21 0.86 38.88
N GLY B 62 -31.44 -0.45 38.91
CA GLY B 62 -32.60 -1.04 38.27
C GLY B 62 -32.35 -1.65 36.90
N GLN B 63 -31.25 -1.26 36.26
CA GLN B 63 -30.95 -1.72 34.90
C GLN B 63 -30.55 -3.19 34.88
N MET B 64 -30.69 -3.81 33.72
CA MET B 64 -30.37 -5.23 33.56
C MET B 64 -29.09 -5.42 32.75
N MET B 65 -28.10 -6.04 33.39
CA MET B 65 -26.74 -6.05 32.88
C MET B 65 -26.16 -7.45 32.70
N PHE B 66 -25.12 -7.55 31.87
CA PHE B 66 -24.33 -8.77 31.74
C PHE B 66 -22.90 -8.44 31.34
N HIS B 67 -21.99 -9.38 31.57
CA HIS B 67 -20.60 -9.21 31.19
C HIS B 67 -20.27 -9.94 29.90
N ALA B 68 -19.78 -9.19 28.92
CA ALA B 68 -19.39 -9.72 27.62
C ALA B 68 -17.87 -9.88 27.52
N HIS B 69 -17.43 -11.13 27.40
CA HIS B 69 -16.04 -11.40 27.07
C HIS B 69 -15.98 -11.61 25.55
N TRP B 70 -15.44 -10.61 24.86
CA TRP B 70 -15.47 -10.60 23.40
C TRP B 70 -14.65 -11.71 22.79
N PHE B 71 -15.16 -12.25 21.68
CA PHE B 71 -14.36 -13.11 20.82
C PHE B 71 -13.71 -12.23 19.76
N CYS B 72 -12.87 -12.82 18.93
CA CYS B 72 -12.21 -12.11 17.85
C CYS B 72 -12.36 -12.90 16.55
N ALA B 73 -12.82 -12.25 15.49
CA ALA B 73 -12.92 -12.94 14.21
C ALA B 73 -11.52 -13.02 13.60
N GLY B 74 -11.22 -14.13 12.95
CA GLY B 74 -9.90 -14.32 12.35
C GLY B 74 -9.57 -13.15 11.45
N THR B 75 -10.61 -12.47 10.99
CA THR B 75 -10.46 -11.31 10.14
C THR B 75 -9.85 -10.15 10.93
N ASP B 76 -10.07 -10.14 12.23
CA ASP B 76 -9.58 -9.08 13.08
C ASP B 76 -8.12 -9.29 13.50
N THR B 77 -7.54 -10.40 13.10
CA THR B 77 -6.18 -10.72 13.47
C THR B 77 -5.21 -10.51 12.31
N VAL B 78 -3.94 -10.78 12.57
CA VAL B 78 -2.92 -10.70 11.53
C VAL B 78 -3.28 -11.65 10.38
N LEU B 79 -4.06 -12.67 10.67
CA LEU B 79 -4.53 -13.60 9.65
C LEU B 79 -5.28 -12.87 8.52
N GLY B 80 -6.20 -11.98 8.87
CA GLY B 80 -6.93 -11.22 7.88
C GLY B 80 -7.93 -12.06 7.08
N ALA B 81 -8.04 -11.75 5.79
CA ALA B 81 -9.03 -12.40 4.94
C ALA B 81 -8.76 -13.89 4.72
N THR B 82 -7.58 -14.35 5.07
CA THR B 82 -7.24 -15.76 4.86
C THR B 82 -7.88 -16.67 5.91
N SER B 83 -8.23 -16.10 7.06
CA SER B 83 -8.76 -16.89 8.18
C SER B 83 -10.01 -17.65 7.84
N ASP B 84 -10.19 -18.82 8.46
CA ASP B 84 -11.45 -19.53 8.37
C ASP B 84 -12.53 -18.74 9.10
N PRO B 85 -13.54 -18.27 8.36
CA PRO B 85 -14.62 -17.41 8.85
C PRO B 85 -15.46 -18.05 9.97
N LEU B 86 -15.36 -19.36 10.15
CA LEU B 86 -16.05 -20.02 11.26
C LEU B 86 -15.18 -20.06 12.51
N GLU B 87 -13.94 -19.60 12.39
CA GLU B 87 -13.03 -19.63 13.54
C GLU B 87 -12.94 -18.30 14.27
N LEU B 88 -12.94 -18.38 15.59
CA LEU B 88 -12.85 -17.21 16.44
C LEU B 88 -11.73 -17.44 17.43
N PHE B 89 -11.15 -16.35 17.94
CA PHE B 89 -10.07 -16.46 18.90
C PHE B 89 -10.42 -15.71 20.18
N LEU B 90 -10.06 -16.30 21.32
CA LEU B 90 -10.17 -15.62 22.60
C LEU B 90 -9.31 -14.35 22.59
N VAL B 91 -9.78 -13.29 23.25
CA VAL B 91 -9.01 -12.06 23.43
C VAL B 91 -9.20 -11.46 24.83
N GLY B 92 -8.36 -10.49 25.15
CA GLY B 92 -8.41 -9.79 26.41
C GLY B 92 -9.34 -8.59 26.40
N GLU B 93 -10.34 -8.63 25.53
CA GLU B 93 -11.36 -7.59 25.49
C GLU B 93 -12.63 -8.04 26.23
N CYS B 94 -13.13 -7.19 27.10
CA CYS B 94 -14.40 -7.47 27.77
C CYS B 94 -15.01 -6.19 28.31
N GLU B 95 -16.32 -6.23 28.57
CA GLU B 95 -16.99 -5.11 29.23
C GLU B 95 -18.40 -5.41 29.72
N ASN B 96 -19.02 -4.42 30.36
CA ASN B 96 -20.37 -4.55 30.89
C ASN B 96 -21.37 -4.02 29.87
N MET B 97 -22.54 -4.65 29.77
CA MET B 97 -23.51 -4.23 28.77
C MET B 97 -24.95 -4.52 29.18
N GLN B 98 -25.88 -3.68 28.73
CA GLN B 98 -27.31 -3.93 28.96
C GLN B 98 -27.86 -4.96 27.98
N LEU B 99 -28.70 -5.87 28.47
CA LEU B 99 -29.22 -6.96 27.65
C LEU B 99 -30.02 -6.48 26.43
N SER B 100 -30.38 -5.21 26.43
CA SER B 100 -31.14 -4.63 25.33
C SER B 100 -30.36 -4.64 24.02
N TYR B 101 -29.05 -4.81 24.11
CA TYR B 101 -28.17 -4.73 22.94
C TYR B 101 -27.91 -6.08 22.25
N ILE B 102 -28.36 -7.17 22.87
CA ILE B 102 -28.14 -8.49 22.29
C ILE B 102 -28.97 -8.62 21.01
N HIS B 103 -28.28 -8.86 19.89
CA HIS B 103 -28.96 -9.09 18.61
C HIS B 103 -29.48 -10.51 18.50
N SER B 104 -28.72 -11.46 19.06
CA SER B 104 -29.09 -12.87 18.99
C SER B 104 -28.11 -13.77 19.72
N LYS B 105 -28.58 -14.96 20.05
CA LYS B 105 -27.77 -15.94 20.76
C LYS B 105 -27.11 -16.85 19.73
N VAL B 106 -25.82 -17.13 19.91
CA VAL B 106 -25.07 -17.93 18.94
C VAL B 106 -24.35 -19.10 19.60
N LYS B 107 -24.00 -20.10 18.79
CA LYS B 107 -23.33 -21.28 19.30
C LYS B 107 -21.85 -21.34 18.91
N VAL B 108 -20.98 -21.13 19.89
CA VAL B 108 -19.55 -21.21 19.69
C VAL B 108 -19.03 -22.48 20.32
N ILE B 109 -18.29 -23.26 19.53
CA ILE B 109 -17.75 -24.53 19.97
C ILE B 109 -16.26 -24.40 20.25
N TYR B 110 -15.78 -25.20 21.19
CA TYR B 110 -14.35 -25.27 21.47
C TYR B 110 -13.76 -26.55 20.90
N LYS B 111 -12.91 -26.42 19.89
CA LYS B 111 -12.23 -27.59 19.35
C LYS B 111 -10.88 -27.80 20.06
N ALA B 112 -10.82 -28.83 20.88
CA ALA B 112 -9.61 -29.15 21.60
C ALA B 112 -8.79 -30.15 20.78
N PRO B 113 -7.49 -29.89 20.64
CA PRO B 113 -6.61 -30.84 19.97
C PRO B 113 -6.80 -32.23 20.57
N SER B 114 -6.92 -33.25 19.73
CA SER B 114 -7.20 -34.61 20.20
C SER B 114 -6.01 -35.26 20.90
N GLU B 115 -6.28 -36.24 21.75
CA GLU B 115 -5.18 -36.99 22.38
C GLU B 115 -4.33 -37.67 21.30
N ASN B 116 -4.86 -37.72 20.08
CA ASN B 116 -4.15 -38.27 18.92
C ASN B 116 -3.47 -37.23 18.02
N TRP B 117 -3.47 -35.97 18.43
CA TRP B 117 -2.99 -34.85 17.61
C TRP B 117 -1.63 -35.06 16.94
N ALA B 118 -0.67 -35.60 17.70
CA ALA B 118 0.69 -35.80 17.18
C ALA B 118 0.76 -36.81 16.03
N MET B 119 -0.24 -37.66 15.90
CA MET B 119 -0.26 -38.67 14.84
C MET B 119 -1.10 -38.34 13.61
N GLU B 120 -1.81 -37.20 13.65
CA GLU B 120 -2.71 -36.83 12.56
C GLU B 120 -1.97 -36.08 11.46
N GLY B 121 -2.71 -35.57 10.48
CA GLY B 121 -2.11 -34.79 9.41
C GLY B 121 -1.20 -35.56 8.47
N GLY B 122 -1.74 -36.62 7.87
CA GLY B 122 -1.03 -37.36 6.84
C GLY B 122 -1.71 -37.19 5.50
N GLY B 135 -20.34 -29.62 13.28
CA GLY B 135 -21.35 -29.06 12.39
C GLY B 135 -20.79 -27.88 11.62
N LYS B 136 -21.69 -27.10 11.01
CA LYS B 136 -21.28 -25.84 10.41
C LYS B 136 -21.69 -24.76 11.40
N THR B 137 -20.69 -24.24 12.10
CA THR B 137 -20.90 -23.37 13.26
C THR B 137 -19.63 -22.59 13.56
N TYR B 138 -19.68 -21.76 14.61
CA TYR B 138 -18.52 -21.03 15.08
C TYR B 138 -17.66 -21.91 15.99
N PHE B 139 -16.35 -21.71 15.96
CA PHE B 139 -15.45 -22.43 16.86
C PHE B 139 -14.17 -21.65 17.16
N PHE B 140 -13.56 -21.98 18.30
CA PHE B 140 -12.31 -21.35 18.70
C PHE B 140 -11.39 -22.40 19.32
N GLN B 141 -10.14 -22.46 18.86
CA GLN B 141 -9.11 -23.25 19.54
C GLN B 141 -8.07 -22.45 20.34
N LEU B 142 -8.02 -21.15 20.16
CA LEU B 142 -6.85 -20.39 20.62
C LEU B 142 -7.11 -18.99 21.12
N TRP B 143 -6.23 -18.51 21.99
CA TRP B 143 -6.26 -17.15 22.48
C TRP B 143 -5.31 -16.27 21.69
N TYR B 144 -5.78 -15.12 21.23
CA TYR B 144 -4.98 -14.22 20.41
C TYR B 144 -4.59 -12.97 21.17
N ASN B 145 -3.32 -12.62 21.08
CA ASN B 145 -2.82 -11.40 21.68
C ASN B 145 -2.53 -10.39 20.59
N GLN B 146 -3.37 -9.36 20.51
CA GLN B 146 -3.39 -8.46 19.36
C GLN B 146 -2.08 -7.70 19.13
N GLU B 147 -1.44 -7.28 20.23
CA GLU B 147 -0.24 -6.46 20.15
C GLU B 147 0.99 -7.19 19.59
N TYR B 148 1.19 -8.42 20.06
CA TYR B 148 2.36 -9.21 19.71
C TYR B 148 2.15 -10.26 18.62
N ALA B 149 0.91 -10.39 18.16
CA ALA B 149 0.55 -11.46 17.24
C ALA B 149 0.93 -12.85 17.78
N ARG B 150 0.45 -13.18 18.97
CA ARG B 150 0.69 -14.50 19.54
C ARG B 150 -0.59 -15.36 19.64
N PHE B 151 -0.59 -16.49 18.98
CA PHE B 151 -1.67 -17.45 19.11
C PHE B 151 -1.24 -18.50 20.14
N GLU B 152 -1.96 -18.56 21.26
CA GLU B 152 -1.54 -19.44 22.35
C GLU B 152 -2.68 -20.29 22.87
N SER B 153 -2.34 -21.41 23.49
CA SER B 153 -3.36 -22.24 24.12
C SER B 153 -4.13 -21.42 25.14
N PRO B 154 -5.41 -21.73 25.32
CA PRO B 154 -6.25 -21.00 26.27
C PRO B 154 -5.86 -21.30 27.72
N PRO B 155 -6.15 -20.37 28.64
CA PRO B 155 -5.88 -20.56 30.06
C PRO B 155 -6.61 -21.78 30.57
N LYS B 156 -5.95 -22.61 31.36
CA LYS B 156 -6.58 -23.78 31.94
C LYS B 156 -7.33 -23.40 33.22
N THR B 157 -7.28 -22.12 33.57
CA THR B 157 -7.86 -21.60 34.80
C THR B 157 -9.35 -21.96 34.97
N GLN B 158 -9.73 -22.24 36.21
CA GLN B 158 -11.09 -22.64 36.54
C GLN B 158 -11.68 -21.77 37.64
N PRO B 159 -13.02 -21.65 37.67
CA PRO B 159 -13.74 -20.99 38.77
C PRO B 159 -13.78 -21.88 40.01
N THR B 160 -13.88 -21.28 41.19
CA THR B 160 -13.85 -22.07 42.43
C THR B 160 -15.20 -22.12 43.13
N GLU B 161 -15.51 -21.05 43.86
CA GLU B 161 -16.76 -20.93 44.60
C GLU B 161 -17.37 -19.57 44.34
N ASP B 162 -16.64 -18.54 44.77
CA ASP B 162 -17.11 -17.16 44.64
C ASP B 162 -16.85 -16.63 43.23
N ASN B 163 -16.20 -17.44 42.40
CA ASN B 163 -15.92 -17.07 41.01
C ASN B 163 -17.11 -17.31 40.09
N LYS B 164 -17.83 -18.40 40.34
CA LYS B 164 -18.81 -18.92 39.39
C LYS B 164 -19.75 -17.86 38.82
N HIS B 165 -20.08 -16.85 39.62
CA HIS B 165 -21.02 -15.84 39.17
C HIS B 165 -20.45 -14.84 38.14
N LYS B 166 -19.32 -14.23 38.47
CA LYS B 166 -18.70 -13.22 37.62
C LYS B 166 -17.51 -13.67 36.75
N PHE B 167 -17.14 -14.94 36.85
CA PHE B 167 -15.84 -15.41 36.36
C PHE B 167 -15.57 -15.01 34.90
N CYS B 168 -14.47 -14.28 34.70
CA CYS B 168 -14.06 -13.82 33.36
C CYS B 168 -12.56 -13.94 33.16
N LEU B 169 -12.14 -14.71 32.17
CA LEU B 169 -10.72 -14.90 31.86
C LEU B 169 -10.03 -13.58 31.52
N SER B 170 -10.71 -12.73 30.76
CA SER B 170 -10.14 -11.45 30.37
C SER B 170 -9.86 -10.59 31.61
N CYS B 171 -10.82 -10.57 32.53
CA CYS B 171 -10.69 -9.79 33.76
C CYS B 171 -9.54 -10.30 34.60
N ILE B 172 -9.46 -11.62 34.76
CA ILE B 172 -8.38 -12.24 35.50
C ILE B 172 -7.02 -11.91 34.90
N ARG B 173 -6.89 -12.05 33.58
CA ARG B 173 -5.64 -11.79 32.88
C ARG B 173 -5.21 -10.33 33.04
N LEU B 174 -6.18 -9.42 32.96
CA LEU B 174 -5.93 -7.99 33.12
C LEU B 174 -5.48 -7.65 34.54
N ALA B 175 -6.19 -8.20 35.51
CA ALA B 175 -5.91 -7.99 36.92
C ALA B 175 -4.52 -8.48 37.27
N GLU B 176 -4.24 -9.72 36.89
CA GLU B 176 -2.94 -10.34 37.14
C GLU B 176 -1.83 -9.51 36.50
N LEU B 177 -2.05 -9.11 35.25
CA LEU B 177 -1.05 -8.33 34.53
C LEU B 177 -0.68 -7.04 35.27
N ARG B 178 -1.69 -6.21 35.56
CA ARG B 178 -1.38 -4.92 36.18
C ARG B 178 -0.92 -5.06 37.62
N GLN B 179 -1.32 -6.15 38.27
CA GLN B 179 -0.80 -6.45 39.59
C GLN B 179 0.69 -6.75 39.52
N LYS B 180 1.07 -7.53 38.50
CA LYS B 180 2.46 -7.93 38.29
C LYS B 180 3.37 -6.76 37.96
N GLU B 181 2.88 -5.83 37.14
CA GLU B 181 3.77 -4.75 36.71
C GLU B 181 3.82 -3.55 37.67
N MET B 182 2.91 -3.49 38.64
CA MET B 182 2.89 -2.35 39.53
C MET B 182 3.96 -2.45 40.62
N PRO B 183 4.66 -1.35 40.87
CA PRO B 183 5.70 -1.32 41.90
C PRO B 183 5.04 -1.48 43.26
N LYS B 184 5.60 -2.35 44.07
CA LYS B 184 5.07 -2.60 45.40
C LYS B 184 6.23 -2.66 46.40
N VAL B 185 6.06 -2.02 47.54
CA VAL B 185 7.02 -2.18 48.63
C VAL B 185 6.75 -3.51 49.32
N LEU B 186 7.80 -4.32 49.47
CA LEU B 186 7.68 -5.63 50.08
C LEU B 186 7.98 -5.60 51.58
N GLU B 187 9.21 -5.22 51.93
CA GLU B 187 9.60 -5.14 53.34
C GLU B 187 10.07 -3.74 53.72
N GLN B 188 9.37 -3.18 54.71
CA GLN B 188 9.68 -1.88 55.31
C GLN B 188 10.52 -2.04 56.56
N ILE B 189 11.43 -1.09 56.78
CA ILE B 189 12.31 -1.09 57.94
C ILE B 189 11.79 -0.11 58.99
N GLU B 190 11.90 1.18 58.67
CA GLU B 190 11.58 2.23 59.63
C GLU B 190 10.94 3.46 58.96
N GLU B 191 10.14 4.19 59.73
CA GLU B 191 9.56 5.44 59.26
C GLU B 191 10.21 6.59 60.00
N VAL B 192 10.64 7.61 59.27
CA VAL B 192 11.23 8.79 59.88
C VAL B 192 10.74 10.09 59.24
N ASP B 193 10.03 10.91 60.01
CA ASP B 193 9.58 12.21 59.53
C ASP B 193 8.92 12.14 58.16
N GLY B 194 8.11 11.11 57.93
CA GLY B 194 7.37 10.99 56.68
C GLY B 194 8.08 10.16 55.63
N ARG B 195 9.34 9.81 55.88
CA ARG B 195 10.12 9.00 54.95
C ARG B 195 10.27 7.56 55.45
N VAL B 196 9.90 6.61 54.59
CA VAL B 196 10.00 5.19 54.89
C VAL B 196 11.20 4.57 54.20
N TYR B 197 12.08 3.98 55.00
CA TYR B 197 13.19 3.20 54.48
C TYR B 197 12.76 1.75 54.34
N CYS B 198 12.98 1.15 53.17
CA CYS B 198 12.57 -0.22 52.93
C CYS B 198 13.78 -1.07 52.63
N SER B 199 13.71 -2.34 53.00
CA SER B 199 14.73 -3.30 52.58
C SER B 199 14.32 -4.13 51.36
N SER B 200 13.03 -4.13 51.01
CA SER B 200 12.61 -5.02 49.92
C SER B 200 11.48 -4.45 49.05
N ILE B 201 11.66 -4.49 47.73
CA ILE B 201 10.64 -3.99 46.80
C ILE B 201 10.54 -4.88 45.55
N THR B 202 9.48 -4.72 44.74
CA THR B 202 9.34 -5.55 43.54
C THR B 202 8.55 -4.86 42.44
N LYS B 203 8.88 -5.21 41.19
CA LYS B 203 8.03 -4.80 40.07
C LYS B 203 8.22 -5.72 38.87
N ASN B 204 7.18 -5.83 38.05
CA ASN B 204 7.26 -6.66 36.87
C ASN B 204 7.75 -8.08 37.18
N GLY B 205 7.33 -8.62 38.32
CA GLY B 205 7.67 -9.97 38.68
C GLY B 205 9.06 -10.15 39.28
N VAL B 206 9.85 -9.08 39.30
CA VAL B 206 11.20 -9.16 39.86
C VAL B 206 11.28 -8.58 41.28
N VAL B 207 12.09 -9.23 42.12
CA VAL B 207 12.35 -8.77 43.47
C VAL B 207 13.71 -8.06 43.57
N TYR B 208 13.70 -6.90 44.21
CA TYR B 208 14.90 -6.10 44.44
C TYR B 208 15.15 -5.85 45.93
N ARG B 209 16.38 -6.10 46.37
CA ARG B 209 16.74 -5.96 47.78
C ARG B 209 17.97 -5.09 47.95
N LEU B 210 18.20 -4.61 49.17
CA LEU B 210 19.43 -3.90 49.47
C LEU B 210 20.57 -4.82 49.08
N GLY B 211 21.52 -4.30 48.33
CA GLY B 211 22.67 -5.11 47.93
C GLY B 211 22.58 -5.73 46.54
N ASP B 212 21.37 -5.82 46.00
CA ASP B 212 21.18 -6.24 44.61
C ASP B 212 21.64 -5.12 43.69
N SER B 213 22.01 -5.44 42.45
CA SER B 213 22.31 -4.37 41.49
C SER B 213 21.21 -4.19 40.48
N VAL B 214 21.34 -3.12 39.71
CA VAL B 214 20.24 -2.64 38.91
C VAL B 214 20.70 -1.98 37.61
N TYR B 215 19.90 -2.19 36.57
CA TYR B 215 20.10 -1.57 35.27
C TYR B 215 19.31 -0.26 35.23
N LEU B 216 19.95 0.82 34.79
CA LEU B 216 19.28 2.09 34.57
C LEU B 216 19.50 2.53 33.15
N PRO B 217 18.59 3.35 32.62
CA PRO B 217 18.88 4.03 31.36
C PRO B 217 20.16 4.83 31.53
N PRO B 218 20.92 5.03 30.44
CA PRO B 218 22.16 5.82 30.52
C PRO B 218 21.94 7.24 31.02
N GLU B 219 20.71 7.73 30.88
CA GLU B 219 20.42 9.11 31.25
C GLU B 219 20.05 9.26 32.73
N ALA B 220 20.15 8.17 33.48
CA ALA B 220 19.72 8.15 34.88
C ALA B 220 20.70 8.84 35.81
N PHE B 221 21.99 8.73 35.51
CA PHE B 221 23.02 9.41 36.31
C PHE B 221 24.32 9.62 35.53
N THR B 222 25.11 10.59 35.99
CA THR B 222 26.37 10.90 35.35
C THR B 222 27.52 10.34 36.17
N PHE B 223 28.73 10.48 35.66
CA PHE B 223 29.93 10.07 36.39
C PHE B 223 30.71 11.31 36.78
N ASN B 224 31.47 11.24 37.86
CA ASN B 224 32.38 12.32 38.21
C ASN B 224 33.39 12.58 37.10
N ILE B 225 33.96 11.53 36.52
CA ILE B 225 34.83 11.70 35.37
C ILE B 225 34.02 12.38 34.28
N LYS B 226 34.50 13.53 33.82
CA LYS B 226 33.77 14.32 32.83
C LYS B 226 34.12 13.86 31.41
N VAL B 227 33.09 13.69 30.59
CA VAL B 227 33.29 13.22 29.21
C VAL B 227 33.55 14.37 28.25
N ALA B 228 34.52 14.17 27.36
CA ALA B 228 34.99 15.23 26.47
C ALA B 228 34.02 15.55 25.33
N SER B 229 33.94 16.83 24.97
CA SER B 229 33.15 17.26 23.82
C SER B 229 33.88 18.36 23.04
N PRO B 230 34.99 18.01 22.38
CA PRO B 230 35.82 18.94 21.58
C PRO B 230 35.14 19.38 20.28
N VAL B 231 35.90 20.05 19.42
CA VAL B 231 35.36 20.54 18.15
C VAL B 231 35.23 19.43 17.11
N LYS B 232 34.70 19.79 15.94
CA LYS B 232 34.48 18.83 14.86
C LYS B 232 35.62 18.84 13.85
N ARG B 233 35.41 18.16 12.72
CA ARG B 233 36.41 18.10 11.65
C ARG B 233 35.86 18.77 10.40
N PRO B 234 35.97 20.11 10.35
CA PRO B 234 35.33 20.95 9.33
C PRO B 234 36.06 21.03 7.99
N LYS B 235 36.18 19.90 7.29
CA LYS B 235 36.58 19.93 5.87
C LYS B 235 37.77 20.84 5.59
N LYS B 236 38.97 20.36 5.92
CA LYS B 236 40.19 21.18 5.83
C LYS B 236 40.29 21.86 4.46
N ASP B 237 39.49 21.38 3.52
CA ASP B 237 39.33 22.02 2.22
C ASP B 237 38.27 21.30 1.40
N PRO B 238 37.73 21.99 0.39
CA PRO B 238 36.88 21.33 -0.61
C PRO B 238 37.73 20.44 -1.51
N VAL B 239 37.12 19.84 -2.52
CA VAL B 239 37.78 18.78 -3.30
C VAL B 239 38.11 19.22 -4.72
N ASN B 240 39.15 18.63 -5.31
CA ASN B 240 39.46 18.86 -6.71
C ASN B 240 38.55 17.93 -7.50
N GLU B 241 37.63 18.51 -8.26
CA GLU B 241 36.57 17.75 -8.88
C GLU B 241 37.01 17.16 -10.22
N THR B 242 38.16 17.61 -10.70
CA THR B 242 38.70 17.00 -11.90
C THR B 242 39.32 15.67 -11.52
N LEU B 243 40.03 15.65 -10.39
CA LEU B 243 40.68 14.45 -9.90
C LEU B 243 39.64 13.51 -9.30
N TYR B 244 38.72 14.07 -8.52
CA TYR B 244 37.64 13.31 -7.90
C TYR B 244 36.30 13.82 -8.40
N PRO B 245 35.90 13.41 -9.60
CA PRO B 245 34.66 13.82 -10.26
C PRO B 245 33.39 13.25 -9.65
N GLU B 246 33.48 12.13 -8.94
CA GLU B 246 32.29 11.53 -8.35
C GLU B 246 32.07 11.82 -6.86
N HIS B 247 32.97 12.60 -6.28
CA HIS B 247 32.86 12.96 -4.87
C HIS B 247 31.59 13.76 -4.54
N TYR B 248 31.11 14.54 -5.51
CA TYR B 248 29.94 15.39 -5.27
C TYR B 248 28.70 14.57 -4.89
N ARG B 249 28.79 13.26 -5.14
CA ARG B 249 27.67 12.36 -4.88
C ARG B 249 27.63 11.94 -3.42
N LYS B 250 28.52 12.52 -2.62
CA LYS B 250 28.57 12.23 -1.18
C LYS B 250 27.82 13.21 -0.28
N TYR B 251 27.07 14.15 -0.85
CA TYR B 251 26.43 15.19 -0.06
C TYR B 251 25.65 14.69 1.15
N SER B 252 25.11 13.48 1.06
CA SER B 252 24.33 12.87 2.14
C SER B 252 24.99 12.79 3.51
N ASP B 253 26.30 12.50 3.54
CA ASP B 253 27.03 12.43 4.80
C ASP B 253 26.66 11.22 5.66
N TYR B 254 25.69 10.43 5.21
CA TYR B 254 25.33 9.21 5.93
C TYR B 254 26.44 8.17 5.76
N ILE B 255 26.79 7.49 6.85
CA ILE B 255 27.84 6.47 6.81
C ILE B 255 27.31 5.09 7.24
N LYS B 256 27.19 4.20 6.27
CA LYS B 256 26.78 2.83 6.54
C LYS B 256 27.76 2.20 7.50
N GLY B 257 27.23 1.49 8.49
CA GLY B 257 28.06 0.77 9.44
C GLY B 257 28.65 1.63 10.56
N SER B 258 28.26 2.91 10.60
CA SER B 258 28.79 3.81 11.61
C SER B 258 28.15 3.60 12.99
N ASN B 259 28.97 3.67 14.04
CA ASN B 259 28.44 3.58 15.40
C ASN B 259 28.24 4.92 16.09
N LEU B 260 28.51 6.02 15.40
CA LEU B 260 28.37 7.34 16.00
C LEU B 260 27.02 7.52 16.70
N ASP B 261 25.95 7.02 16.09
CA ASP B 261 24.62 7.20 16.66
C ASP B 261 24.22 6.13 17.67
N ALA B 262 25.11 5.17 17.92
CA ALA B 262 24.80 4.10 18.85
C ALA B 262 24.73 4.61 20.29
N PRO B 263 23.71 4.16 21.02
CA PRO B 263 23.48 4.49 22.43
C PRO B 263 24.42 3.77 23.38
N GLU B 264 24.61 4.33 24.57
CA GLU B 264 25.40 3.65 25.58
C GLU B 264 24.51 2.59 26.20
N PRO B 265 25.15 1.52 26.69
CA PRO B 265 24.51 0.45 27.44
C PRO B 265 24.00 0.97 28.79
N TYR B 266 23.19 0.18 29.47
CA TYR B 266 22.63 0.51 30.77
C TYR B 266 23.68 0.98 31.80
N ARG B 267 23.35 2.03 32.55
CA ARG B 267 24.11 2.32 33.76
C ARG B 267 23.82 1.18 34.73
N ILE B 268 24.76 0.92 35.63
CA ILE B 268 24.58 -0.16 36.58
C ILE B 268 24.92 0.33 37.96
N GLY B 269 24.08 0.02 38.95
CA GLY B 269 24.41 0.45 40.30
C GLY B 269 23.90 -0.48 41.37
N ARG B 270 24.60 -0.47 42.50
CA ARG B 270 24.27 -1.34 43.63
C ARG B 270 23.37 -0.57 44.59
N ILE B 271 22.31 -1.21 45.06
CA ILE B 271 21.37 -0.51 45.92
C ILE B 271 21.94 -0.46 47.33
N LYS B 272 22.28 0.73 47.82
CA LYS B 272 22.54 0.90 49.26
C LYS B 272 21.29 1.21 50.09
N GLU B 273 20.38 1.98 49.52
CA GLU B 273 19.21 2.42 50.26
C GLU B 273 17.98 2.49 49.39
N ILE B 274 16.84 2.09 49.95
CA ILE B 274 15.54 2.24 49.30
C ILE B 274 14.64 3.07 50.19
N HIS B 275 13.98 4.09 49.63
CA HIS B 275 13.05 4.88 50.42
C HIS B 275 11.90 5.48 49.62
N CYS B 276 10.79 5.77 50.31
CA CYS B 276 9.68 6.44 49.68
C CYS B 276 8.90 7.27 50.69
N GLY B 277 7.87 7.96 50.21
CA GLY B 277 7.07 8.80 51.06
C GLY B 277 5.80 8.12 51.49
N LYS B 278 4.82 8.91 51.90
CA LYS B 278 3.52 8.38 52.28
C LYS B 278 2.43 9.20 51.61
N LYS B 279 1.36 8.52 51.20
CA LYS B 279 0.17 9.19 50.68
C LYS B 279 -1.08 8.54 51.28
N LYS B 280 -1.93 9.37 51.88
CA LYS B 280 -3.18 8.91 52.48
C LYS B 280 -2.98 7.84 53.55
N GLY B 281 -1.88 7.95 54.30
CA GLY B 281 -1.66 7.12 55.49
C GLY B 281 -0.80 5.89 55.30
N LYS B 282 -0.54 5.53 54.04
CA LYS B 282 0.31 4.38 53.75
C LYS B 282 1.47 4.78 52.84
N VAL B 283 2.35 3.82 52.57
CA VAL B 283 3.52 4.07 51.72
C VAL B 283 3.09 4.43 50.32
N ASN B 284 3.79 5.37 49.70
CA ASN B 284 3.52 5.71 48.32
C ASN B 284 4.41 4.82 47.47
N GLU B 285 3.83 3.76 46.93
CA GLU B 285 4.61 2.73 46.26
C GLU B 285 4.88 3.19 44.86
N ALA B 286 4.05 4.13 44.41
CA ALA B 286 4.15 4.68 43.07
C ALA B 286 5.40 5.54 42.96
N ASP B 287 5.81 6.12 44.08
CA ASP B 287 7.07 6.83 44.10
C ASP B 287 8.02 6.13 45.06
N ILE B 288 8.98 5.39 44.51
CA ILE B 288 10.00 4.75 45.33
C ILE B 288 11.36 5.20 44.82
N LYS B 289 12.23 5.56 45.74
CA LYS B 289 13.53 6.07 45.37
C LYS B 289 14.58 5.04 45.74
N LEU B 290 15.63 4.97 44.94
CA LEU B 290 16.74 4.09 45.27
C LEU B 290 18.02 4.88 45.33
N ARG B 291 18.83 4.59 46.35
CA ARG B 291 20.12 5.23 46.48
C ARG B 291 21.15 4.18 46.11
N LEU B 292 22.02 4.52 45.17
CA LEU B 292 22.92 3.54 44.57
C LEU B 292 24.38 3.97 44.64
N TYR B 293 25.26 2.97 44.72
CA TYR B 293 26.65 3.15 44.35
C TYR B 293 26.72 2.95 42.85
N LYS B 294 27.38 3.88 42.16
CA LYS B 294 27.54 3.77 40.70
C LYS B 294 28.67 2.81 40.37
N PHE B 295 28.42 1.89 39.43
CA PHE B 295 29.51 1.14 38.81
C PHE B 295 30.05 1.88 37.58
N TYR B 296 31.34 1.77 37.36
CA TYR B 296 31.97 2.29 36.15
C TYR B 296 32.20 1.17 35.15
N ARG B 297 31.80 1.37 33.89
CA ARG B 297 32.28 0.51 32.81
C ARG B 297 33.65 1.04 32.42
N PRO B 298 34.55 0.16 31.97
CA PRO B 298 35.91 0.61 31.69
C PRO B 298 35.91 1.83 30.76
N GLU B 299 34.98 1.88 29.82
CA GLU B 299 34.94 3.01 28.90
C GLU B 299 34.44 4.30 29.58
N ASN B 300 33.95 4.18 30.82
CA ASN B 300 33.50 5.35 31.57
C ASN B 300 34.63 6.06 32.31
N THR B 301 35.69 5.33 32.58
CA THR B 301 36.85 5.89 33.25
C THR B 301 37.63 6.78 32.30
N HIS B 302 38.76 7.30 32.76
CA HIS B 302 39.58 8.20 31.95
C HIS B 302 40.16 7.47 30.74
N ARG B 303 40.23 6.14 30.84
CA ARG B 303 40.64 5.29 29.73
C ARG B 303 39.73 5.47 28.52
N SER B 304 38.47 5.75 28.79
CA SER B 304 37.44 5.87 27.77
C SER B 304 37.32 4.62 26.90
N TYR B 305 37.04 4.81 25.62
CA TYR B 305 36.85 3.67 24.73
C TYR B 305 38.19 3.09 24.31
N ASN B 306 39.10 3.97 23.92
CA ASN B 306 40.37 3.54 23.34
C ASN B 306 41.23 2.75 24.33
N GLY B 307 40.80 2.69 25.59
CA GLY B 307 41.46 1.88 26.60
C GLY B 307 40.75 0.60 26.96
N SER B 308 39.49 0.48 26.54
CA SER B 308 38.65 -0.66 26.91
C SER B 308 38.56 -1.78 25.85
N TYR B 309 39.33 -1.64 24.78
CA TYR B 309 39.27 -2.59 23.69
C TYR B 309 39.50 -4.05 24.12
N HIS B 310 40.34 -4.28 25.12
CA HIS B 310 40.76 -5.65 25.45
C HIS B 310 40.02 -6.34 26.60
N THR B 311 39.02 -5.66 27.16
CA THR B 311 38.42 -6.14 28.42
C THR B 311 37.05 -6.83 28.26
N ASP B 312 36.77 -7.76 29.18
CA ASP B 312 35.51 -8.49 29.19
C ASP B 312 34.33 -7.52 29.14
N ILE B 313 33.32 -7.86 28.33
CA ILE B 313 32.17 -6.98 28.20
C ILE B 313 31.41 -6.89 29.51
N ASN B 314 31.60 -7.88 30.38
CA ASN B 314 30.92 -7.94 31.67
C ASN B 314 31.72 -7.44 32.89
N MET B 315 32.87 -6.81 32.65
CA MET B 315 33.68 -6.29 33.75
C MET B 315 33.38 -4.83 34.08
N LEU B 316 33.19 -4.56 35.38
CA LEU B 316 32.96 -3.20 35.84
C LEU B 316 34.02 -2.78 36.85
N TYR B 317 33.94 -1.53 37.27
CA TYR B 317 34.76 -1.04 38.37
C TYR B 317 33.85 -0.50 39.44
N TRP B 318 34.14 -0.87 40.69
CA TRP B 318 33.45 -0.30 41.83
C TRP B 318 33.69 1.20 41.96
N SER B 319 32.73 1.92 42.50
CA SER B 319 32.94 3.30 42.88
C SER B 319 32.09 3.66 44.10
N ASP B 320 32.50 4.68 44.83
CA ASP B 320 31.74 5.13 45.98
C ASP B 320 30.83 6.29 45.62
N GLU B 321 30.95 6.74 44.37
CA GLU B 321 30.05 7.79 43.88
C GLU B 321 28.62 7.31 44.06
N GLU B 322 27.73 8.20 44.45
CA GLU B 322 26.36 7.79 44.73
C GLU B 322 25.37 8.56 43.88
N ALA B 323 24.21 7.94 43.66
CA ALA B 323 23.15 8.61 42.93
C ALA B 323 21.81 8.17 43.47
N VAL B 324 20.80 9.03 43.33
CA VAL B 324 19.45 8.67 43.72
C VAL B 324 18.64 8.61 42.44
N VAL B 325 17.74 7.65 42.39
CA VAL B 325 17.14 7.27 41.13
C VAL B 325 15.70 6.83 41.38
N ASN B 326 14.85 6.87 40.35
CA ASN B 326 13.50 6.37 40.51
C ASN B 326 13.42 4.87 40.25
N PHE B 327 12.64 4.19 41.07
CA PHE B 327 12.42 2.76 40.88
C PHE B 327 11.77 2.56 39.52
N SER B 328 10.92 3.50 39.14
CA SER B 328 10.24 3.45 37.86
C SER B 328 11.26 3.33 36.72
N ASP B 329 12.48 3.79 36.96
CA ASP B 329 13.49 3.81 35.90
C ASP B 329 14.30 2.52 35.82
N VAL B 330 14.16 1.65 36.80
CA VAL B 330 14.92 0.41 36.77
C VAL B 330 14.44 -0.46 35.60
N GLN B 331 15.38 -0.87 34.77
CA GLN B 331 15.07 -1.68 33.60
C GLN B 331 15.17 -3.16 33.93
N GLY B 332 15.70 -3.48 35.10
CA GLY B 332 15.83 -4.85 35.54
C GLY B 332 16.89 -5.03 36.60
N ARG B 333 16.95 -6.23 37.16
CA ARG B 333 17.97 -6.57 38.16
C ARG B 333 19.17 -7.21 37.50
N CYS B 334 20.36 -6.95 38.03
CA CYS B 334 21.47 -7.78 37.58
C CYS B 334 22.34 -8.30 38.69
N THR B 335 23.33 -9.09 38.32
CA THR B 335 24.24 -9.66 39.30
C THR B 335 25.64 -9.11 39.10
N VAL B 336 26.17 -8.47 40.13
CA VAL B 336 27.55 -7.98 40.12
C VAL B 336 28.26 -8.57 41.33
N GLU B 337 29.30 -9.36 41.07
CA GLU B 337 30.07 -10.01 42.12
C GLU B 337 31.48 -9.44 42.18
N TYR B 338 32.08 -9.45 43.36
CA TYR B 338 33.49 -9.13 43.51
C TYR B 338 34.27 -10.38 43.18
N GLY B 339 35.23 -10.27 42.28
CA GLY B 339 35.92 -11.43 41.74
C GLY B 339 36.41 -12.39 42.81
N GLU B 340 37.10 -11.84 43.81
CA GLU B 340 37.73 -12.64 44.85
C GLU B 340 36.75 -13.37 45.76
N ASP B 341 35.49 -12.93 45.77
CA ASP B 341 34.48 -13.56 46.61
C ASP B 341 33.88 -14.76 45.90
N LEU B 342 34.38 -15.03 44.70
CA LEU B 342 33.82 -16.08 43.86
C LEU B 342 34.35 -17.46 44.20
N LEU B 343 33.43 -18.41 44.38
CA LEU B 343 33.78 -19.80 44.65
C LEU B 343 34.30 -20.51 43.39
N GLU B 344 33.90 -20.04 42.22
CA GLU B 344 34.40 -20.55 40.93
C GLU B 344 35.23 -19.48 40.23
N SER B 345 35.71 -19.77 39.02
CA SER B 345 36.49 -18.79 38.28
C SER B 345 35.61 -17.74 37.61
N ILE B 346 36.26 -16.75 37.01
CA ILE B 346 35.52 -15.65 36.39
C ILE B 346 34.81 -16.11 35.13
N GLN B 347 35.48 -16.94 34.33
CA GLN B 347 34.88 -17.44 33.11
C GLN B 347 33.64 -18.30 33.40
N ASP B 348 33.76 -19.20 34.37
CA ASP B 348 32.65 -20.08 34.74
C ASP B 348 31.49 -19.31 35.32
N TYR B 349 31.80 -18.24 36.05
CA TYR B 349 30.77 -17.38 36.58
C TYR B 349 30.04 -16.67 35.43
N SER B 350 30.82 -16.01 34.59
CA SER B 350 30.33 -15.25 33.45
C SER B 350 29.48 -16.07 32.49
N GLN B 351 29.85 -17.34 32.30
CA GLN B 351 29.15 -18.18 31.35
C GLN B 351 28.00 -18.93 32.02
N GLY B 352 27.92 -18.81 33.34
CA GLY B 352 26.94 -19.55 34.11
C GLY B 352 25.52 -19.03 34.05
N GLY B 353 25.34 -17.81 33.53
CA GLY B 353 24.02 -17.20 33.47
C GLY B 353 23.99 -15.78 32.93
N PRO B 354 22.76 -15.28 32.66
CA PRO B 354 22.54 -13.93 32.11
C PRO B 354 22.69 -12.82 33.14
N ASP B 355 22.93 -11.60 32.66
CA ASP B 355 23.04 -10.43 33.50
C ASP B 355 24.09 -10.59 34.61
N ARG B 356 25.24 -11.15 34.24
CA ARG B 356 26.32 -11.35 35.20
C ARG B 356 27.57 -10.54 34.93
N PHE B 357 27.89 -9.66 35.87
CA PHE B 357 29.07 -8.84 35.79
C PHE B 357 29.94 -9.11 37.00
N TYR B 358 31.20 -8.71 36.92
CA TYR B 358 32.07 -8.77 38.07
C TYR B 358 32.92 -7.51 38.12
N PHE B 359 33.56 -7.29 39.27
CA PHE B 359 34.57 -6.27 39.38
C PHE B 359 35.76 -6.82 40.17
N LEU B 360 36.92 -6.24 39.91
CA LEU B 360 38.17 -6.65 40.56
C LEU B 360 38.64 -5.49 41.41
N GLU B 361 38.77 -4.34 40.77
CA GLU B 361 39.27 -3.13 41.39
C GLU B 361 38.18 -2.07 41.47
N ALA B 362 38.39 -1.07 42.33
CA ALA B 362 37.51 0.08 42.41
C ALA B 362 38.20 1.26 41.73
N TYR B 363 37.41 2.18 41.21
CA TYR B 363 37.95 3.35 40.53
C TYR B 363 37.73 4.62 41.33
N ASN B 364 38.75 5.47 41.35
CA ASN B 364 38.69 6.76 42.04
C ASN B 364 38.75 7.89 41.03
N SER B 365 37.65 8.63 40.89
CA SER B 365 37.55 9.68 39.88
C SER B 365 38.44 10.88 40.18
N LYS B 366 38.82 11.02 41.44
CA LYS B 366 39.67 12.13 41.88
C LYS B 366 41.11 11.90 41.47
N THR B 367 41.72 10.86 42.02
CA THR B 367 43.10 10.52 41.69
C THR B 367 43.20 9.96 40.27
N LYS B 368 42.08 9.44 39.76
CA LYS B 368 42.03 8.75 38.47
C LYS B 368 42.83 7.45 38.48
N ASN B 369 42.81 6.75 39.61
CA ASN B 369 43.53 5.47 39.74
C ASN B 369 42.62 4.34 40.20
N PHE B 370 43.18 3.13 40.27
CA PHE B 370 42.41 1.96 40.64
C PHE B 370 42.95 1.34 41.93
N GLU B 371 42.04 1.08 42.87
CA GLU B 371 42.43 0.58 44.18
C GLU B 371 41.75 -0.76 44.44
N ASP B 372 42.02 -1.35 45.59
CA ASP B 372 41.22 -2.47 46.04
C ASP B 372 39.88 -1.87 46.45
N PRO B 373 38.79 -2.58 46.12
CA PRO B 373 37.46 -2.13 46.53
C PRO B 373 37.34 -2.12 48.06
N PRO B 374 36.58 -1.16 48.61
CA PRO B 374 36.36 -1.15 50.06
C PRO B 374 35.61 -2.41 50.48
N ASN B 375 35.40 -2.57 51.78
CA ASN B 375 34.86 -3.82 52.30
C ASN B 375 33.36 -3.98 52.10
N HIS B 376 32.66 -2.85 52.03
CA HIS B 376 31.21 -2.88 51.84
C HIS B 376 30.86 -3.22 50.40
N ALA B 377 31.88 -3.28 49.55
CA ALA B 377 31.70 -3.70 48.17
C ALA B 377 31.66 -5.22 48.09
N ARG B 378 32.21 -5.88 49.10
CA ARG B 378 32.19 -7.32 49.15
C ARG B 378 30.78 -7.78 49.48
N SER B 379 30.48 -9.04 49.17
CA SER B 379 29.16 -9.58 49.45
C SER B 379 29.12 -9.95 50.91
N PRO B 380 27.91 -10.21 51.45
CA PRO B 380 27.84 -10.75 52.81
C PRO B 380 28.82 -11.92 52.92
N GLY B 381 29.64 -11.91 53.96
CA GLY B 381 30.90 -12.63 53.92
C GLY B 381 32.04 -11.65 53.74
N ASN B 382 31.74 -10.37 54.00
CA ASN B 382 32.73 -9.30 54.04
C ASN B 382 33.66 -9.46 55.24
N ILE B 408 18.98 -30.60 38.03
CA ILE B 408 18.25 -31.04 36.84
C ILE B 408 19.18 -31.22 35.64
N LYS B 409 19.05 -32.37 34.97
CA LYS B 409 19.76 -32.61 33.71
C LYS B 409 18.80 -32.46 32.53
N LEU B 410 18.98 -31.38 31.78
CA LEU B 410 18.03 -31.03 30.72
C LEU B 410 18.14 -31.92 29.50
N PRO B 411 17.07 -32.68 29.20
CA PRO B 411 17.00 -33.54 28.01
C PRO B 411 16.92 -32.69 26.73
N LYS B 412 17.77 -33.03 25.75
CA LYS B 412 17.82 -32.29 24.51
C LYS B 412 16.74 -32.80 23.57
N LEU B 413 16.10 -31.90 22.83
CA LEU B 413 15.11 -32.32 21.83
C LEU B 413 15.84 -32.91 20.64
N ARG B 414 15.28 -34.01 20.11
CA ARG B 414 15.82 -34.61 18.90
C ARG B 414 15.34 -33.76 17.75
N THR B 415 16.28 -33.15 17.05
CA THR B 415 15.95 -32.07 16.14
C THR B 415 16.20 -32.43 14.69
N LEU B 416 15.20 -32.19 13.84
CA LEU B 416 15.38 -32.27 12.40
C LEU B 416 15.58 -30.85 11.84
N ASP B 417 16.68 -30.67 11.13
CA ASP B 417 17.05 -29.37 10.58
C ASP B 417 16.99 -29.42 9.07
N VAL B 418 15.98 -28.76 8.51
CA VAL B 418 15.75 -28.77 7.07
C VAL B 418 16.35 -27.52 6.43
N PHE B 419 16.87 -27.65 5.21
CA PHE B 419 17.65 -26.58 4.61
C PHE B 419 18.74 -26.14 5.58
N SER B 420 19.54 -27.09 6.04
CA SER B 420 20.47 -26.87 7.15
C SER B 420 21.67 -26.00 6.81
N GLY B 421 22.04 -25.95 5.54
CA GLY B 421 23.25 -25.26 5.14
C GLY B 421 24.40 -25.86 5.92
N CYS B 422 25.46 -25.08 6.14
CA CYS B 422 26.62 -25.56 6.90
C CYS B 422 26.32 -25.69 8.40
N GLY B 423 25.15 -25.22 8.85
CA GLY B 423 24.72 -25.45 10.22
C GLY B 423 24.74 -24.37 11.29
N GLY B 424 24.89 -23.11 10.90
CA GLY B 424 24.87 -22.03 11.87
C GLY B 424 23.72 -22.10 12.88
N LEU B 425 22.51 -22.27 12.37
CA LEU B 425 21.31 -22.32 13.20
C LEU B 425 21.38 -23.41 14.26
N SER B 426 21.60 -24.65 13.81
CA SER B 426 21.66 -25.75 14.77
C SER B 426 22.91 -25.66 15.65
N GLU B 427 23.97 -25.02 15.14
CA GLU B 427 25.12 -24.73 15.99
C GLU B 427 24.73 -23.88 17.19
N GLY B 428 23.96 -22.83 16.93
CA GLY B 428 23.50 -21.96 18.00
C GLY B 428 22.60 -22.71 18.95
N PHE B 429 21.73 -23.55 18.37
CA PHE B 429 20.82 -24.33 19.21
C PHE B 429 21.59 -25.25 20.14
N HIS B 430 22.71 -25.78 19.64
CA HIS B 430 23.52 -26.69 20.40
C HIS B 430 24.20 -25.93 21.52
N GLN B 431 24.77 -24.78 21.19
CA GLN B 431 25.35 -23.93 22.22
C GLN B 431 24.32 -23.62 23.30
N ALA B 432 23.04 -23.55 22.93
CA ALA B 432 22.00 -23.29 23.93
C ALA B 432 21.63 -24.55 24.69
N GLY B 433 22.09 -25.69 24.18
CA GLY B 433 21.91 -26.96 24.86
C GLY B 433 20.51 -27.53 24.83
N ILE B 434 19.70 -27.11 23.86
CA ILE B 434 18.35 -27.65 23.75
C ILE B 434 18.13 -28.73 22.70
N SER B 435 19.15 -29.02 21.90
CA SER B 435 18.90 -29.94 20.79
C SER B 435 20.09 -30.79 20.47
N GLU B 436 19.82 -32.04 20.11
CA GLU B 436 20.82 -32.81 19.39
C GLU B 436 20.23 -33.01 18.02
N THR B 437 20.97 -32.58 17.01
CA THR B 437 20.43 -32.64 15.67
C THR B 437 20.81 -33.98 15.05
N LEU B 438 19.80 -34.82 14.93
CA LEU B 438 19.87 -36.00 14.10
C LEU B 438 19.10 -35.52 12.88
N TRP B 439 19.39 -36.01 11.69
CA TRP B 439 18.61 -35.55 10.55
C TRP B 439 18.78 -34.09 10.16
N ALA B 440 19.77 -33.82 9.32
CA ALA B 440 19.79 -32.59 8.53
C ALA B 440 19.47 -32.87 7.06
N ILE B 441 18.73 -31.97 6.44
CA ILE B 441 18.44 -32.06 5.01
C ILE B 441 19.04 -30.86 4.29
N GLU B 442 20.00 -31.09 3.41
CA GLU B 442 20.62 -30.02 2.65
C GLU B 442 20.93 -30.48 1.23
N MET B 443 20.39 -29.78 0.24
CA MET B 443 20.51 -30.23 -1.14
C MET B 443 21.84 -29.87 -1.80
N TRP B 444 22.52 -28.86 -1.28
CA TRP B 444 23.76 -28.40 -1.89
C TRP B 444 24.93 -29.13 -1.24
N ASP B 445 25.60 -29.97 -2.04
CA ASP B 445 26.58 -30.90 -1.51
C ASP B 445 27.62 -30.31 -0.54
N PRO B 446 28.30 -29.23 -0.96
CA PRO B 446 29.38 -28.63 -0.13
C PRO B 446 28.94 -28.24 1.29
N ALA B 447 27.72 -27.73 1.43
CA ALA B 447 27.21 -27.39 2.74
C ALA B 447 26.81 -28.65 3.50
N ALA B 448 26.40 -29.68 2.79
CA ALA B 448 26.06 -30.92 3.45
C ALA B 448 27.34 -31.49 4.05
N GLN B 449 28.43 -31.39 3.29
CA GLN B 449 29.74 -31.82 3.75
C GLN B 449 30.13 -31.02 4.98
N ALA B 450 30.11 -29.69 4.89
CA ALA B 450 30.41 -28.87 6.07
C ALA B 450 29.58 -29.29 7.30
N PHE B 451 28.28 -29.42 7.10
CA PHE B 451 27.42 -29.81 8.21
C PHE B 451 27.93 -31.11 8.80
N ARG B 452 28.25 -32.07 7.95
CA ARG B 452 28.75 -33.36 8.42
C ARG B 452 30.02 -33.15 9.25
N LEU B 453 30.91 -32.31 8.74
CA LEU B 453 32.17 -32.04 9.40
C LEU B 453 31.96 -31.48 10.82
N ASN B 454 30.90 -30.72 11.03
CA ASN B 454 30.62 -30.17 12.37
C ASN B 454 29.63 -30.94 13.24
N ASN B 455 29.07 -32.02 12.69
CA ASN B 455 28.04 -32.75 13.41
C ASN B 455 28.19 -34.26 13.23
N PRO B 456 29.16 -34.86 13.94
CA PRO B 456 29.51 -36.27 13.71
C PRO B 456 28.33 -37.23 13.88
N GLY B 457 27.34 -36.84 14.66
CA GLY B 457 26.26 -37.74 15.01
C GLY B 457 24.94 -37.58 14.28
N THR B 458 24.93 -36.83 13.18
CA THR B 458 23.68 -36.64 12.46
C THR B 458 23.71 -37.24 11.06
N THR B 459 22.59 -37.84 10.68
CA THR B 459 22.38 -38.33 9.33
C THR B 459 22.01 -37.13 8.47
N VAL B 460 22.82 -36.87 7.44
CA VAL B 460 22.65 -35.70 6.59
C VAL B 460 22.24 -36.14 5.18
N PHE B 461 21.00 -35.84 4.80
CA PHE B 461 20.49 -36.22 3.49
C PHE B 461 20.70 -35.09 2.52
N THR B 462 21.29 -35.37 1.36
CA THR B 462 21.41 -34.36 0.34
C THR B 462 20.23 -34.35 -0.65
N GLU B 463 19.20 -35.13 -0.35
CA GLU B 463 18.08 -35.22 -1.28
C GLU B 463 17.28 -33.93 -1.34
N ASP B 464 16.29 -33.92 -2.22
CA ASP B 464 15.33 -32.84 -2.28
C ASP B 464 14.29 -33.17 -1.22
N CYS B 465 13.84 -32.17 -0.47
CA CYS B 465 13.00 -32.44 0.71
C CYS B 465 11.65 -33.04 0.36
N ASN B 466 11.18 -32.75 -0.85
CA ASN B 466 9.92 -33.31 -1.31
C ASN B 466 10.05 -34.81 -1.57
N VAL B 467 11.18 -35.20 -2.16
CA VAL B 467 11.45 -36.60 -2.42
C VAL B 467 11.51 -37.38 -1.11
N LEU B 468 12.20 -36.84 -0.13
CA LEU B 468 12.36 -37.52 1.15
C LEU B 468 11.04 -37.64 1.90
N LEU B 469 10.26 -36.55 1.89
CA LEU B 469 8.97 -36.60 2.56
C LEU B 469 8.07 -37.65 1.92
N LYS B 470 8.03 -37.67 0.58
CA LYS B 470 7.28 -38.70 -0.12
C LYS B 470 7.75 -40.10 0.26
N LEU B 471 9.06 -40.28 0.32
CA LEU B 471 9.63 -41.54 0.80
C LEU B 471 9.02 -41.99 2.12
N VAL B 472 9.18 -41.19 3.17
CA VAL B 472 8.68 -41.65 4.47
C VAL B 472 7.15 -41.80 4.43
N MET B 473 6.49 -40.96 3.64
CA MET B 473 5.05 -41.03 3.50
C MET B 473 4.61 -42.37 2.90
N ALA B 474 5.46 -42.93 2.04
CA ALA B 474 5.15 -44.17 1.34
C ALA B 474 5.55 -45.41 2.14
N GLY B 475 6.08 -45.20 3.34
CA GLY B 475 6.44 -46.30 4.22
C GLY B 475 7.91 -46.70 4.18
N GLU B 476 8.73 -45.95 3.47
CA GLU B 476 10.15 -46.28 3.33
C GLU B 476 10.96 -46.12 4.62
N VAL B 477 11.71 -47.14 4.97
CA VAL B 477 12.53 -47.11 6.18
C VAL B 477 13.89 -46.43 5.98
N THR B 478 14.42 -46.55 4.77
CA THR B 478 15.75 -46.02 4.48
C THR B 478 15.83 -45.59 3.02
N ASN B 479 16.64 -44.58 2.75
CA ASN B 479 16.90 -44.18 1.37
C ASN B 479 17.86 -45.16 0.71
N SER B 480 18.21 -44.91 -0.54
CA SER B 480 19.06 -45.82 -1.30
C SER B 480 20.43 -46.05 -0.64
N LEU B 481 20.84 -45.11 0.21
CA LEU B 481 22.17 -45.13 0.81
C LEU B 481 22.21 -45.86 2.14
N GLY B 482 21.04 -46.25 2.64
CA GLY B 482 20.97 -46.95 3.92
C GLY B 482 20.81 -46.01 5.10
N GLN B 483 20.68 -44.71 4.82
CA GLN B 483 20.39 -43.75 5.87
C GLN B 483 18.97 -43.96 6.39
N ARG B 484 18.83 -44.13 7.70
CA ARG B 484 17.52 -44.34 8.32
C ARG B 484 16.71 -43.06 8.33
N LEU B 485 15.50 -43.12 7.79
CA LEU B 485 14.61 -41.98 7.77
C LEU B 485 14.09 -41.69 9.18
N PRO B 486 13.86 -40.41 9.50
CA PRO B 486 13.11 -40.08 10.71
C PRO B 486 11.62 -40.40 10.53
N GLN B 487 10.99 -40.93 11.59
CA GLN B 487 9.58 -41.31 11.57
C GLN B 487 8.82 -40.54 12.64
N LYS B 488 7.49 -40.52 12.54
CA LYS B 488 6.67 -39.83 13.52
C LYS B 488 7.03 -40.29 14.92
N GLY B 489 7.33 -39.34 15.79
CA GLY B 489 7.78 -39.63 17.13
C GLY B 489 9.26 -39.38 17.29
N ASP B 490 9.98 -39.36 16.17
CA ASP B 490 11.41 -39.14 16.22
C ASP B 490 11.72 -37.67 16.39
N VAL B 491 11.00 -36.83 15.66
CA VAL B 491 11.31 -35.41 15.60
C VAL B 491 10.55 -34.67 16.68
N GLU B 492 11.29 -34.20 17.67
CA GLU B 492 10.72 -33.35 18.72
C GLU B 492 10.71 -31.88 18.30
N MET B 493 11.72 -31.47 17.53
CA MET B 493 11.81 -30.10 17.07
C MET B 493 12.22 -29.98 15.61
N LEU B 494 11.53 -29.12 14.89
CA LEU B 494 11.79 -28.93 13.48
C LEU B 494 12.27 -27.52 13.26
N CYS B 495 13.46 -27.34 12.69
CA CYS B 495 13.91 -25.99 12.37
C CYS B 495 14.49 -25.87 10.96
N GLY B 496 14.40 -24.67 10.39
CA GLY B 496 15.19 -24.34 9.22
C GLY B 496 14.95 -22.96 8.63
N GLY B 497 15.96 -22.44 7.92
CA GLY B 497 15.75 -21.42 6.90
C GLY B 497 15.49 -21.93 5.49
N PRO B 498 14.29 -21.69 4.95
CA PRO B 498 14.09 -21.97 3.52
C PRO B 498 14.78 -20.90 2.68
N PRO B 499 14.97 -21.17 1.38
CA PRO B 499 15.65 -20.24 0.47
C PRO B 499 15.10 -18.83 0.55
N CYS B 500 15.99 -17.86 0.69
CA CYS B 500 15.61 -16.46 0.82
C CYS B 500 15.76 -15.65 -0.47
N GLN B 501 16.25 -16.31 -1.52
CA GLN B 501 16.56 -15.64 -2.78
C GLN B 501 15.39 -14.88 -3.42
N GLY B 502 14.18 -15.42 -3.30
CA GLY B 502 13.03 -14.81 -3.93
C GLY B 502 12.44 -13.73 -3.05
N PHE B 503 12.70 -13.84 -1.75
CA PHE B 503 12.15 -12.91 -0.77
C PHE B 503 13.04 -11.68 -0.56
N SER B 504 14.28 -11.75 -1.05
CA SER B 504 15.25 -10.69 -0.83
C SER B 504 14.91 -9.41 -1.60
N GLY B 505 14.96 -8.27 -0.90
CA GLY B 505 14.71 -6.99 -1.53
C GLY B 505 15.78 -6.62 -2.55
N MET B 506 16.79 -7.48 -2.68
CA MET B 506 17.88 -7.28 -3.67
C MET B 506 17.56 -7.95 -4.99
N ASN B 507 16.50 -8.75 -4.99
CA ASN B 507 16.18 -9.59 -6.14
C ASN B 507 15.28 -8.83 -7.10
N ARG B 508 15.84 -8.43 -8.24
CA ARG B 508 15.09 -7.69 -9.26
C ARG B 508 14.16 -8.64 -10.03
N PHE B 509 14.61 -9.88 -10.14
CA PHE B 509 14.02 -10.88 -11.00
C PHE B 509 13.02 -11.81 -10.31
N ASN B 510 12.65 -11.47 -9.07
CA ASN B 510 11.83 -12.35 -8.22
C ASN B 510 10.46 -12.77 -8.76
N SER B 511 9.99 -12.14 -9.84
CA SER B 511 8.74 -12.56 -10.48
C SER B 511 8.95 -13.66 -11.54
N ARG B 512 10.19 -14.11 -11.69
CA ARG B 512 10.53 -15.15 -12.65
C ARG B 512 10.35 -16.57 -12.10
N THR B 513 10.72 -17.56 -12.91
CA THR B 513 10.54 -18.97 -12.55
C THR B 513 11.40 -19.38 -11.35
N TYR B 514 12.66 -19.01 -11.39
CA TYR B 514 13.63 -19.39 -10.37
C TYR B 514 13.18 -19.00 -8.96
N SER B 515 12.86 -17.73 -8.77
CA SER B 515 12.49 -17.21 -7.46
C SER B 515 11.18 -17.79 -6.93
N LYS B 516 10.19 -17.95 -7.80
CA LYS B 516 8.93 -18.60 -7.44
C LYS B 516 9.19 -20.04 -6.96
N PHE B 517 10.00 -20.77 -7.73
CA PHE B 517 10.41 -22.12 -7.38
C PHE B 517 10.95 -22.10 -5.95
N LYS B 518 11.93 -21.24 -5.69
CA LYS B 518 12.52 -21.18 -4.35
C LYS B 518 11.55 -20.71 -3.26
N ASN B 519 10.43 -20.11 -3.68
CA ASN B 519 9.38 -19.69 -2.74
C ASN B 519 8.35 -20.77 -2.40
N SER B 520 8.29 -21.86 -3.17
CA SER B 520 7.39 -22.99 -2.84
C SER B 520 7.89 -23.85 -1.67
N LEU B 521 9.19 -23.75 -1.43
CA LEU B 521 9.85 -24.56 -0.42
C LEU B 521 9.34 -24.30 1.01
N VAL B 522 8.87 -23.10 1.29
CA VAL B 522 8.33 -22.86 2.63
C VAL B 522 7.10 -23.74 2.85
N VAL B 523 6.27 -23.88 1.83
CA VAL B 523 5.12 -24.76 1.94
C VAL B 523 5.60 -26.18 2.16
N SER B 524 6.67 -26.56 1.47
CA SER B 524 7.25 -27.88 1.77
C SER B 524 7.59 -28.03 3.27
N PHE B 525 8.26 -27.00 3.80
CA PHE B 525 8.69 -27.01 5.19
C PHE B 525 7.48 -27.21 6.12
N LEU B 526 6.42 -26.45 5.84
CA LEU B 526 5.18 -26.63 6.58
C LEU B 526 4.70 -28.07 6.49
N SER B 527 4.78 -28.68 5.31
CA SER B 527 4.40 -30.08 5.15
C SER B 527 5.12 -31.00 6.11
N TYR B 528 6.44 -30.84 6.21
CA TYR B 528 7.19 -31.55 7.25
C TYR B 528 6.60 -31.31 8.63
N CYS B 529 6.24 -30.07 8.91
CA CYS B 529 5.65 -29.73 10.21
C CYS B 529 4.34 -30.47 10.48
N ASP B 530 3.45 -30.46 9.48
CA ASP B 530 2.18 -31.15 9.56
C ASP B 530 2.39 -32.63 9.84
N TYR B 531 3.23 -33.27 9.04
CA TYR B 531 3.47 -34.70 9.18
C TYR B 531 4.07 -35.11 10.52
N TYR B 532 5.16 -34.45 10.92
CA TYR B 532 5.86 -34.84 12.14
C TYR B 532 5.25 -34.33 13.45
N ARG B 533 4.57 -33.20 13.39
CA ARG B 533 3.95 -32.63 14.59
C ARG B 533 4.97 -32.46 15.72
N PRO B 534 6.04 -31.68 15.48
CA PRO B 534 7.09 -31.50 16.48
C PRO B 534 6.59 -30.70 17.68
N ARG B 535 7.22 -30.89 18.83
CA ARG B 535 6.96 -30.09 20.01
C ARG B 535 7.23 -28.62 19.74
N PHE B 536 8.25 -28.34 18.93
CA PHE B 536 8.61 -26.96 18.60
C PHE B 536 9.00 -26.75 17.14
N PHE B 537 8.73 -25.55 16.63
CA PHE B 537 8.92 -25.27 15.22
C PHE B 537 9.56 -23.90 15.00
N LEU B 538 10.69 -23.85 14.30
CA LEU B 538 11.31 -22.56 13.96
C LEU B 538 11.58 -22.39 12.49
N LEU B 539 11.03 -21.32 11.92
CA LEU B 539 11.29 -21.00 10.51
C LEU B 539 11.95 -19.63 10.44
N GLU B 540 13.08 -19.57 9.75
CA GLU B 540 13.83 -18.33 9.70
C GLU B 540 13.89 -17.82 8.26
N ASN B 541 13.93 -16.50 8.10
CA ASN B 541 14.13 -15.93 6.78
C ASN B 541 14.58 -14.48 6.85
N VAL B 542 14.72 -13.84 5.70
CA VAL B 542 15.06 -12.42 5.66
C VAL B 542 13.87 -11.59 6.14
N ARG B 543 14.12 -10.36 6.54
CA ARG B 543 13.07 -9.49 7.07
C ARG B 543 11.88 -9.40 6.12
N ASN B 544 12.16 -9.15 4.85
CA ASN B 544 11.14 -8.95 3.84
C ASN B 544 10.11 -10.07 3.79
N PHE B 545 10.45 -11.23 4.35
CA PHE B 545 9.52 -12.35 4.37
C PHE B 545 8.18 -11.92 4.93
N VAL B 546 8.20 -10.89 5.77
CA VAL B 546 6.96 -10.41 6.37
C VAL B 546 6.18 -9.50 5.41
N SER B 547 6.90 -8.84 4.50
CA SER B 547 6.27 -7.96 3.53
C SER B 547 5.94 -8.58 2.16
N TYR B 548 6.42 -9.80 1.91
CA TYR B 548 6.32 -10.36 0.56
C TYR B 548 4.88 -10.58 0.10
N ARG B 549 4.63 -10.10 -1.13
CA ARG B 549 3.29 -10.14 -1.72
C ARG B 549 2.27 -9.59 -0.74
N ARG B 550 2.52 -8.37 -0.25
CA ARG B 550 1.67 -7.71 0.72
C ARG B 550 1.39 -8.59 1.93
N SER B 551 2.45 -9.22 2.43
CA SER B 551 2.41 -10.10 3.62
C SER B 551 1.58 -11.38 3.43
N MET B 552 1.39 -11.80 2.18
CA MET B 552 0.50 -12.94 1.95
C MET B 552 1.13 -14.26 2.34
N VAL B 553 2.44 -14.39 2.11
CA VAL B 553 3.16 -15.59 2.56
C VAL B 553 3.14 -15.70 4.08
N LEU B 554 3.56 -14.65 4.77
CA LEU B 554 3.48 -14.64 6.21
C LEU B 554 2.08 -15.08 6.65
N LYS B 555 1.05 -14.39 6.14
CA LYS B 555 -0.31 -14.70 6.55
C LYS B 555 -0.70 -16.15 6.31
N LEU B 556 -0.37 -16.67 5.13
CA LEU B 556 -0.72 -18.04 4.80
C LEU B 556 0.01 -19.06 5.67
N THR B 557 1.30 -18.85 5.95
CA THR B 557 2.01 -19.81 6.80
C THR B 557 1.48 -19.79 8.23
N LEU B 558 1.18 -18.60 8.75
CA LEU B 558 0.54 -18.52 10.06
C LEU B 558 -0.80 -19.25 10.06
N ARG B 559 -1.59 -19.06 9.00
CA ARG B 559 -2.89 -19.73 8.92
C ARG B 559 -2.70 -21.24 8.92
N CYS B 560 -1.69 -21.69 8.20
CA CYS B 560 -1.35 -23.10 8.12
C CYS B 560 -1.09 -23.65 9.51
N LEU B 561 -0.24 -22.93 10.24
CA LEU B 561 0.08 -23.33 11.61
C LEU B 561 -1.15 -23.33 12.50
N VAL B 562 -2.01 -22.33 12.36
CA VAL B 562 -3.23 -22.28 13.16
C VAL B 562 -4.11 -23.51 12.89
N ARG B 563 -4.39 -23.77 11.61
CA ARG B 563 -5.12 -24.98 11.21
C ARG B 563 -4.54 -26.24 11.85
N MET B 564 -3.22 -26.45 11.73
CA MET B 564 -2.62 -27.64 12.33
C MET B 564 -2.87 -27.73 13.84
N GLY B 565 -3.28 -26.62 14.45
CA GLY B 565 -3.47 -26.59 15.90
C GLY B 565 -2.21 -26.20 16.65
N TYR B 566 -1.35 -25.43 16.00
CA TYR B 566 -0.14 -24.92 16.65
C TYR B 566 -0.35 -23.55 17.27
N GLN B 567 0.23 -23.33 18.44
CA GLN B 567 0.39 -21.98 18.93
C GLN B 567 1.50 -21.39 18.07
N CYS B 568 1.41 -20.11 17.74
CA CYS B 568 2.44 -19.51 16.90
C CYS B 568 2.55 -17.99 16.99
N THR B 569 3.69 -17.49 16.55
CA THR B 569 3.89 -16.05 16.44
C THR B 569 5.01 -15.78 15.47
N PHE B 570 5.30 -14.50 15.25
CA PHE B 570 6.40 -14.11 14.38
C PHE B 570 7.00 -12.83 14.90
N GLY B 571 8.19 -12.49 14.42
CA GLY B 571 8.83 -11.27 14.84
C GLY B 571 10.11 -11.03 14.05
N VAL B 572 10.64 -9.82 14.11
CA VAL B 572 11.89 -9.52 13.43
C VAL B 572 13.01 -9.29 14.45
N LEU B 573 14.06 -10.08 14.36
CA LEU B 573 15.18 -9.93 15.27
C LEU B 573 16.37 -9.30 14.54
N GLN B 574 17.16 -8.52 15.28
CA GLN B 574 18.39 -7.93 14.74
C GLN B 574 19.59 -8.66 15.31
N ALA B 575 20.33 -9.34 14.44
CA ALA B 575 21.44 -10.18 14.89
C ALA B 575 22.41 -9.39 15.73
N GLY B 576 22.59 -8.13 15.37
CA GLY B 576 23.57 -7.28 16.02
C GLY B 576 23.35 -7.18 17.51
N GLN B 577 22.09 -7.15 17.92
CA GLN B 577 21.75 -6.99 19.32
C GLN B 577 22.10 -8.23 20.13
N TYR B 578 22.43 -9.29 19.43
CA TYR B 578 22.91 -10.53 20.02
C TYR B 578 24.43 -10.76 19.98
N GLY B 579 25.18 -9.72 19.61
CA GLY B 579 26.63 -9.75 19.68
C GLY B 579 27.44 -10.31 18.52
N VAL B 580 27.12 -9.88 17.31
CA VAL B 580 28.06 -9.95 16.22
C VAL B 580 28.14 -8.51 15.75
N ALA B 581 29.18 -8.12 15.03
CA ALA B 581 29.17 -6.76 14.56
C ALA B 581 28.72 -6.82 13.11
N GLN B 582 27.40 -6.84 12.94
CA GLN B 582 26.79 -6.99 11.63
C GLN B 582 25.33 -6.55 11.74
N THR B 583 24.77 -5.92 10.71
CA THR B 583 23.32 -5.74 10.66
C THR B 583 22.74 -6.93 9.94
N ARG B 584 21.97 -7.75 10.65
CA ARG B 584 21.23 -8.79 9.98
C ARG B 584 19.83 -8.81 10.57
N ARG B 585 18.86 -8.35 9.80
CA ARG B 585 17.48 -8.30 10.26
C ARG B 585 16.80 -9.56 9.72
N ARG B 586 16.17 -10.32 10.60
CA ARG B 586 15.68 -11.64 10.21
C ARG B 586 14.30 -11.95 10.78
N ALA B 587 13.42 -12.46 9.92
CA ALA B 587 12.09 -12.87 10.31
C ALA B 587 12.14 -14.24 10.95
N ILE B 588 11.54 -14.35 12.12
CA ILE B 588 11.51 -15.60 12.84
C ILE B 588 10.06 -15.95 13.10
N ILE B 589 9.67 -17.15 12.70
CA ILE B 589 8.33 -17.65 13.01
C ILE B 589 8.46 -18.82 13.94
N LEU B 590 7.75 -18.73 15.07
CA LEU B 590 7.82 -19.74 16.11
C LEU B 590 6.50 -20.42 16.27
N ALA B 591 6.52 -21.75 16.38
CA ALA B 591 5.33 -22.47 16.73
C ALA B 591 5.62 -23.41 17.88
N ALA B 592 4.59 -23.68 18.68
CA ALA B 592 4.70 -24.64 19.76
C ALA B 592 3.45 -25.51 19.78
N ALA B 593 3.65 -26.81 19.99
CA ALA B 593 2.56 -27.77 20.02
C ALA B 593 1.62 -27.48 21.20
N PRO B 594 0.37 -27.93 21.11
CA PRO B 594 -0.68 -27.55 22.07
C PRO B 594 -0.31 -27.69 23.54
N GLY B 595 0.25 -28.83 23.94
CA GLY B 595 0.58 -29.04 25.34
C GLY B 595 1.77 -28.24 25.81
N GLU B 596 2.41 -27.51 24.89
CA GLU B 596 3.66 -26.83 25.17
C GLU B 596 3.46 -25.38 25.57
N LYS B 597 4.57 -24.72 25.87
CA LYS B 597 4.57 -23.28 26.13
C LYS B 597 5.18 -22.57 24.92
N LEU B 598 4.50 -21.55 24.42
CA LEU B 598 5.00 -20.80 23.27
C LEU B 598 6.13 -19.88 23.73
N PRO B 599 7.34 -20.09 23.19
CA PRO B 599 8.47 -19.26 23.63
C PRO B 599 8.32 -17.78 23.27
N LEU B 600 9.16 -16.96 23.88
CA LEU B 600 9.18 -15.52 23.66
C LEU B 600 10.43 -15.16 22.89
N PHE B 601 10.39 -14.07 22.13
CA PHE B 601 11.60 -13.66 21.44
C PHE B 601 12.57 -13.14 22.47
N PRO B 602 13.87 -13.36 22.24
CA PRO B 602 14.88 -12.99 23.23
C PRO B 602 15.13 -11.48 23.27
N GLU B 603 15.33 -10.99 24.48
CA GLU B 603 15.54 -9.58 24.74
C GLU B 603 16.97 -9.24 24.30
N PRO B 604 17.14 -8.09 23.62
CA PRO B 604 18.47 -7.70 23.13
C PRO B 604 19.53 -7.68 24.21
N LEU B 605 20.66 -8.32 23.95
CA LEU B 605 21.84 -8.28 24.84
C LEU B 605 22.76 -7.08 24.62
N HIS B 606 22.94 -6.67 23.37
CA HIS B 606 23.91 -5.63 23.03
C HIS B 606 23.26 -4.40 22.43
N VAL B 607 23.80 -3.23 22.78
CA VAL B 607 23.31 -2.01 22.17
C VAL B 607 23.74 -2.04 20.71
N PHE B 608 22.94 -1.42 19.86
CA PHE B 608 23.21 -1.44 18.44
C PHE B 608 22.61 -0.20 17.78
N ALA B 609 23.21 0.26 16.70
CA ALA B 609 22.76 1.49 16.04
C ALA B 609 21.25 1.48 15.80
N PRO B 610 20.57 2.55 16.21
CA PRO B 610 19.11 2.62 16.15
C PRO B 610 18.53 2.54 14.73
N ARG B 611 19.20 3.10 13.72
CA ARG B 611 18.60 3.08 12.37
C ARG B 611 18.55 1.67 11.82
N ALA B 612 19.37 0.77 12.37
CA ALA B 612 19.43 -0.62 11.93
C ALA B 612 18.49 -1.48 12.76
N CYS B 613 17.81 -0.85 13.69
CA CYS B 613 16.92 -1.53 14.62
C CYS B 613 15.41 -1.51 14.36
N GLN B 614 14.96 -1.11 13.17
CA GLN B 614 13.52 -1.09 12.99
C GLN B 614 13.07 -2.53 12.84
N LEU B 615 12.43 -3.00 13.91
CA LEU B 615 11.94 -4.37 14.03
C LEU B 615 10.44 -4.49 13.88
N SER B 616 9.80 -3.36 13.59
CA SER B 616 8.36 -3.33 13.53
C SER B 616 7.88 -3.82 12.17
N VAL B 617 6.69 -4.42 12.13
CA VAL B 617 6.16 -4.87 10.85
C VAL B 617 4.66 -4.56 10.68
N VAL B 618 4.30 -4.03 9.52
CA VAL B 618 2.90 -3.71 9.26
C VAL B 618 2.26 -4.65 8.21
N VAL B 619 1.19 -5.33 8.61
CA VAL B 619 0.42 -6.15 7.68
C VAL B 619 -1.05 -5.75 7.72
N ASP B 620 -1.59 -5.48 6.53
CA ASP B 620 -2.94 -4.94 6.39
C ASP B 620 -3.15 -3.73 7.30
N ASP B 621 -2.13 -2.87 7.33
CA ASP B 621 -2.21 -1.56 7.97
C ASP B 621 -2.13 -1.58 9.51
N LYS B 622 -2.08 -2.76 10.11
CA LYS B 622 -1.90 -2.86 11.56
C LYS B 622 -0.42 -3.05 11.90
N LYS B 623 0.04 -2.38 12.96
CA LYS B 623 1.42 -2.52 13.39
C LYS B 623 1.64 -3.63 14.40
N PHE B 624 2.64 -4.46 14.13
CA PHE B 624 3.01 -5.56 14.98
C PHE B 624 4.45 -5.48 15.46
N VAL B 625 4.63 -5.86 16.71
CA VAL B 625 5.91 -5.86 17.38
C VAL B 625 6.06 -7.17 18.13
N SER B 626 7.29 -7.55 18.46
CA SER B 626 7.51 -8.69 19.34
C SER B 626 7.39 -8.26 20.79
N ASN B 627 7.58 -9.22 21.69
CA ASN B 627 7.52 -8.97 23.12
C ASN B 627 8.71 -8.18 23.65
N ILE B 628 9.69 -7.94 22.78
CA ILE B 628 10.92 -7.26 23.19
C ILE B 628 10.58 -5.94 23.86
N THR B 629 11.07 -5.78 25.09
CA THR B 629 10.92 -4.55 25.87
C THR B 629 12.14 -3.65 25.94
N ARG B 630 13.25 -4.05 25.34
CA ARG B 630 14.45 -3.22 25.35
C ARG B 630 14.56 -2.54 24.01
N LEU B 631 14.40 -1.23 24.01
CA LEU B 631 14.46 -0.46 22.78
C LEU B 631 15.69 0.43 22.80
N SER B 632 15.70 1.35 23.76
CA SER B 632 16.72 2.38 23.82
C SER B 632 18.12 1.81 24.04
N SER B 633 18.24 0.83 24.93
CA SER B 633 19.56 0.43 25.43
C SER B 633 19.62 -1.07 25.68
N GLY B 634 20.71 -1.53 26.29
CA GLY B 634 20.87 -2.93 26.65
C GLY B 634 22.06 -3.13 27.56
N PRO B 635 22.23 -4.34 28.10
CA PRO B 635 23.26 -4.61 29.10
C PRO B 635 24.71 -4.57 28.59
N PHE B 636 24.94 -4.88 27.32
CA PHE B 636 26.32 -4.97 26.80
C PHE B 636 26.63 -3.98 25.69
N ARG B 637 27.87 -3.49 25.66
CA ARG B 637 28.31 -2.58 24.61
C ARG B 637 28.28 -3.25 23.24
N THR B 638 28.13 -2.44 22.20
CA THR B 638 28.03 -2.96 20.84
C THR B 638 29.31 -3.68 20.43
N ILE B 639 29.17 -4.83 19.78
CA ILE B 639 30.33 -5.54 19.25
C ILE B 639 30.78 -4.88 17.97
N THR B 640 32.08 -4.70 17.85
CA THR B 640 32.66 -3.78 16.88
C THR B 640 33.54 -4.53 15.86
N VAL B 641 33.79 -3.90 14.70
CA VAL B 641 34.66 -4.55 13.71
C VAL B 641 36.02 -4.88 14.30
N ARG B 642 36.59 -3.93 15.04
CA ARG B 642 37.84 -4.15 15.78
C ARG B 642 37.72 -5.39 16.67
N ASP B 643 36.66 -5.47 17.47
CA ASP B 643 36.44 -6.64 18.32
C ASP B 643 36.43 -7.90 17.49
N THR B 644 36.01 -7.76 16.24
CA THR B 644 35.73 -8.89 15.37
C THR B 644 36.98 -9.48 14.69
N MET B 645 37.69 -8.66 13.91
CA MET B 645 38.93 -9.06 13.24
C MET B 645 40.31 -8.53 13.68
N SER B 646 40.38 -7.72 14.72
CA SER B 646 41.65 -7.06 15.05
C SER B 646 42.85 -8.00 15.26
N ASP B 647 42.59 -9.27 15.54
CA ASP B 647 43.66 -10.22 15.84
C ASP B 647 44.19 -10.98 14.61
N LEU B 648 43.56 -10.79 13.47
CA LEU B 648 43.90 -11.59 12.30
C LEU B 648 45.11 -11.03 11.55
N PRO B 649 46.07 -11.90 11.23
CA PRO B 649 47.28 -11.42 10.55
C PRO B 649 46.94 -10.75 9.22
N GLU B 650 47.85 -9.89 8.75
CA GLU B 650 47.66 -9.18 7.50
C GLU B 650 47.82 -10.12 6.30
N ILE B 651 46.96 -9.93 5.30
CA ILE B 651 47.07 -10.72 4.06
C ILE B 651 46.86 -9.86 2.82
N GLN B 652 47.23 -10.42 1.67
CA GLN B 652 47.18 -9.70 0.41
C GLN B 652 46.00 -10.19 -0.40
N ASN B 653 45.45 -9.33 -1.25
CA ASN B 653 44.40 -9.74 -2.17
C ASN B 653 44.85 -11.02 -2.83
N GLY B 654 43.98 -12.02 -2.84
CA GLY B 654 44.31 -13.32 -3.39
C GLY B 654 44.92 -14.32 -2.43
N ALA B 655 45.05 -13.96 -1.16
CA ALA B 655 45.69 -14.87 -0.21
C ALA B 655 44.97 -16.22 -0.22
N SER B 656 45.71 -17.27 -0.57
CA SER B 656 45.18 -18.64 -0.66
C SER B 656 45.59 -19.61 0.45
N ASN B 657 46.34 -19.13 1.44
CA ASN B 657 46.87 -20.04 2.46
C ASN B 657 45.80 -20.41 3.47
N SER B 658 45.42 -21.69 3.48
CA SER B 658 44.21 -22.07 4.18
C SER B 658 44.49 -22.46 5.62
N GLU B 659 45.78 -22.57 5.94
CA GLU B 659 46.21 -22.76 7.31
C GLU B 659 47.43 -21.88 7.59
N ILE B 660 47.26 -20.88 8.44
CA ILE B 660 48.38 -20.01 8.78
C ILE B 660 48.33 -19.73 10.27
N PRO B 661 49.49 -19.58 10.91
CA PRO B 661 49.38 -19.39 12.35
C PRO B 661 48.81 -18.02 12.67
N TYR B 662 47.94 -17.95 13.67
CA TYR B 662 47.69 -16.68 14.33
C TYR B 662 49.07 -16.30 14.78
N ASN B 663 49.59 -15.13 14.42
CA ASN B 663 50.80 -14.76 15.11
C ASN B 663 50.33 -13.74 16.14
N GLY B 664 49.96 -14.25 17.31
CA GLY B 664 49.45 -13.40 18.37
C GLY B 664 48.40 -14.05 19.27
N GLU B 665 48.04 -13.33 20.32
CA GLU B 665 46.95 -13.70 21.22
C GLU B 665 45.62 -13.01 20.84
N PRO B 666 44.50 -13.58 21.30
CA PRO B 666 43.21 -12.88 21.16
C PRO B 666 43.27 -11.50 21.80
N LEU B 667 42.84 -10.47 21.08
CA LEU B 667 42.86 -9.10 21.57
C LEU B 667 41.55 -8.57 22.15
N SER B 668 40.49 -9.37 22.12
CA SER B 668 39.20 -8.86 22.60
C SER B 668 38.36 -9.95 23.25
N TRP B 669 37.38 -9.54 24.02
CA TRP B 669 36.49 -10.50 24.65
C TRP B 669 35.85 -11.35 23.57
N PHE B 670 35.46 -10.70 22.48
CA PHE B 670 34.84 -11.39 21.36
C PHE B 670 35.76 -12.47 20.81
N GLN B 671 37.00 -12.09 20.56
CA GLN B 671 37.96 -13.03 20.00
C GLN B 671 38.24 -14.16 20.98
N ARG B 672 38.28 -13.85 22.27
CA ARG B 672 38.50 -14.89 23.26
C ARG B 672 37.35 -15.89 23.21
N GLN B 673 36.14 -15.38 23.06
CA GLN B 673 34.98 -16.27 22.98
C GLN B 673 35.08 -17.20 21.77
N LEU B 674 35.47 -16.65 20.62
CA LEU B 674 35.48 -17.47 19.40
C LEU B 674 36.71 -18.39 19.26
N ARG B 675 37.83 -18.00 19.84
CA ARG B 675 39.05 -18.83 19.81
C ARG B 675 39.12 -19.89 20.92
N GLY B 676 38.41 -19.67 22.03
CA GLY B 676 38.50 -20.55 23.18
C GLY B 676 39.78 -20.38 23.99
N SER B 677 39.84 -21.07 25.13
CA SER B 677 41.01 -21.01 26.01
C SER B 677 42.16 -21.94 25.60
N HIS B 678 41.81 -23.14 25.16
CA HIS B 678 42.78 -24.18 24.83
C HIS B 678 43.70 -23.79 23.67
N TYR B 679 44.95 -24.25 23.74
CA TYR B 679 45.97 -23.86 22.77
C TYR B 679 45.57 -24.18 21.33
N GLN B 680 45.54 -23.14 20.50
CA GLN B 680 45.24 -23.29 19.07
C GLN B 680 46.05 -22.35 18.18
N PRO B 681 47.26 -22.76 17.79
CA PRO B 681 48.16 -21.90 17.02
C PRO B 681 47.69 -21.63 15.59
N ILE B 682 46.75 -22.42 15.09
CA ILE B 682 46.45 -22.41 13.66
C ILE B 682 45.12 -21.76 13.27
N LEU B 683 45.21 -20.68 12.51
CA LEU B 683 44.07 -19.99 11.91
C LEU B 683 43.72 -20.59 10.54
N ARG B 684 42.47 -20.98 10.39
CA ARG B 684 42.01 -21.58 9.15
C ARG B 684 41.06 -20.64 8.39
N ASP B 685 41.09 -20.77 7.06
CA ASP B 685 40.19 -20.07 6.17
C ASP B 685 40.33 -18.56 6.14
N HIS B 686 41.50 -18.05 6.50
CA HIS B 686 41.68 -16.63 6.40
C HIS B 686 42.34 -16.53 5.03
N ILE B 687 41.48 -16.31 4.05
CA ILE B 687 41.84 -16.35 2.65
C ILE B 687 40.83 -15.44 1.98
N CYS B 688 41.24 -14.78 0.91
CA CYS B 688 40.35 -13.86 0.24
C CYS B 688 40.41 -14.02 -1.27
N LYS B 689 39.30 -13.69 -1.92
CA LYS B 689 39.19 -13.86 -3.36
C LYS B 689 40.30 -13.10 -4.07
N ASP B 690 40.77 -13.64 -5.18
CA ASP B 690 41.84 -12.97 -5.90
C ASP B 690 41.20 -12.06 -6.92
N MET B 691 41.25 -10.76 -6.64
CA MET B 691 40.59 -9.80 -7.50
C MET B 691 41.47 -9.47 -8.70
N SER B 692 40.84 -9.19 -9.84
CA SER B 692 41.58 -8.86 -11.04
C SER B 692 42.44 -7.63 -10.78
N PRO B 693 43.47 -7.42 -11.60
CA PRO B 693 44.36 -6.26 -11.42
C PRO B 693 43.58 -4.96 -11.38
N LEU B 694 42.54 -4.85 -12.20
CA LEU B 694 41.72 -3.64 -12.26
C LEU B 694 41.00 -3.37 -10.93
N VAL B 695 40.29 -4.38 -10.47
CA VAL B 695 39.64 -4.31 -9.18
C VAL B 695 40.66 -3.97 -8.08
N ALA B 696 41.82 -4.61 -8.14
CA ALA B 696 42.85 -4.41 -7.13
C ALA B 696 43.38 -2.99 -7.08
N ALA B 697 43.52 -2.38 -8.26
CA ALA B 697 43.90 -0.98 -8.35
C ALA B 697 42.81 -0.10 -7.73
N ARG B 698 41.57 -0.38 -8.10
CA ARG B 698 40.46 0.34 -7.51
C ARG B 698 40.57 0.28 -6.01
N MET B 699 40.69 -0.92 -5.46
CA MET B 699 40.76 -1.09 -4.02
C MET B 699 41.92 -0.34 -3.39
N ARG B 700 43.08 -0.35 -4.05
CA ARG B 700 44.23 0.43 -3.58
C ARG B 700 43.89 1.91 -3.50
N HIS B 701 43.00 2.37 -4.38
CA HIS B 701 42.68 3.80 -4.40
C HIS B 701 41.46 4.25 -3.59
N ILE B 702 40.86 3.32 -2.86
CA ILE B 702 39.82 3.68 -1.90
C ILE B 702 40.47 4.07 -0.59
N PRO B 703 40.25 5.31 -0.13
CA PRO B 703 40.84 5.82 1.12
C PRO B 703 40.40 5.03 2.35
N LEU B 704 41.14 5.17 3.45
CA LEU B 704 40.89 4.38 4.64
C LEU B 704 39.79 4.90 5.56
N PHE B 705 39.47 6.18 5.46
CA PHE B 705 38.57 6.79 6.44
C PHE B 705 37.17 6.21 6.33
N PRO B 706 36.47 6.11 7.47
CA PRO B 706 35.13 5.54 7.46
C PRO B 706 34.28 6.25 6.43
N GLY B 707 33.42 5.52 5.72
CA GLY B 707 32.52 6.13 4.76
C GLY B 707 33.08 6.17 3.36
N SER B 708 34.35 5.80 3.22
CA SER B 708 35.01 5.85 1.92
C SER B 708 34.49 4.75 1.00
N ASP B 709 34.29 5.10 -0.27
CA ASP B 709 33.81 4.16 -1.26
C ASP B 709 34.08 4.69 -2.67
N TRP B 710 33.53 4.02 -3.66
CA TRP B 710 33.85 4.31 -5.05
C TRP B 710 33.78 5.80 -5.40
N ARG B 711 32.87 6.52 -4.75
CA ARG B 711 32.72 7.95 -5.02
C ARG B 711 33.99 8.73 -4.70
N ASP B 712 34.91 8.10 -3.97
CA ASP B 712 36.17 8.71 -3.58
C ASP B 712 37.34 8.38 -4.52
N LEU B 713 37.07 7.56 -5.53
CA LEU B 713 38.07 7.20 -6.52
C LEU B 713 38.57 8.43 -7.29
N PRO B 714 39.88 8.48 -7.57
CA PRO B 714 40.45 9.52 -8.45
C PRO B 714 40.28 9.14 -9.91
N ASN B 715 40.15 10.10 -10.82
CA ASN B 715 40.04 9.73 -12.24
C ASN B 715 41.39 9.93 -12.88
N ILE B 716 42.08 8.81 -13.06
CA ILE B 716 43.46 8.80 -13.46
C ILE B 716 43.67 7.52 -14.21
N GLN B 717 44.78 7.45 -14.92
CA GLN B 717 45.16 6.25 -15.63
C GLN B 717 46.09 5.45 -14.73
N VAL B 718 45.97 4.12 -14.77
CA VAL B 718 46.82 3.27 -13.96
C VAL B 718 47.43 2.14 -14.76
N ARG B 719 48.75 2.13 -14.85
CA ARG B 719 49.46 1.07 -15.56
C ARG B 719 49.56 -0.16 -14.69
N LEU B 720 48.96 -1.25 -15.17
CA LEU B 720 48.88 -2.48 -14.41
C LEU B 720 50.10 -3.35 -14.68
N GLY B 721 50.03 -4.61 -14.25
CA GLY B 721 51.03 -5.59 -14.62
C GLY B 721 51.16 -5.62 -16.14
N ASP B 722 52.36 -5.92 -16.63
CA ASP B 722 52.64 -5.90 -18.06
C ASP B 722 52.36 -4.52 -18.68
N GLY B 723 51.67 -4.52 -19.82
CA GLY B 723 51.39 -3.29 -20.53
C GLY B 723 49.98 -2.77 -20.36
N VAL B 724 49.11 -3.58 -19.73
CA VAL B 724 47.70 -3.21 -19.59
C VAL B 724 47.51 -1.90 -18.81
N ILE B 725 46.44 -1.18 -19.11
CA ILE B 725 46.24 0.16 -18.58
C ILE B 725 44.79 0.42 -18.15
N ALA B 726 44.58 0.93 -16.93
CA ALA B 726 43.24 1.35 -16.49
C ALA B 726 42.96 2.78 -16.92
N HIS B 727 41.97 2.94 -17.78
CA HIS B 727 41.71 4.19 -18.46
C HIS B 727 40.96 5.20 -17.61
N LYS B 728 41.11 6.48 -17.94
CA LYS B 728 40.27 7.53 -17.35
C LYS B 728 38.84 7.39 -17.84
N LEU B 729 37.89 7.79 -17.00
CA LEU B 729 36.50 7.83 -17.41
C LEU B 729 36.25 9.17 -18.12
N GLN B 730 35.52 9.10 -19.23
CA GLN B 730 35.31 10.26 -20.08
C GLN B 730 33.91 10.86 -19.87
N TYR B 731 33.82 12.14 -19.51
CA TYR B 731 32.48 12.72 -19.33
C TYR B 731 32.09 13.58 -20.52
N THR B 732 31.32 12.99 -21.43
CA THR B 732 30.85 13.66 -22.63
C THR B 732 29.36 14.02 -22.73
N PHE B 733 28.57 13.67 -21.72
CA PHE B 733 27.14 13.97 -21.74
C PHE B 733 26.76 14.89 -20.59
N HIS B 734 25.74 15.72 -20.82
CA HIS B 734 25.19 16.54 -19.75
C HIS B 734 24.34 15.67 -18.86
N ASP B 735 24.52 15.77 -17.56
CA ASP B 735 23.56 15.19 -16.65
C ASP B 735 22.58 16.33 -16.33
N VAL B 736 21.36 16.22 -16.83
CA VAL B 736 20.42 17.31 -16.68
C VAL B 736 19.95 17.46 -15.24
N LYS B 737 20.10 16.40 -14.46
CA LYS B 737 19.77 16.40 -13.04
C LYS B 737 20.88 16.95 -12.16
N ASN B 738 22.11 16.52 -12.43
CA ASN B 738 23.24 16.81 -11.52
C ASN B 738 24.04 18.06 -11.87
N GLY B 739 23.77 18.63 -13.04
CA GLY B 739 24.41 19.87 -13.45
C GLY B 739 25.89 19.77 -13.79
N TYR B 740 26.60 20.86 -13.56
CA TYR B 740 28.01 20.99 -13.90
C TYR B 740 28.82 20.98 -12.63
N SER B 741 30.06 20.48 -12.70
CA SER B 741 30.96 20.54 -11.56
C SER B 741 31.50 21.96 -11.38
N SER B 742 32.26 22.17 -10.31
CA SER B 742 32.83 23.49 -10.03
C SER B 742 33.88 23.87 -11.06
N THR B 743 34.38 22.90 -11.80
CA THR B 743 35.41 23.14 -12.81
C THR B 743 34.75 23.42 -14.16
N GLY B 744 33.43 23.32 -14.19
CA GLY B 744 32.69 23.52 -15.42
C GLY B 744 32.49 22.24 -16.23
N ALA B 745 33.02 21.13 -15.75
CA ALA B 745 32.96 19.88 -16.50
C ALA B 745 31.56 19.27 -16.50
N LEU B 746 31.29 18.44 -17.50
CA LEU B 746 30.06 17.68 -17.57
C LEU B 746 30.09 16.52 -16.58
N ARG B 747 28.93 16.14 -16.07
CA ARG B 747 28.81 14.96 -15.22
C ARG B 747 28.22 13.66 -15.79
N GLY B 748 27.73 13.68 -17.03
CA GLY B 748 27.12 12.47 -17.61
C GLY B 748 28.07 11.51 -18.29
N VAL B 749 27.86 10.21 -18.11
CA VAL B 749 28.59 9.20 -18.88
C VAL B 749 27.82 8.47 -19.99
N CYS B 750 26.55 8.78 -20.14
CA CYS B 750 25.73 8.16 -21.18
C CYS B 750 24.67 9.15 -21.64
N SER B 751 24.10 8.91 -22.81
CA SER B 751 23.10 9.81 -23.36
C SER B 751 21.80 9.80 -22.54
N CYS B 752 21.60 8.73 -21.76
CA CYS B 752 20.41 8.66 -20.92
C CYS B 752 20.45 9.76 -19.85
N ALA B 753 21.64 10.25 -19.54
CA ALA B 753 21.77 11.32 -18.57
C ALA B 753 21.14 12.61 -19.10
N GLU B 754 20.92 12.64 -20.41
CA GLU B 754 20.28 13.79 -21.03
C GLU B 754 18.78 13.60 -21.26
N GLY B 755 18.25 12.47 -20.80
CA GLY B 755 16.86 12.14 -21.03
C GLY B 755 16.66 11.30 -22.28
N LYS B 756 17.74 11.06 -23.02
CA LYS B 756 17.68 10.23 -24.22
C LYS B 756 17.63 8.75 -23.87
N ALA B 757 17.55 7.91 -24.90
CA ALA B 757 17.74 6.48 -24.72
C ALA B 757 19.23 6.17 -24.74
N CYS B 758 19.63 5.17 -23.96
CA CYS B 758 21.04 4.80 -23.88
C CYS B 758 21.64 4.57 -25.25
N ASP B 759 22.85 5.08 -25.45
CA ASP B 759 23.59 4.79 -26.64
C ASP B 759 24.57 3.68 -26.32
N PRO B 760 24.30 2.46 -26.81
CA PRO B 760 25.32 1.44 -26.69
C PRO B 760 26.57 2.01 -27.35
N GLU B 761 27.75 1.70 -26.83
CA GLU B 761 28.98 2.34 -27.31
C GLU B 761 29.26 3.63 -26.55
N SER B 762 28.29 4.07 -25.76
CA SER B 762 28.57 5.12 -24.79
C SER B 762 29.27 4.43 -23.64
N ARG B 763 29.12 3.11 -23.59
CA ARG B 763 29.72 2.28 -22.56
C ARG B 763 31.25 2.30 -22.64
N GLN B 764 31.90 2.61 -21.51
CA GLN B 764 33.36 2.63 -21.46
C GLN B 764 33.89 1.42 -20.69
N PHE B 765 35.08 0.97 -21.05
CA PHE B 765 35.62 -0.28 -20.49
C PHE B 765 36.88 -0.13 -19.67
N SER B 766 37.05 -1.01 -18.70
CA SER B 766 38.30 -1.12 -17.94
C SER B 766 38.77 0.24 -17.42
N THR B 767 37.84 0.97 -16.82
CA THR B 767 38.08 2.34 -16.36
C THR B 767 38.09 2.39 -14.82
N LEU B 768 39.02 3.12 -14.23
CA LEU B 768 39.20 3.06 -12.77
C LEU B 768 37.89 3.31 -12.02
N ILE B 769 37.24 4.42 -12.31
CA ILE B 769 35.89 4.65 -11.80
C ILE B 769 34.91 3.84 -12.65
N PRO B 770 34.24 2.87 -12.02
CA PRO B 770 33.37 1.99 -12.82
C PRO B 770 32.30 2.79 -13.54
N TRP B 771 32.23 2.60 -14.85
CA TRP B 771 31.31 3.33 -15.68
C TRP B 771 29.84 3.21 -15.21
N CYS B 772 29.43 1.99 -14.85
CA CYS B 772 28.04 1.71 -14.52
C CYS B 772 27.47 2.47 -13.31
N LEU B 773 28.36 2.86 -12.40
CA LEU B 773 27.95 3.56 -11.19
C LEU B 773 27.48 4.99 -11.44
N PRO B 774 28.29 5.80 -12.13
CA PRO B 774 27.73 7.11 -12.50
C PRO B 774 26.62 6.88 -13.49
N HIS B 775 26.70 5.77 -14.23
CA HIS B 775 25.64 5.44 -15.15
C HIS B 775 24.24 5.51 -14.50
N THR B 776 23.95 4.58 -13.58
CA THR B 776 22.62 4.55 -12.94
C THR B 776 22.51 5.18 -11.54
N GLY B 777 23.57 5.81 -11.09
CA GLY B 777 23.65 6.32 -9.73
C GLY B 777 22.49 7.15 -9.22
N ASN B 778 21.93 7.99 -10.08
CA ASN B 778 20.86 8.88 -9.63
C ASN B 778 19.65 8.14 -9.08
N ARG B 779 19.33 6.98 -9.64
CA ARG B 779 18.19 6.22 -9.13
C ARG B 779 18.55 5.09 -8.15
N HIS B 780 19.84 4.88 -7.93
CA HIS B 780 20.37 3.93 -6.93
C HIS B 780 20.94 4.48 -5.62
N ASN B 781 20.71 5.77 -5.35
CA ASN B 781 21.29 6.46 -4.20
C ASN B 781 22.80 6.53 -4.34
N HIS B 782 23.23 6.83 -5.56
CA HIS B 782 24.64 6.99 -5.89
C HIS B 782 25.46 5.76 -5.49
N TRP B 783 24.80 4.59 -5.50
CA TRP B 783 25.47 3.34 -5.20
C TRP B 783 26.38 3.48 -3.99
N ALA B 784 25.82 4.02 -2.92
CA ALA B 784 26.56 4.19 -1.68
C ALA B 784 27.05 2.82 -1.21
N GLY B 785 28.29 2.76 -0.76
CA GLY B 785 28.82 1.53 -0.18
C GLY B 785 29.60 0.63 -1.13
N LEU B 786 29.42 0.80 -2.44
CA LEU B 786 30.18 -0.01 -3.39
C LEU B 786 31.65 0.36 -3.38
N TYR B 787 32.51 -0.66 -3.34
CA TYR B 787 33.93 -0.50 -3.06
C TYR B 787 34.10 0.27 -1.77
N GLY B 788 33.20 0.01 -0.82
CA GLY B 788 33.25 0.68 0.46
C GLY B 788 34.06 -0.07 1.50
N ARG B 789 34.66 0.70 2.41
CA ARG B 789 35.46 0.15 3.49
C ARG B 789 34.62 -0.03 4.75
N LEU B 790 34.94 -1.08 5.49
CA LEU B 790 34.48 -1.24 6.88
C LEU B 790 35.27 -0.27 7.73
N GLU B 791 34.76 0.09 8.91
CA GLU B 791 35.56 0.86 9.85
C GLU B 791 35.72 0.12 11.18
N TRP B 792 36.86 0.31 11.84
CA TRP B 792 37.14 -0.36 13.11
C TRP B 792 36.05 -0.13 14.18
N ASP B 793 35.52 1.08 14.28
CA ASP B 793 34.53 1.39 15.29
C ASP B 793 33.13 0.96 14.88
N GLY B 794 32.99 0.61 13.61
CA GLY B 794 31.68 0.34 13.05
C GLY B 794 31.28 -1.12 13.03
N PHE B 795 30.37 -1.46 12.12
CA PHE B 795 29.93 -2.83 11.96
C PHE B 795 29.82 -3.22 10.48
N PHE B 796 29.70 -4.51 10.24
CA PHE B 796 29.51 -5.08 8.91
C PHE B 796 28.10 -4.79 8.40
N SER B 797 27.97 -4.52 7.11
CA SER B 797 26.66 -4.60 6.46
C SER B 797 26.33 -6.08 6.31
N THR B 798 25.06 -6.41 6.05
CA THR B 798 24.65 -7.81 6.05
C THR B 798 25.60 -8.64 5.23
N THR B 799 26.13 -9.69 5.85
CA THR B 799 27.10 -10.54 5.19
C THR B 799 26.37 -11.49 4.29
N VAL B 800 26.64 -11.39 2.99
CA VAL B 800 25.94 -12.20 1.99
C VAL B 800 26.83 -13.33 1.44
N THR B 801 26.31 -14.06 0.46
CA THR B 801 26.94 -15.31 0.05
C THR B 801 28.18 -15.12 -0.83
N ASN B 802 28.26 -13.97 -1.48
CA ASN B 802 29.43 -13.61 -2.29
C ASN B 802 29.88 -12.14 -2.18
N PRO B 803 30.94 -11.88 -1.39
CA PRO B 803 31.45 -10.53 -1.12
C PRO B 803 32.04 -9.84 -2.37
N GLU B 804 31.17 -9.21 -3.15
CA GLU B 804 31.54 -8.45 -4.35
C GLU B 804 31.41 -6.94 -4.17
N PRO B 805 32.49 -6.21 -4.45
CA PRO B 805 32.53 -4.76 -4.22
C PRO B 805 31.61 -3.95 -5.14
N MET B 806 31.28 -4.48 -6.32
CA MET B 806 30.33 -3.84 -7.22
C MET B 806 28.91 -4.40 -7.06
N GLY B 807 28.71 -5.21 -6.01
CA GLY B 807 27.39 -5.72 -5.70
C GLY B 807 26.52 -4.73 -4.93
N LYS B 808 25.23 -5.03 -4.84
CA LYS B 808 24.28 -4.17 -4.16
C LYS B 808 24.68 -3.94 -2.70
N GLN B 809 25.13 -4.99 -2.02
CA GLN B 809 25.68 -4.78 -0.69
C GLN B 809 27.18 -4.81 -0.91
N GLY B 810 27.75 -3.62 -0.98
CA GLY B 810 29.08 -3.48 -1.52
C GLY B 810 30.24 -3.12 -0.62
N ARG B 811 30.05 -2.85 0.67
CA ARG B 811 31.23 -2.41 1.40
C ARG B 811 31.81 -3.64 2.09
N VAL B 812 32.67 -4.28 1.30
CA VAL B 812 33.38 -5.51 1.64
C VAL B 812 34.89 -5.32 1.80
N LEU B 813 35.36 -4.08 1.70
CA LEU B 813 36.80 -3.82 1.81
C LEU B 813 37.24 -3.88 3.25
N HIS B 814 38.47 -4.34 3.45
CA HIS B 814 39.07 -4.30 4.76
C HIS B 814 39.22 -2.83 5.13
N PRO B 815 39.20 -2.52 6.42
CA PRO B 815 39.35 -1.12 6.89
C PRO B 815 40.71 -0.53 6.51
N GLU B 816 41.70 -1.39 6.34
CA GLU B 816 43.08 -0.94 6.15
C GLU B 816 43.75 -1.55 4.91
N GLN B 817 43.76 -2.87 4.85
CA GLN B 817 44.38 -3.59 3.74
C GLN B 817 43.56 -3.41 2.47
N HIS B 818 44.18 -3.56 1.29
CA HIS B 818 43.43 -3.37 0.07
C HIS B 818 43.06 -4.72 -0.48
N ARG B 819 41.82 -5.13 -0.19
CA ARG B 819 41.35 -6.47 -0.47
C ARG B 819 39.95 -6.60 0.10
N VAL B 820 39.20 -7.62 -0.31
CA VAL B 820 37.91 -7.82 0.31
C VAL B 820 38.06 -8.70 1.55
N VAL B 821 36.97 -8.87 2.28
CA VAL B 821 37.03 -9.57 3.54
C VAL B 821 37.25 -11.05 3.30
N SER B 822 38.08 -11.66 4.15
CA SER B 822 38.40 -13.08 4.05
C SER B 822 37.26 -13.94 4.53
N VAL B 823 37.28 -15.21 4.13
CA VAL B 823 36.28 -16.15 4.62
C VAL B 823 36.22 -16.09 6.15
N ARG B 824 37.37 -16.11 6.80
CA ARG B 824 37.41 -16.06 8.25
C ARG B 824 36.77 -14.79 8.82
N GLU B 825 37.00 -13.66 8.18
CA GLU B 825 36.41 -12.41 8.65
C GLU B 825 34.89 -12.45 8.54
N CYS B 826 34.39 -12.91 7.39
CA CYS B 826 32.96 -13.13 7.23
C CYS B 826 32.38 -14.09 8.29
N ALA B 827 33.12 -15.15 8.62
CA ALA B 827 32.67 -16.11 9.64
C ALA B 827 32.64 -15.45 11.02
N ARG B 828 33.61 -14.57 11.25
CA ARG B 828 33.66 -13.78 12.47
C ARG B 828 32.44 -12.87 12.57
N SER B 829 32.10 -12.21 11.46
CA SER B 829 30.95 -11.29 11.43
C SER B 829 29.64 -12.01 11.72
N GLN B 830 29.62 -13.32 11.44
CA GLN B 830 28.45 -14.15 11.69
C GLN B 830 28.52 -14.86 13.03
N GLY B 831 29.58 -14.62 13.78
CA GLY B 831 29.73 -15.22 15.10
C GLY B 831 30.01 -16.73 15.13
N PHE B 832 30.67 -17.26 14.10
CA PHE B 832 31.13 -18.66 14.13
C PHE B 832 32.39 -18.79 14.99
N PRO B 833 32.45 -19.84 15.81
CA PRO B 833 33.74 -20.16 16.44
C PRO B 833 34.79 -20.41 15.36
N ASP B 834 36.04 -20.06 15.64
CA ASP B 834 37.09 -20.29 14.67
C ASP B 834 37.24 -21.78 14.37
N SER B 835 36.77 -22.60 15.29
CA SER B 835 36.90 -24.04 15.11
C SER B 835 35.85 -24.63 14.18
N TYR B 836 34.81 -23.86 13.86
CA TYR B 836 33.75 -24.39 13.00
C TYR B 836 34.29 -24.64 11.60
N ARG B 837 34.02 -25.83 11.05
CA ARG B 837 34.61 -26.22 9.76
C ARG B 837 33.74 -25.86 8.56
N PHE B 838 34.35 -25.36 7.49
CA PHE B 838 33.64 -25.19 6.22
C PHE B 838 34.22 -26.12 5.16
N PHE B 839 33.64 -26.13 3.98
CA PHE B 839 34.04 -27.10 2.96
C PHE B 839 33.96 -26.56 1.55
N GLY B 840 34.93 -26.96 0.73
CA GLY B 840 34.91 -26.63 -0.69
C GLY B 840 35.84 -25.49 -1.04
N ASN B 841 35.66 -24.91 -2.23
CA ASN B 841 36.46 -23.77 -2.68
C ASN B 841 36.09 -22.49 -1.92
N ILE B 842 36.77 -21.39 -2.22
CA ILE B 842 36.59 -20.16 -1.47
C ILE B 842 35.18 -19.56 -1.65
N LEU B 843 34.67 -19.59 -2.87
CA LEU B 843 33.31 -19.19 -3.15
C LEU B 843 32.30 -20.06 -2.39
N ASP B 844 32.57 -21.37 -2.34
CA ASP B 844 31.71 -22.30 -1.60
C ASP B 844 31.62 -21.90 -0.13
N ARG B 845 32.76 -21.65 0.49
CA ARG B 845 32.72 -21.43 1.93
C ARG B 845 32.20 -20.03 2.26
N HIS B 846 32.51 -19.06 1.41
CA HIS B 846 31.86 -17.76 1.47
C HIS B 846 30.33 -17.91 1.50
N ARG B 847 29.80 -18.76 0.61
CA ARG B 847 28.35 -18.96 0.54
C ARG B 847 27.80 -19.70 1.77
N GLN B 848 28.54 -20.67 2.29
CA GLN B 848 28.15 -21.33 3.53
C GLN B 848 28.00 -20.31 4.64
N VAL B 849 29.01 -19.45 4.76
CA VAL B 849 29.05 -18.42 5.78
C VAL B 849 27.89 -17.41 5.62
N GLY B 850 27.76 -16.87 4.42
CA GLY B 850 26.71 -15.91 4.11
C GLY B 850 25.28 -16.42 4.27
N ASN B 851 25.06 -17.71 4.01
CA ASN B 851 23.71 -18.27 4.11
C ASN B 851 23.25 -18.51 5.55
N ALA B 852 24.21 -18.60 6.47
CA ALA B 852 23.93 -19.11 7.80
C ALA B 852 23.21 -18.12 8.72
N VAL B 853 22.42 -18.68 9.63
CA VAL B 853 21.94 -17.93 10.79
C VAL B 853 23.09 -17.78 11.80
N PRO B 854 23.42 -16.54 12.17
CA PRO B 854 24.52 -16.35 13.14
C PRO B 854 24.26 -17.17 14.39
N PRO B 855 25.25 -17.97 14.81
CA PRO B 855 25.02 -18.76 16.03
C PRO B 855 24.64 -17.96 17.29
N PRO B 856 25.17 -16.74 17.47
CA PRO B 856 24.72 -16.05 18.69
C PRO B 856 23.20 -15.82 18.72
N LEU B 857 22.63 -15.52 17.57
CA LEU B 857 21.20 -15.29 17.44
C LEU B 857 20.45 -16.59 17.70
N ALA B 858 20.89 -17.64 17.01
CA ALA B 858 20.31 -18.96 17.20
C ALA B 858 20.35 -19.38 18.66
N LYS B 859 21.49 -19.14 19.30
CA LYS B 859 21.61 -19.39 20.72
C LYS B 859 20.55 -18.63 21.48
N ALA B 860 20.50 -17.32 21.28
CA ALA B 860 19.52 -16.51 22.01
C ALA B 860 18.12 -17.09 21.89
N ILE B 861 17.73 -17.51 20.69
CA ILE B 861 16.39 -18.07 20.51
C ILE B 861 16.24 -19.39 21.29
N GLY B 862 17.26 -20.25 21.15
CA GLY B 862 17.29 -21.52 21.83
C GLY B 862 17.12 -21.40 23.34
N LEU B 863 17.71 -20.36 23.95
CA LEU B 863 17.58 -20.17 25.39
C LEU B 863 16.12 -19.94 25.81
N GLU B 864 15.35 -19.27 24.95
CA GLU B 864 13.94 -19.04 25.23
C GLU B 864 13.18 -20.37 25.10
N ILE B 865 13.54 -21.14 24.08
CA ILE B 865 12.97 -22.47 23.99
C ILE B 865 13.30 -23.31 25.24
N LYS B 866 14.50 -23.13 25.76
CA LYS B 866 14.93 -23.86 26.94
C LYS B 866 14.02 -23.47 28.10
N LEU B 867 13.79 -22.17 28.24
CA LEU B 867 12.85 -21.69 29.25
C LEU B 867 11.54 -22.45 29.15
N CYS B 868 11.06 -22.66 27.94
CA CYS B 868 9.82 -23.43 27.80
C CYS B 868 9.96 -24.88 28.27
N LEU B 869 11.14 -25.47 28.05
CA LEU B 869 11.34 -26.86 28.50
C LEU B 869 11.21 -27.01 30.02
N LEU B 870 11.73 -26.04 30.77
CA LEU B 870 11.47 -25.99 32.20
C LEU B 870 10.05 -25.46 32.40
N SER B 871 9.38 -25.90 33.47
CA SER B 871 7.99 -25.53 33.69
C SER B 871 7.10 -25.96 32.53
#